data_3W4J
#
_entry.id   3W4J
#
_cell.length_a   149.249
_cell.length_b   182.325
_cell.length_c   50.675
_cell.angle_alpha   90.000
_cell.angle_beta   90.000
_cell.angle_gamma   90.000
#
_symmetry.space_group_name_H-M   'P 21 21 2'
#
loop_
_entity.id
_entity.type
_entity.pdbx_description
1 polymer 'D-amino-acid oxidase'
2 non-polymer 'FLAVIN-ADENINE DINUCLEOTIDE'
3 non-polymer 3-hydroxy-5-(2-phenylethyl)pyridin-2(1H)-one
#
_entity_poly.entity_id   1
_entity_poly.type   'polypeptide(L)'
_entity_poly.pdbx_seq_one_letter_code
;MRVVVIGAGVIGLSTALCIHERYHSVLQPLDIKVYADRFTPLTTTDVAAGLWQPYLSDPNNPQEADWSQQTFDYLLSHVH
SPNAENLGLFLISGYNLFHEAIPDPSWKDTVLGFRKLTPRELDMFPDYGYGWFHTSLILEGKNYLQWLTERLTERGVKFF
QRKVESFEEVAREGADVIVNCTGVWAGALQRDPLLQPGRGQIMKVDAPWMKHFILTHDPERGIYNSPYIIPGTQTVTLGG
IFQLGNWSELNNIQDHNTIWEGCCRLEPTLKNARIIGERTGFRPVRPQIRLEREQLRTGPSNTEVIHNYGHGGYGLTIHW
GCALEAAKLFGRILEEKKLSRMPPSHL
;
_entity_poly.pdbx_strand_id   A,B,C,D
#
loop_
_chem_comp.id
_chem_comp.type
_chem_comp.name
_chem_comp.formula
2LD non-polymer 3-hydroxy-5-(2-phenylethyl)pyridin-2(1H)-one 'C13 H13 N O2'
FAD non-polymer 'FLAVIN-ADENINE DINUCLEOTIDE' 'C27 H33 N9 O15 P2'
#
# COMPACT_ATOMS: atom_id res chain seq x y z
N MET A 1 37.76 -30.10 -0.15
CA MET A 1 36.72 -30.48 -1.18
C MET A 1 35.96 -29.22 -1.51
N ARG A 2 36.30 -28.60 -2.64
CA ARG A 2 35.72 -27.29 -2.98
C ARG A 2 34.65 -27.49 -4.06
N VAL A 3 33.43 -27.00 -3.78
CA VAL A 3 32.25 -27.25 -4.63
C VAL A 3 31.84 -25.94 -5.16
N VAL A 4 31.64 -25.83 -6.47
CA VAL A 4 31.17 -24.56 -7.08
C VAL A 4 29.83 -24.72 -7.82
N VAL A 5 28.84 -24.03 -7.31
CA VAL A 5 27.57 -24.01 -7.99
C VAL A 5 27.51 -22.85 -8.99
N ILE A 6 27.19 -23.17 -10.26
CA ILE A 6 27.00 -22.06 -11.23
C ILE A 6 25.56 -21.68 -11.39
N GLY A 7 25.26 -20.46 -10.98
CA GLY A 7 23.94 -19.90 -11.21
C GLY A 7 23.08 -19.79 -9.96
N ALA A 8 22.31 -18.69 -9.85
CA ALA A 8 21.71 -18.26 -8.55
C ALA A 8 20.21 -18.01 -8.60
N GLY A 9 19.54 -18.68 -9.52
CA GLY A 9 18.12 -18.77 -9.49
C GLY A 9 17.72 -19.89 -8.54
N VAL A 10 16.55 -20.42 -8.77
CA VAL A 10 16.03 -21.24 -7.77
C VAL A 10 16.81 -22.52 -7.83
N ILE A 11 17.29 -22.87 -8.99
CA ILE A 11 17.82 -24.24 -9.06
C ILE A 11 19.16 -24.35 -8.34
N GLY A 12 20.03 -23.36 -8.55
CA GLY A 12 21.29 -23.27 -7.90
C GLY A 12 21.15 -23.11 -6.40
N LEU A 13 20.59 -21.95 -6.01
CA LEU A 13 20.39 -21.64 -4.58
C LEU A 13 19.75 -22.84 -3.90
N SER A 14 18.77 -23.48 -4.49
CA SER A 14 18.16 -24.60 -3.72
C SER A 14 19.14 -25.77 -3.62
N THR A 15 19.76 -26.14 -4.73
CA THR A 15 20.75 -27.15 -4.76
C THR A 15 21.91 -26.81 -3.83
N ALA A 16 22.40 -25.57 -3.82
CA ALA A 16 23.52 -25.26 -2.95
C ALA A 16 23.19 -25.58 -1.51
N LEU A 17 22.00 -25.17 -1.06
CA LEU A 17 21.57 -25.32 0.34
C LEU A 17 21.30 -26.75 0.70
N CYS A 18 20.74 -27.48 -0.25
CA CYS A 18 20.28 -28.82 0.07
C CYS A 18 21.52 -29.67 0.14
N ILE A 19 22.61 -29.16 -0.46
CA ILE A 19 23.82 -29.93 -0.56
C ILE A 19 24.63 -29.69 0.70
N HIS A 20 24.72 -28.42 1.07
CA HIS A 20 25.28 -28.00 2.34
C HIS A 20 24.70 -28.75 3.52
N GLU A 21 23.38 -28.69 3.67
CA GLU A 21 22.77 -29.21 4.87
C GLU A 21 22.87 -30.73 4.94
N ARG A 22 23.07 -31.39 3.81
CA ARG A 22 23.10 -32.84 3.80
C ARG A 22 24.53 -33.34 3.92
N TYR A 23 25.50 -32.48 3.68
CA TYR A 23 26.85 -32.97 3.72
C TYR A 23 27.84 -32.09 4.46
N HIS A 24 27.40 -31.08 5.21
CA HIS A 24 28.37 -30.24 5.91
C HIS A 24 29.02 -30.92 7.13
N SER A 25 28.25 -31.77 7.81
CA SER A 25 28.73 -32.60 8.92
C SER A 25 29.58 -33.85 8.49
N VAL A 26 29.53 -34.22 7.20
CA VAL A 26 30.29 -35.38 6.69
C VAL A 26 31.22 -34.95 5.58
N LEU A 27 32.04 -33.94 5.83
CA LEU A 27 33.11 -33.57 4.90
C LEU A 27 33.77 -32.46 5.66
N GLN A 28 35.08 -32.54 5.91
CA GLN A 28 35.58 -31.43 6.71
C GLN A 28 35.84 -30.17 5.88
N PRO A 29 36.86 -30.20 5.00
CA PRO A 29 36.81 -28.96 4.21
C PRO A 29 35.73 -29.11 3.12
N LEU A 30 34.46 -28.76 3.46
CA LEU A 30 33.38 -28.62 2.47
C LEU A 30 33.15 -27.15 2.06
N ASP A 31 33.86 -26.65 1.06
CA ASP A 31 33.71 -25.24 0.69
C ASP A 31 32.75 -25.08 -0.47
N ILE A 32 31.63 -24.37 -0.20
CA ILE A 32 30.64 -24.07 -1.23
C ILE A 32 30.63 -22.61 -1.63
N LYS A 33 30.59 -22.43 -2.94
CA LYS A 33 30.59 -21.11 -3.56
C LYS A 33 29.62 -21.04 -4.75
N VAL A 34 28.98 -19.90 -4.86
CA VAL A 34 28.02 -19.67 -5.90
C VAL A 34 28.58 -18.63 -6.83
N TYR A 35 28.75 -19.01 -8.08
CA TYR A 35 29.09 -18.06 -9.10
C TYR A 35 27.88 -17.89 -9.98
N ALA A 36 27.57 -16.63 -10.16
CA ALA A 36 26.48 -16.25 -11.00
C ALA A 36 26.58 -14.85 -11.62
N ASP A 37 26.27 -14.80 -12.90
CA ASP A 37 26.17 -13.55 -13.65
C ASP A 37 25.07 -12.59 -13.18
N ARG A 38 23.85 -13.07 -12.97
CA ARG A 38 22.77 -12.21 -12.47
C ARG A 38 22.30 -12.81 -11.10
N PHE A 39 22.00 -11.95 -10.12
CA PHE A 39 21.46 -12.39 -8.84
C PHE A 39 20.10 -11.82 -8.59
N THR A 40 19.45 -12.42 -7.61
CA THR A 40 18.08 -12.24 -7.14
C THR A 40 17.17 -11.11 -7.48
N PRO A 41 17.67 -9.90 -7.76
CA PRO A 41 16.55 -9.19 -8.44
C PRO A 41 16.35 -9.58 -9.91
N LEU A 42 17.40 -10.08 -10.54
CA LEU A 42 17.51 -10.11 -12.01
C LEU A 42 17.48 -11.45 -12.71
N THR A 43 16.77 -12.42 -12.15
CA THR A 43 16.75 -13.76 -12.78
C THR A 43 15.38 -14.19 -13.36
N THR A 44 15.39 -15.21 -14.18
CA THR A 44 14.12 -15.79 -14.58
C THR A 44 13.24 -16.15 -13.37
N THR A 45 13.87 -16.81 -12.38
CA THR A 45 13.23 -17.10 -11.12
C THR A 45 12.44 -15.90 -10.63
N ASP A 46 12.91 -14.67 -10.75
CA ASP A 46 12.19 -13.53 -10.12
C ASP A 46 10.92 -13.16 -10.83
N VAL A 47 10.77 -13.56 -12.11
CA VAL A 47 9.71 -13.15 -12.99
C VAL A 47 8.53 -14.06 -12.82
N ALA A 48 8.83 -15.29 -12.43
CA ALA A 48 7.83 -16.36 -12.21
C ALA A 48 6.81 -16.01 -11.14
N ALA A 49 5.56 -16.33 -11.35
CA ALA A 49 4.64 -16.08 -10.21
C ALA A 49 4.91 -17.02 -9.08
N GLY A 50 5.34 -18.24 -9.35
CA GLY A 50 5.52 -19.16 -8.22
C GLY A 50 4.40 -20.12 -7.91
N LEU A 51 3.42 -20.24 -8.79
CA LEU A 51 2.33 -21.15 -8.53
C LEU A 51 2.89 -22.51 -8.74
N TRP A 52 2.54 -23.45 -7.88
CA TRP A 52 2.92 -24.85 -8.11
C TRP A 52 1.90 -25.64 -8.96
N GLN A 53 2.35 -26.15 -10.08
CA GLN A 53 1.48 -26.96 -10.93
C GLN A 53 2.35 -27.42 -12.10
N PRO A 54 2.62 -28.76 -12.20
CA PRO A 54 3.27 -29.41 -13.36
C PRO A 54 2.46 -29.23 -14.61
N TYR A 55 3.04 -29.60 -15.75
CA TYR A 55 2.25 -29.74 -17.00
C TYR A 55 0.97 -30.65 -16.82
N LEU A 56 -0.06 -30.42 -17.66
CA LEU A 56 -1.29 -31.27 -17.68
C LEU A 56 -0.97 -32.77 -17.97
N SER A 57 -0.02 -33.00 -18.90
CA SER A 57 0.39 -34.32 -19.33
C SER A 57 1.55 -34.89 -18.50
N ASP A 58 1.74 -36.21 -18.60
CA ASP A 58 2.69 -36.97 -17.78
C ASP A 58 4.15 -36.91 -18.25
N PRO A 59 5.12 -36.91 -17.32
CA PRO A 59 6.46 -36.41 -17.69
C PRO A 59 7.17 -37.38 -18.64
N ASN A 60 8.01 -36.88 -19.53
CA ASN A 60 8.80 -37.79 -20.33
C ASN A 60 9.68 -38.67 -19.41
N ASN A 61 10.24 -38.08 -18.35
CA ASN A 61 10.95 -38.83 -17.31
C ASN A 61 10.05 -38.89 -16.08
N PRO A 62 9.47 -40.07 -15.80
CA PRO A 62 8.40 -40.20 -14.78
C PRO A 62 8.87 -39.85 -13.36
N GLN A 63 10.17 -39.89 -13.17
CA GLN A 63 10.82 -39.36 -11.97
C GLN A 63 10.39 -37.93 -11.62
N GLU A 64 10.24 -37.09 -12.63
CA GLU A 64 9.81 -35.71 -12.47
C GLU A 64 8.53 -35.61 -11.61
N ALA A 65 7.52 -36.42 -11.91
CA ALA A 65 6.32 -36.45 -11.06
C ALA A 65 6.68 -36.64 -9.60
N ASP A 66 7.66 -37.46 -9.29
CA ASP A 66 8.08 -37.48 -7.88
C ASP A 66 8.68 -36.22 -7.30
N TRP A 67 9.49 -35.57 -8.10
CA TRP A 67 10.21 -34.41 -7.70
C TRP A 67 9.23 -33.30 -7.39
N SER A 68 8.21 -33.18 -8.25
CA SER A 68 7.09 -32.26 -8.03
C SER A 68 6.37 -32.64 -6.75
N GLN A 69 5.99 -33.92 -6.61
CA GLN A 69 5.20 -34.34 -5.46
C GLN A 69 5.99 -34.06 -4.26
N GLN A 70 7.30 -34.24 -4.37
CA GLN A 70 8.19 -34.01 -3.24
C GLN A 70 8.26 -32.58 -2.83
N THR A 71 8.54 -31.68 -3.75
CA THR A 71 8.65 -30.26 -3.50
C THR A 71 7.36 -29.75 -2.81
N PHE A 72 6.24 -30.11 -3.40
CA PHE A 72 4.95 -29.84 -2.78
C PHE A 72 4.85 -30.24 -1.34
N ASP A 73 5.09 -31.50 -1.02
CA ASP A 73 4.98 -31.90 0.41
C ASP A 73 5.87 -31.06 1.32
N TYR A 74 7.04 -30.77 0.82
CA TYR A 74 7.95 -30.11 1.68
C TYR A 74 7.40 -28.70 1.95
N LEU A 75 6.95 -28.01 0.89
CA LEU A 75 6.49 -26.65 1.04
C LEU A 75 5.23 -26.70 1.90
N LEU A 76 4.41 -27.74 1.72
CA LEU A 76 3.14 -27.85 2.42
C LEU A 76 3.37 -28.11 3.91
N SER A 77 4.53 -28.66 4.24
CA SER A 77 4.78 -28.99 5.64
C SER A 77 5.24 -27.73 6.34
N HIS A 78 5.33 -26.64 5.57
CA HIS A 78 6.03 -25.44 5.97
C HIS A 78 5.15 -24.21 5.78
N VAL A 79 4.01 -24.45 5.13
CA VAL A 79 3.02 -23.41 4.95
C VAL A 79 2.66 -22.72 6.23
N HIS A 80 2.63 -23.46 7.35
CA HIS A 80 2.34 -22.79 8.62
C HIS A 80 3.49 -22.50 9.55
N SER A 81 4.72 -22.82 9.19
CA SER A 81 5.77 -22.35 10.06
C SER A 81 5.56 -20.80 10.09
N PRO A 82 6.24 -20.06 11.00
CA PRO A 82 5.87 -18.61 10.95
C PRO A 82 6.88 -17.79 10.13
N ASN A 83 7.45 -18.42 9.10
CA ASN A 83 8.41 -17.77 8.21
C ASN A 83 7.69 -17.50 6.93
N ALA A 84 6.77 -18.42 6.61
CA ALA A 84 6.21 -18.54 5.29
C ALA A 84 6.20 -17.21 4.51
N GLU A 85 5.67 -16.14 5.15
CA GLU A 85 5.78 -14.73 4.65
C GLU A 85 7.20 -14.40 4.07
N ASN A 86 8.25 -14.46 4.91
CA ASN A 86 9.65 -14.34 4.40
C ASN A 86 9.87 -15.15 3.14
N LEU A 87 9.72 -16.46 3.27
CA LEU A 87 9.55 -17.36 2.12
C LEU A 87 8.74 -16.87 0.93
N GLY A 88 7.57 -16.25 1.13
CA GLY A 88 6.68 -15.90 0.00
C GLY A 88 5.76 -17.08 -0.28
N LEU A 89 5.54 -17.91 0.74
CA LEU A 89 4.91 -19.21 0.61
C LEU A 89 3.49 -19.06 1.11
N PHE A 90 2.51 -19.54 0.38
CA PHE A 90 1.19 -19.49 0.95
C PHE A 90 0.25 -20.29 0.07
N LEU A 91 -0.92 -20.57 0.62
CA LEU A 91 -1.93 -21.43 0.07
C LEU A 91 -2.78 -20.63 -0.88
N ILE A 92 -3.18 -21.15 -2.04
CA ILE A 92 -4.09 -20.41 -2.88
C ILE A 92 -4.96 -21.36 -3.66
N SER A 93 -6.20 -20.96 -3.91
CA SER A 93 -7.16 -21.77 -4.63
C SER A 93 -7.38 -21.09 -5.94
N GLY A 94 -7.93 -21.77 -6.94
CA GLY A 94 -8.16 -21.10 -8.21
C GLY A 94 -8.70 -22.11 -9.18
N TYR A 95 -8.86 -21.67 -10.41
CA TYR A 95 -9.54 -22.36 -11.49
C TYR A 95 -8.58 -22.66 -12.61
N ASN A 96 -8.65 -23.89 -13.12
CA ASN A 96 -8.16 -24.23 -14.45
C ASN A 96 -9.34 -24.30 -15.48
N LEU A 97 -9.21 -23.68 -16.64
CA LEU A 97 -10.37 -23.61 -17.51
C LEU A 97 -9.99 -24.11 -18.92
N PHE A 98 -10.89 -24.94 -19.44
CA PHE A 98 -10.71 -25.61 -20.71
C PHE A 98 -11.95 -25.40 -21.54
N HIS A 99 -11.76 -25.64 -22.83
CA HIS A 99 -12.77 -25.40 -23.83
C HIS A 99 -13.59 -26.69 -23.99
N GLU A 100 -13.04 -27.81 -23.50
CA GLU A 100 -13.65 -29.13 -23.64
C GLU A 100 -13.08 -30.03 -22.53
N ALA A 101 -13.86 -30.98 -22.00
CA ALA A 101 -13.39 -31.94 -20.97
C ALA A 101 -12.04 -32.60 -21.29
N ILE A 102 -11.32 -33.04 -20.26
CA ILE A 102 -9.95 -33.51 -20.43
C ILE A 102 -9.69 -34.43 -19.27
N PRO A 103 -8.79 -35.40 -19.42
CA PRO A 103 -8.56 -36.28 -18.23
C PRO A 103 -8.17 -35.55 -16.93
N ASP A 104 -8.36 -36.16 -15.78
CA ASP A 104 -7.76 -35.60 -14.58
C ASP A 104 -6.25 -35.59 -14.69
N PRO A 105 -5.57 -34.55 -14.14
CA PRO A 105 -4.11 -34.60 -14.18
C PRO A 105 -3.61 -35.60 -13.17
N SER A 106 -2.37 -36.01 -13.36
CA SER A 106 -1.72 -37.03 -12.49
C SER A 106 -1.52 -36.61 -11.05
N TRP A 107 -1.33 -35.31 -10.82
CA TRP A 107 -0.95 -34.76 -9.49
C TRP A 107 -2.19 -34.50 -8.59
N LYS A 108 -3.38 -34.91 -9.07
CA LYS A 108 -4.62 -34.42 -8.54
C LYS A 108 -4.77 -34.72 -7.11
N ASP A 109 -4.08 -35.71 -6.60
CA ASP A 109 -4.15 -36.01 -5.20
C ASP A 109 -2.98 -35.46 -4.44
N THR A 110 -2.10 -34.77 -5.15
CA THR A 110 -1.08 -34.00 -4.47
C THR A 110 -1.72 -32.70 -3.96
N VAL A 111 -2.30 -31.92 -4.86
CA VAL A 111 -3.03 -30.70 -4.51
C VAL A 111 -4.16 -31.04 -3.55
N LEU A 112 -4.53 -30.06 -2.71
CA LEU A 112 -5.64 -30.11 -1.80
C LEU A 112 -6.98 -29.80 -2.46
N GLY A 113 -7.99 -30.55 -2.02
CA GLY A 113 -9.32 -30.57 -2.55
C GLY A 113 -9.54 -30.54 -4.05
N PHE A 114 -8.77 -31.30 -4.83
CA PHE A 114 -9.04 -31.30 -6.31
C PHE A 114 -10.50 -31.60 -6.67
N ARG A 115 -11.04 -31.06 -7.76
CA ARG A 115 -12.47 -31.32 -8.06
C ARG A 115 -12.84 -30.62 -9.36
N LYS A 116 -14.07 -30.77 -9.81
CA LYS A 116 -14.41 -30.20 -11.11
C LYS A 116 -15.30 -29.01 -10.97
N LEU A 117 -15.29 -28.13 -11.96
CA LEU A 117 -16.12 -26.95 -11.87
C LEU A 117 -17.59 -27.34 -11.92
N THR A 118 -18.42 -26.65 -11.13
CA THR A 118 -19.84 -26.95 -11.10
C THR A 118 -20.41 -25.94 -12.06
N PRO A 119 -21.57 -26.21 -12.65
CA PRO A 119 -21.89 -25.24 -13.70
C PRO A 119 -21.97 -23.80 -13.21
N ARG A 120 -22.13 -23.62 -11.89
CA ARG A 120 -22.29 -22.22 -11.39
C ARG A 120 -20.97 -21.44 -11.61
N GLU A 121 -19.91 -22.01 -11.08
CA GLU A 121 -18.59 -21.52 -11.25
C GLU A 121 -18.35 -21.24 -12.73
N LEU A 122 -18.75 -22.18 -13.63
CA LEU A 122 -18.52 -21.99 -15.06
C LEU A 122 -19.19 -20.77 -15.72
N ASP A 123 -20.36 -20.40 -15.19
CA ASP A 123 -21.09 -19.31 -15.80
C ASP A 123 -20.40 -17.98 -15.81
N MET A 124 -19.65 -17.66 -14.73
CA MET A 124 -18.66 -16.61 -14.66
C MET A 124 -17.59 -16.72 -15.72
N PHE A 125 -17.57 -17.79 -16.50
CA PHE A 125 -16.65 -17.76 -17.65
C PHE A 125 -17.28 -18.13 -19.04
N PRO A 126 -18.09 -17.19 -19.62
CA PRO A 126 -18.72 -17.41 -20.92
C PRO A 126 -17.85 -18.30 -21.80
N ASP A 127 -16.58 -17.90 -22.01
CA ASP A 127 -15.71 -18.53 -23.04
C ASP A 127 -15.25 -19.91 -22.74
N TYR A 128 -15.51 -20.52 -21.60
CA TYR A 128 -14.81 -21.80 -21.28
C TYR A 128 -15.89 -22.75 -20.87
N GLY A 129 -15.72 -24.02 -21.15
CA GLY A 129 -16.87 -24.91 -21.03
C GLY A 129 -16.65 -26.09 -20.12
N TYR A 130 -15.41 -26.31 -19.69
CA TYR A 130 -15.14 -27.26 -18.60
C TYR A 130 -13.91 -26.78 -17.74
N GLY A 131 -13.68 -27.42 -16.60
CA GLY A 131 -12.55 -27.06 -15.76
C GLY A 131 -12.38 -27.66 -14.37
N TRP A 132 -11.21 -27.35 -13.75
CA TRP A 132 -10.94 -27.81 -12.37
C TRP A 132 -10.98 -26.63 -11.42
N PHE A 133 -11.01 -26.96 -10.14
CA PHE A 133 -10.83 -26.03 -9.06
C PHE A 133 -10.13 -26.82 -7.99
N HIS A 134 -9.08 -26.28 -7.38
CA HIS A 134 -8.38 -27.03 -6.35
C HIS A 134 -7.52 -26.05 -5.59
N THR A 135 -7.04 -26.44 -4.40
CA THR A 135 -6.26 -25.54 -3.58
C THR A 135 -4.82 -25.91 -3.68
N SER A 136 -3.93 -24.94 -3.91
CA SER A 136 -2.53 -25.21 -4.14
C SER A 136 -1.64 -24.28 -3.32
N LEU A 137 -0.40 -24.07 -3.75
CA LEU A 137 0.66 -23.23 -3.09
C LEU A 137 1.36 -22.28 -4.10
N ILE A 138 1.63 -21.04 -3.70
CA ILE A 138 2.55 -20.18 -4.40
C ILE A 138 3.76 -19.99 -3.51
N LEU A 139 4.91 -20.11 -4.15
CA LEU A 139 6.22 -19.68 -3.62
C LEU A 139 6.80 -18.56 -4.51
N GLU A 140 6.48 -17.30 -4.25
CA GLU A 140 7.07 -16.18 -5.00
C GLU A 140 8.62 -16.26 -5.09
N GLY A 141 9.11 -16.39 -6.32
CA GLY A 141 10.55 -16.40 -6.61
C GLY A 141 11.43 -15.32 -5.96
N LYS A 142 11.07 -14.05 -6.14
CA LYS A 142 11.81 -12.94 -5.54
C LYS A 142 12.11 -13.22 -4.03
N ASN A 143 11.07 -13.42 -3.22
CA ASN A 143 11.26 -13.73 -1.79
C ASN A 143 12.03 -15.03 -1.55
N TYR A 144 11.66 -16.07 -2.27
CA TYR A 144 12.28 -17.31 -2.04
C TYR A 144 13.80 -17.20 -2.25
N LEU A 145 14.23 -16.54 -3.32
CA LEU A 145 15.64 -16.29 -3.55
C LEU A 145 16.30 -15.49 -2.42
N GLN A 146 15.58 -14.47 -1.93
CA GLN A 146 16.08 -13.63 -0.86
C GLN A 146 16.26 -14.55 0.33
N TRP A 147 15.26 -15.38 0.60
CA TRP A 147 15.31 -16.32 1.67
C TRP A 147 16.44 -17.31 1.54
N LEU A 148 16.60 -17.95 0.39
CA LEU A 148 17.54 -19.08 0.26
C LEU A 148 18.90 -18.44 0.51
N THR A 149 19.01 -17.22 0.02
CA THR A 149 20.20 -16.41 0.15
C THR A 149 20.58 -16.32 1.64
N GLU A 150 19.71 -15.72 2.48
CA GLU A 150 20.06 -15.60 3.91
C GLU A 150 20.38 -16.91 4.58
N ARG A 151 19.72 -17.99 4.17
CA ARG A 151 20.07 -19.30 4.74
C ARG A 151 21.52 -19.61 4.35
N LEU A 152 21.83 -19.56 3.06
CA LEU A 152 23.19 -19.82 2.54
C LEU A 152 24.32 -19.01 3.18
N THR A 153 24.15 -17.70 3.27
CA THR A 153 25.09 -16.77 3.92
C THR A 153 25.41 -17.19 5.40
N GLU A 154 24.39 -17.40 6.25
CA GLU A 154 24.72 -17.84 7.61
C GLU A 154 25.44 -19.15 7.62
N ARG A 155 25.35 -19.87 6.50
CA ARG A 155 26.15 -21.05 6.27
C ARG A 155 27.45 -20.75 5.60
N GLY A 156 27.72 -19.46 5.50
CA GLY A 156 28.95 -18.99 4.90
C GLY A 156 29.27 -19.64 3.58
N VAL A 157 28.22 -19.86 2.75
CA VAL A 157 28.38 -20.20 1.35
C VAL A 157 28.58 -18.83 0.75
N LYS A 158 29.61 -18.70 -0.07
CA LYS A 158 30.01 -17.37 -0.50
C LYS A 158 29.54 -17.13 -1.93
N PHE A 159 29.20 -15.86 -2.24
CA PHE A 159 28.57 -15.55 -3.52
C PHE A 159 29.49 -14.70 -4.32
N PHE A 160 29.64 -15.02 -5.59
CA PHE A 160 30.44 -14.16 -6.46
C PHE A 160 29.72 -13.75 -7.71
N GLN A 161 29.93 -12.56 -8.17
CA GLN A 161 29.13 -12.13 -9.28
C GLN A 161 30.03 -12.14 -10.45
N ARG A 162 29.82 -13.07 -11.38
CA ARG A 162 30.80 -13.27 -12.38
C ARG A 162 30.36 -14.30 -13.43
N LYS A 163 30.57 -13.96 -14.69
CA LYS A 163 30.12 -14.76 -15.79
C LYS A 163 31.23 -15.74 -16.11
N VAL A 164 30.91 -17.00 -16.24
CA VAL A 164 31.85 -18.09 -16.41
C VAL A 164 31.89 -18.53 -17.87
N GLU A 165 33.09 -18.63 -18.46
CA GLU A 165 33.21 -19.01 -19.87
C GLU A 165 33.25 -20.51 -20.11
N SER A 166 33.84 -21.25 -19.19
CA SER A 166 33.84 -22.71 -19.37
C SER A 166 33.91 -23.41 -18.04
N PHE A 167 33.59 -24.68 -18.08
CA PHE A 167 33.82 -25.56 -16.97
C PHE A 167 35.30 -25.63 -16.57
N GLU A 168 36.22 -25.57 -17.53
CA GLU A 168 37.67 -25.72 -17.22
C GLU A 168 38.21 -24.49 -16.52
N GLU A 169 37.71 -23.31 -16.85
CA GLU A 169 38.18 -22.11 -16.13
C GLU A 169 37.91 -22.39 -14.66
N VAL A 170 36.75 -22.97 -14.37
CA VAL A 170 36.38 -23.18 -12.98
C VAL A 170 37.14 -24.38 -12.37
N ALA A 171 37.36 -25.43 -13.17
CA ALA A 171 38.03 -26.64 -12.73
C ALA A 171 39.49 -26.31 -12.51
N ARG A 172 40.07 -25.56 -13.47
CA ARG A 172 41.44 -24.98 -13.41
C ARG A 172 41.54 -24.25 -12.11
N GLU A 173 40.57 -23.38 -11.79
CA GLU A 173 40.71 -22.60 -10.59
C GLU A 173 40.52 -23.25 -9.22
N GLY A 174 40.11 -24.54 -9.11
CA GLY A 174 40.16 -25.27 -7.81
C GLY A 174 39.19 -26.43 -7.61
N ALA A 175 38.05 -26.34 -8.28
CA ALA A 175 36.88 -27.10 -7.90
C ALA A 175 36.88 -28.57 -8.25
N ASP A 176 36.47 -29.38 -7.28
CA ASP A 176 36.36 -30.82 -7.46
C ASP A 176 35.02 -31.25 -8.03
N VAL A 177 33.96 -30.53 -7.65
CA VAL A 177 32.60 -30.73 -8.19
C VAL A 177 32.05 -29.41 -8.77
N ILE A 178 31.29 -29.49 -9.88
CA ILE A 178 30.56 -28.31 -10.36
C ILE A 178 29.11 -28.61 -10.51
N VAL A 179 28.30 -27.77 -9.91
CA VAL A 179 26.88 -27.99 -10.03
C VAL A 179 26.47 -26.99 -11.05
N ASN A 180 25.96 -27.52 -12.15
CA ASN A 180 25.60 -26.69 -13.29
C ASN A 180 24.13 -26.23 -13.30
N CYS A 181 23.90 -24.98 -12.82
CA CYS A 181 22.53 -24.49 -12.58
C CYS A 181 22.23 -23.24 -13.34
N THR A 182 22.55 -23.29 -14.65
CA THR A 182 22.68 -22.12 -15.53
C THR A 182 21.41 -21.82 -16.32
N GLY A 183 20.42 -22.71 -16.16
CA GLY A 183 19.11 -22.56 -16.80
C GLY A 183 19.09 -22.48 -18.31
N VAL A 184 18.53 -21.38 -18.83
CA VAL A 184 18.28 -21.32 -20.28
C VAL A 184 19.63 -21.22 -20.99
N TRP A 185 20.55 -20.53 -20.32
CA TRP A 185 21.89 -20.20 -20.77
C TRP A 185 22.83 -21.36 -20.74
N ALA A 186 22.35 -22.53 -20.30
CA ALA A 186 23.25 -23.70 -20.14
C ALA A 186 24.05 -24.01 -21.37
N GLY A 187 23.43 -23.95 -22.55
CA GLY A 187 24.11 -24.21 -23.82
C GLY A 187 25.46 -23.58 -24.09
N ALA A 188 25.59 -22.29 -23.80
CA ALA A 188 26.89 -21.59 -23.78
C ALA A 188 28.05 -22.26 -23.05
N LEU A 189 27.86 -23.33 -22.32
CA LEU A 189 29.02 -23.95 -21.67
C LEU A 189 29.12 -25.40 -22.04
N GLN A 190 28.08 -25.95 -22.64
CA GLN A 190 28.14 -27.24 -23.27
C GLN A 190 26.97 -27.30 -24.26
N ARG A 191 27.26 -27.14 -25.54
CA ARG A 191 26.23 -27.24 -26.55
C ARG A 191 25.17 -28.30 -26.15
N ASP A 192 23.88 -27.94 -26.13
CA ASP A 192 22.74 -28.84 -25.85
C ASP A 192 21.63 -28.45 -26.85
N PRO A 193 21.36 -29.31 -27.82
CA PRO A 193 20.53 -28.78 -28.88
C PRO A 193 19.07 -28.78 -28.42
N LEU A 194 18.80 -29.55 -27.36
CA LEU A 194 17.43 -29.83 -26.83
C LEU A 194 16.83 -28.74 -25.94
N LEU A 195 17.61 -27.74 -25.65
CA LEU A 195 17.28 -26.80 -24.63
C LEU A 195 16.99 -25.50 -25.29
N GLN A 196 15.73 -25.11 -25.31
CA GLN A 196 15.38 -23.78 -25.91
C GLN A 196 14.64 -22.87 -24.91
N PRO A 197 14.82 -21.54 -25.06
CA PRO A 197 14.06 -20.46 -24.39
C PRO A 197 12.59 -20.59 -24.69
N GLY A 198 11.74 -20.58 -23.67
CA GLY A 198 10.31 -20.24 -23.90
C GLY A 198 10.10 -18.84 -23.39
N ARG A 199 10.32 -17.83 -24.24
CA ARG A 199 10.22 -16.46 -23.78
C ARG A 199 8.82 -16.34 -23.21
N GLY A 200 8.69 -15.62 -22.08
CA GLY A 200 7.40 -15.46 -21.44
C GLY A 200 7.40 -13.99 -21.05
N GLN A 201 6.22 -13.40 -20.93
CA GLN A 201 6.13 -12.01 -20.49
C GLN A 201 5.01 -11.85 -19.49
N ILE A 202 5.17 -10.98 -18.51
CA ILE A 202 4.12 -10.86 -17.49
C ILE A 202 3.94 -9.41 -17.08
N MET A 203 2.70 -9.14 -16.67
CA MET A 203 2.27 -7.88 -16.03
C MET A 203 1.98 -8.04 -14.54
N LYS A 204 2.61 -7.19 -13.73
CA LYS A 204 2.33 -7.15 -12.30
C LYS A 204 1.29 -6.02 -12.18
N VAL A 205 0.19 -6.31 -11.50
CA VAL A 205 -0.89 -5.35 -11.40
C VAL A 205 -1.39 -5.26 -9.95
N ASP A 206 -1.92 -4.10 -9.61
CA ASP A 206 -2.52 -3.94 -8.30
C ASP A 206 -4.02 -4.20 -8.26
N ALA A 207 -4.45 -5.42 -7.90
CA ALA A 207 -5.87 -5.81 -7.86
C ALA A 207 -6.08 -6.69 -6.65
N PRO A 208 -6.03 -6.10 -5.48
CA PRO A 208 -5.99 -6.98 -4.30
C PRO A 208 -7.30 -7.72 -3.95
N TRP A 209 -8.35 -7.59 -4.75
CA TRP A 209 -9.60 -8.22 -4.39
C TRP A 209 -9.62 -9.58 -4.99
N MET A 210 -8.54 -9.89 -5.72
CA MET A 210 -8.51 -11.06 -6.54
C MET A 210 -7.94 -12.00 -5.60
N LYS A 211 -8.68 -13.00 -5.15
CA LYS A 211 -8.17 -14.04 -4.26
C LYS A 211 -7.99 -15.41 -4.87
N HIS A 212 -8.26 -15.62 -6.16
CA HIS A 212 -8.11 -16.98 -6.76
C HIS A 212 -7.12 -16.95 -7.96
N PHE A 213 -6.44 -18.04 -8.24
CA PHE A 213 -5.76 -18.09 -9.50
C PHE A 213 -6.73 -18.46 -10.57
N ILE A 214 -6.59 -17.94 -11.76
CA ILE A 214 -7.45 -18.32 -12.88
C ILE A 214 -6.50 -18.63 -14.06
N LEU A 215 -6.44 -19.88 -14.54
CA LEU A 215 -5.51 -20.21 -15.63
C LEU A 215 -6.25 -20.69 -16.84
N THR A 216 -6.06 -20.09 -18.01
CA THR A 216 -6.74 -20.70 -19.18
C THR A 216 -5.86 -21.58 -20.06
N HIS A 217 -6.48 -22.65 -20.57
CA HIS A 217 -5.79 -23.61 -21.42
C HIS A 217 -6.36 -23.71 -22.77
N ASP A 218 -5.50 -23.67 -23.76
CA ASP A 218 -5.96 -23.81 -25.11
C ASP A 218 -4.90 -24.54 -25.98
N PRO A 219 -5.18 -25.79 -26.45
CA PRO A 219 -4.21 -26.46 -27.38
C PRO A 219 -3.87 -25.72 -28.71
N GLU A 220 -4.74 -24.80 -29.15
CA GLU A 220 -4.49 -23.92 -30.33
C GLU A 220 -3.46 -22.80 -30.10
N ARG A 221 -3.40 -22.25 -28.88
CA ARG A 221 -2.35 -21.28 -28.57
C ARG A 221 -1.25 -21.93 -27.76
N GLY A 222 -1.61 -23.00 -27.05
CA GLY A 222 -0.64 -23.95 -26.48
C GLY A 222 -0.09 -23.49 -25.15
N ILE A 223 0.41 -24.46 -24.38
CA ILE A 223 0.95 -24.24 -23.02
C ILE A 223 1.49 -22.83 -22.81
N TYR A 224 1.03 -22.27 -21.68
CA TYR A 224 1.39 -20.96 -21.17
C TYR A 224 1.11 -19.84 -22.10
N ASN A 225 0.39 -20.08 -23.19
CA ASN A 225 0.23 -19.01 -24.19
C ASN A 225 -1.15 -18.52 -24.11
N SER A 226 -1.75 -18.78 -22.99
CA SER A 226 -3.15 -18.56 -22.85
C SER A 226 -3.33 -17.84 -21.49
N PRO A 227 -4.29 -16.86 -21.41
CA PRO A 227 -4.41 -15.95 -20.28
C PRO A 227 -4.44 -16.66 -18.95
N TYR A 228 -3.61 -16.15 -18.04
CA TYR A 228 -3.67 -16.54 -16.68
C TYR A 228 -3.49 -15.34 -15.68
N ILE A 229 -4.13 -15.48 -14.53
CA ILE A 229 -4.21 -14.41 -13.54
C ILE A 229 -3.81 -15.10 -12.27
N ILE A 230 -2.77 -14.55 -11.65
CA ILE A 230 -2.21 -15.17 -10.45
C ILE A 230 -1.97 -14.14 -9.32
N PRO A 231 -2.86 -14.12 -8.32
CA PRO A 231 -2.63 -13.21 -7.16
C PRO A 231 -1.31 -13.55 -6.46
N GLY A 232 -0.47 -12.53 -6.24
CA GLY A 232 0.74 -12.71 -5.48
C GLY A 232 0.47 -12.18 -4.09
N THR A 233 1.54 -12.11 -3.34
CA THR A 233 1.54 -11.47 -2.04
C THR A 233 1.20 -9.94 -2.11
N GLN A 234 1.83 -9.11 -2.93
CA GLN A 234 1.55 -7.65 -2.98
C GLN A 234 0.90 -7.23 -4.30
N THR A 235 0.66 -8.20 -5.15
CA THR A 235 0.43 -7.89 -6.52
C THR A 235 -0.16 -9.07 -7.30
N VAL A 236 -0.79 -8.81 -8.41
CA VAL A 236 -1.38 -9.90 -9.15
C VAL A 236 -0.65 -9.99 -10.49
N THR A 237 -0.19 -11.22 -10.79
CA THR A 237 0.51 -11.55 -12.02
C THR A 237 -0.48 -11.85 -13.12
N LEU A 238 -0.29 -11.16 -14.22
CA LEU A 238 -1.15 -11.24 -15.38
C LEU A 238 -0.26 -11.73 -16.50
N GLY A 239 -0.50 -12.90 -17.05
CA GLY A 239 0.35 -13.40 -18.13
C GLY A 239 -0.36 -14.26 -19.16
N GLY A 240 0.46 -14.93 -19.97
CA GLY A 240 0.01 -15.92 -20.96
C GLY A 240 0.76 -15.83 -22.29
N ILE A 241 2.09 -15.77 -22.19
CA ILE A 241 2.99 -15.60 -23.32
C ILE A 241 4.08 -16.68 -23.28
N PHE A 242 4.23 -17.36 -24.41
CA PHE A 242 5.17 -18.44 -24.58
C PHE A 242 5.53 -18.43 -26.05
N GLN A 243 6.83 -18.43 -26.32
CA GLN A 243 7.36 -18.34 -27.65
C GLN A 243 8.66 -19.16 -27.72
N LEU A 244 8.63 -20.34 -28.34
CA LEU A 244 9.85 -21.13 -28.51
C LEU A 244 10.90 -20.40 -29.30
N GLY A 245 12.15 -20.43 -28.86
CA GLY A 245 13.22 -19.82 -29.65
C GLY A 245 13.42 -18.36 -29.43
N ASN A 246 12.45 -17.62 -28.86
CA ASN A 246 12.66 -16.17 -28.76
C ASN A 246 13.74 -15.69 -27.73
N TRP A 247 14.77 -14.91 -28.14
CA TRP A 247 15.82 -14.52 -27.18
C TRP A 247 15.74 -13.10 -26.72
N SER A 248 14.69 -12.37 -27.11
CA SER A 248 14.52 -10.97 -26.74
C SER A 248 14.13 -10.80 -25.25
N GLU A 249 15.09 -10.34 -24.45
CA GLU A 249 14.80 -10.01 -23.08
C GLU A 249 14.42 -8.54 -23.08
N LEU A 250 13.23 -8.29 -23.63
CA LEU A 250 12.70 -6.97 -23.73
C LEU A 250 11.17 -7.04 -23.69
N ASN A 251 10.58 -6.08 -22.97
CA ASN A 251 9.14 -6.04 -22.89
C ASN A 251 8.62 -5.53 -24.21
N ASN A 252 7.68 -6.28 -24.75
CA ASN A 252 7.20 -6.12 -26.06
C ASN A 252 5.72 -5.66 -26.01
N ILE A 253 5.54 -4.43 -26.47
CA ILE A 253 4.25 -3.77 -26.65
C ILE A 253 3.05 -4.68 -27.22
N GLN A 254 3.29 -5.47 -28.26
CA GLN A 254 2.29 -6.45 -28.68
C GLN A 254 1.82 -7.31 -27.54
N ASP A 255 2.80 -7.99 -26.93
CA ASP A 255 2.62 -8.96 -25.87
C ASP A 255 1.94 -8.31 -24.70
N HIS A 256 2.22 -7.05 -24.47
CA HIS A 256 1.55 -6.36 -23.42
C HIS A 256 0.05 -6.27 -23.72
N ASN A 257 -0.33 -5.80 -24.90
CA ASN A 257 -1.77 -5.79 -25.20
C ASN A 257 -2.44 -7.14 -25.18
N THR A 258 -1.69 -8.18 -25.49
CA THR A 258 -2.25 -9.53 -25.41
C THR A 258 -2.61 -9.98 -23.99
N ILE A 259 -1.61 -9.96 -23.07
CA ILE A 259 -1.79 -10.13 -21.61
C ILE A 259 -3.05 -9.31 -21.23
N TRP A 260 -3.04 -8.05 -21.63
CA TRP A 260 -3.97 -7.15 -21.06
C TRP A 260 -5.41 -7.48 -21.52
N GLU A 261 -5.61 -7.59 -22.83
CA GLU A 261 -6.89 -8.00 -23.39
C GLU A 261 -7.38 -9.36 -22.94
N GLY A 262 -6.52 -10.37 -22.98
CA GLY A 262 -6.87 -11.74 -22.55
C GLY A 262 -7.38 -11.81 -21.11
N CYS A 263 -6.75 -11.07 -20.19
CA CYS A 263 -7.13 -11.13 -18.79
C CYS A 263 -8.35 -10.28 -18.49
N CYS A 264 -8.57 -9.19 -19.23
CA CYS A 264 -9.81 -8.43 -19.08
C CYS A 264 -11.02 -9.22 -19.53
N ARG A 265 -10.86 -9.98 -20.61
CA ARG A 265 -11.92 -10.77 -21.14
C ARG A 265 -12.26 -11.66 -19.97
N LEU A 266 -11.23 -12.08 -19.24
CA LEU A 266 -11.35 -13.20 -18.31
C LEU A 266 -11.93 -12.72 -16.99
N GLU A 267 -11.64 -11.48 -16.69
CA GLU A 267 -11.99 -10.91 -15.45
C GLU A 267 -12.22 -9.41 -15.67
N PRO A 268 -13.46 -9.02 -16.00
CA PRO A 268 -13.52 -7.59 -16.38
C PRO A 268 -13.22 -6.52 -15.29
N THR A 269 -13.24 -6.91 -14.00
CA THR A 269 -12.90 -6.00 -12.89
C THR A 269 -11.42 -5.52 -12.97
N LEU A 270 -10.66 -6.19 -13.82
CA LEU A 270 -9.25 -5.88 -13.91
C LEU A 270 -9.12 -4.59 -14.71
N LYS A 271 -10.22 -3.93 -15.03
CA LYS A 271 -10.19 -2.72 -15.88
C LYS A 271 -9.57 -1.55 -15.10
N ASN A 272 -10.02 -1.46 -13.85
CA ASN A 272 -9.49 -0.51 -12.94
C ASN A 272 -8.23 -0.95 -12.19
N ALA A 273 -7.48 -1.91 -12.69
CA ALA A 273 -6.27 -2.19 -11.98
C ALA A 273 -5.19 -1.26 -12.49
N ARG A 274 -4.29 -0.93 -11.57
CA ARG A 274 -3.17 -0.08 -11.80
C ARG A 274 -2.04 -1.02 -12.20
N ILE A 275 -1.44 -0.80 -13.36
CA ILE A 275 -0.25 -1.56 -13.76
C ILE A 275 0.89 -1.08 -12.88
N ILE A 276 1.68 -2.00 -12.32
CA ILE A 276 2.81 -1.61 -11.46
C ILE A 276 4.10 -1.86 -12.20
N GLY A 277 4.21 -3.04 -12.82
CA GLY A 277 5.42 -3.47 -13.50
C GLY A 277 5.20 -4.49 -14.60
N GLU A 278 6.28 -4.82 -15.31
CA GLU A 278 6.20 -5.69 -16.49
C GLU A 278 7.56 -6.27 -16.73
N ARG A 279 7.62 -7.54 -17.07
CA ARG A 279 8.85 -8.25 -16.97
C ARG A 279 8.93 -9.45 -17.96
N THR A 280 10.12 -9.81 -18.40
CA THR A 280 10.26 -10.82 -19.41
C THR A 280 11.31 -11.82 -18.90
N GLY A 281 11.11 -13.12 -19.18
CA GLY A 281 12.00 -14.19 -18.73
C GLY A 281 12.04 -15.36 -19.70
N PHE A 282 13.04 -16.24 -19.53
CA PHE A 282 13.12 -17.37 -20.45
C PHE A 282 12.97 -18.76 -19.84
N ARG A 283 11.93 -19.48 -20.28
CA ARG A 283 11.71 -20.79 -19.74
C ARG A 283 12.81 -21.72 -20.22
N PRO A 284 13.52 -22.36 -19.31
CA PRO A 284 14.46 -23.28 -19.87
C PRO A 284 13.73 -24.55 -20.34
N VAL A 285 13.28 -24.56 -21.59
CA VAL A 285 12.55 -25.70 -22.13
C VAL A 285 13.45 -26.82 -22.66
N ARG A 286 13.02 -28.07 -22.46
CA ARG A 286 13.78 -29.29 -22.79
C ARG A 286 12.84 -30.47 -22.67
N PRO A 287 12.95 -31.50 -23.53
CA PRO A 287 12.01 -32.63 -23.43
C PRO A 287 11.98 -33.18 -22.00
N GLN A 288 13.10 -33.01 -21.30
CA GLN A 288 13.08 -33.32 -19.90
C GLN A 288 14.27 -32.66 -19.30
N ILE A 289 14.31 -32.68 -17.98
CA ILE A 289 15.29 -31.91 -17.27
C ILE A 289 16.57 -32.67 -17.44
N ARG A 290 17.71 -31.98 -17.57
CA ARG A 290 18.96 -32.71 -17.37
C ARG A 290 19.45 -32.66 -15.95
N LEU A 291 19.32 -33.79 -15.28
CA LEU A 291 19.77 -33.91 -13.91
C LEU A 291 20.60 -35.23 -13.73
N GLU A 292 21.90 -35.06 -13.91
CA GLU A 292 22.79 -36.21 -14.11
C GLU A 292 24.26 -35.79 -13.98
N ARG A 293 25.12 -36.79 -13.85
CA ARG A 293 26.57 -36.62 -13.72
C ARG A 293 27.28 -36.67 -15.07
N GLU A 294 28.47 -36.11 -15.06
CA GLU A 294 29.37 -36.21 -16.15
C GLU A 294 30.76 -36.02 -15.56
N GLN A 295 31.70 -36.91 -15.90
CA GLN A 295 33.09 -36.70 -15.52
C GLN A 295 33.69 -35.90 -16.62
N LEU A 296 34.02 -34.64 -16.36
CA LEU A 296 34.70 -33.81 -17.34
C LEU A 296 36.23 -33.98 -17.36
N ARG A 297 36.76 -34.59 -18.43
CA ARG A 297 38.23 -34.82 -18.68
C ARG A 297 39.15 -33.55 -18.72
N THR A 298 38.88 -32.60 -17.84
CA THR A 298 39.84 -31.54 -17.45
C THR A 298 41.20 -32.12 -17.04
N GLY A 299 42.22 -31.27 -17.23
CA GLY A 299 43.59 -31.49 -16.80
C GLY A 299 44.05 -32.92 -16.53
N PRO A 300 44.87 -33.10 -15.46
CA PRO A 300 45.40 -34.41 -15.10
C PRO A 300 44.27 -35.39 -14.67
N SER A 301 43.59 -35.12 -13.54
CA SER A 301 42.40 -35.92 -13.24
C SER A 301 41.19 -35.09 -13.60
N ASN A 302 40.18 -35.77 -14.12
CA ASN A 302 38.96 -35.08 -14.48
C ASN A 302 38.16 -34.61 -13.26
N THR A 303 37.29 -33.61 -13.44
CA THR A 303 36.43 -33.13 -12.37
C THR A 303 34.97 -33.54 -12.58
N GLU A 304 34.19 -33.54 -11.50
CA GLU A 304 32.79 -33.96 -11.59
C GLU A 304 31.82 -32.78 -11.77
N VAL A 305 30.84 -32.98 -12.59
CA VAL A 305 29.88 -31.93 -12.88
C VAL A 305 28.51 -32.54 -12.70
N ILE A 306 27.70 -31.93 -11.84
CA ILE A 306 26.27 -32.29 -11.77
C ILE A 306 25.52 -31.28 -12.63
N HIS A 307 24.75 -31.83 -13.59
CA HIS A 307 23.83 -31.01 -14.38
C HIS A 307 22.46 -30.95 -13.81
N ASN A 308 21.92 -29.73 -13.78
CA ASN A 308 20.59 -29.44 -13.26
C ASN A 308 19.98 -28.19 -13.92
N TYR A 309 19.29 -28.41 -15.03
CA TYR A 309 18.79 -27.33 -15.84
C TYR A 309 17.78 -27.87 -16.77
N GLY A 310 17.04 -26.98 -17.41
CA GLY A 310 15.99 -27.36 -18.38
C GLY A 310 14.72 -27.69 -17.65
N HIS A 311 14.23 -26.73 -16.88
CA HIS A 311 13.20 -26.98 -15.91
C HIS A 311 11.94 -26.33 -16.45
N GLY A 312 12.10 -25.42 -17.39
CA GLY A 312 10.99 -24.99 -18.23
C GLY A 312 9.97 -24.21 -17.47
N GLY A 313 8.69 -24.51 -17.64
CA GLY A 313 7.74 -23.64 -16.99
C GLY A 313 7.43 -24.12 -15.57
N TYR A 314 8.23 -25.01 -14.99
CA TYR A 314 7.86 -25.65 -13.71
C TYR A 314 8.99 -25.78 -12.66
N GLY A 315 9.96 -24.88 -12.76
CA GLY A 315 11.08 -24.88 -11.92
C GLY A 315 10.68 -24.75 -10.50
N LEU A 316 9.89 -23.71 -10.22
CA LEU A 316 9.47 -23.50 -8.81
C LEU A 316 8.69 -24.73 -8.36
N THR A 317 8.06 -25.43 -9.29
CA THR A 317 7.21 -26.56 -8.93
C THR A 317 7.99 -27.80 -8.48
N ILE A 318 9.21 -27.91 -9.00
CA ILE A 318 9.95 -29.14 -8.90
C ILE A 318 11.29 -28.97 -8.20
N HIS A 319 11.66 -27.74 -7.84
CA HIS A 319 13.06 -27.47 -7.47
C HIS A 319 13.48 -28.36 -6.34
N TRP A 320 12.61 -28.52 -5.36
CA TRP A 320 13.06 -29.25 -4.19
C TRP A 320 13.47 -30.74 -4.50
N GLY A 321 12.58 -31.55 -5.07
CA GLY A 321 12.94 -32.85 -5.60
C GLY A 321 14.25 -32.80 -6.35
N CYS A 322 14.37 -31.81 -7.21
CA CYS A 322 15.54 -31.68 -8.02
C CYS A 322 16.81 -31.50 -7.20
N ALA A 323 16.68 -30.82 -6.07
CA ALA A 323 17.82 -30.55 -5.26
C ALA A 323 18.22 -31.84 -4.47
N LEU A 324 17.22 -32.63 -4.07
CA LEU A 324 17.45 -33.85 -3.29
C LEU A 324 18.24 -34.77 -4.18
N GLU A 325 17.88 -34.76 -5.46
CA GLU A 325 18.46 -35.65 -6.40
C GLU A 325 19.85 -35.15 -6.81
N ALA A 326 20.02 -33.83 -7.01
CA ALA A 326 21.33 -33.27 -7.17
C ALA A 326 22.21 -33.74 -6.01
N ALA A 327 21.76 -33.61 -4.77
CA ALA A 327 22.55 -33.99 -3.56
C ALA A 327 22.86 -35.52 -3.44
N LYS A 328 21.88 -36.35 -3.81
CA LYS A 328 22.06 -37.76 -3.77
C LYS A 328 23.26 -38.03 -4.69
N LEU A 329 23.14 -37.58 -5.93
CA LEU A 329 24.22 -37.69 -6.88
C LEU A 329 25.53 -37.27 -6.26
N PHE A 330 25.49 -36.20 -5.48
CA PHE A 330 26.71 -35.62 -4.93
C PHE A 330 27.29 -36.59 -3.92
N GLY A 331 26.43 -37.18 -3.11
CA GLY A 331 26.81 -38.20 -2.17
C GLY A 331 27.36 -39.42 -2.85
N ARG A 332 26.91 -39.71 -4.07
CA ARG A 332 27.46 -40.84 -4.86
C ARG A 332 28.92 -40.62 -5.28
N ILE A 333 29.23 -39.37 -5.63
CA ILE A 333 30.58 -39.01 -5.88
C ILE A 333 31.36 -39.29 -4.63
N LEU A 334 30.93 -38.76 -3.51
CA LEU A 334 31.75 -38.85 -2.33
C LEU A 334 32.26 -40.25 -2.06
N GLU A 335 31.36 -41.23 -2.12
CA GLU A 335 31.75 -42.56 -1.71
C GLU A 335 32.81 -43.05 -2.69
N GLU A 336 32.51 -42.91 -4.00
CA GLU A 336 33.41 -43.28 -5.07
C GLU A 336 34.77 -42.62 -4.90
N LYS A 337 34.77 -41.35 -4.43
CA LYS A 337 35.98 -40.60 -4.08
C LYS A 337 36.53 -40.98 -2.70
N LYS A 338 36.00 -42.08 -2.15
CA LYS A 338 36.36 -42.63 -0.82
C LYS A 338 36.61 -41.54 0.28
N LEU A 339 35.54 -40.79 0.62
CA LEU A 339 35.50 -39.60 1.51
C LEU A 339 34.15 -39.49 2.31
N SER A 340 33.44 -40.61 2.50
CA SER A 340 32.21 -40.67 3.31
C SER A 340 32.40 -41.63 4.50
N MET B 1 -46.53 11.59 -2.23
CA MET B 1 -46.28 10.29 -1.56
C MET B 1 -44.89 10.40 -0.93
N ARG B 2 -44.82 10.62 0.40
CA ARG B 2 -43.56 11.11 0.99
C ARG B 2 -42.98 10.05 1.92
N VAL B 3 -41.84 9.44 1.52
CA VAL B 3 -41.27 8.30 2.27
C VAL B 3 -40.09 8.66 3.16
N VAL B 4 -40.17 8.37 4.48
CA VAL B 4 -38.96 8.51 5.30
C VAL B 4 -38.29 7.19 5.63
N VAL B 5 -37.03 7.09 5.25
CA VAL B 5 -36.21 5.97 5.70
C VAL B 5 -35.32 6.35 6.89
N ILE B 6 -35.52 5.63 7.98
CA ILE B 6 -34.65 5.84 9.15
C ILE B 6 -33.59 4.77 9.18
N GLY B 7 -32.36 5.21 9.13
CA GLY B 7 -31.23 4.30 9.11
C GLY B 7 -30.41 4.40 7.82
N ALA B 8 -29.15 4.81 7.93
CA ALA B 8 -28.34 4.83 6.74
C ALA B 8 -27.41 3.58 6.72
N GLY B 9 -27.80 2.53 7.43
CA GLY B 9 -27.01 1.32 7.51
C GLY B 9 -27.22 0.57 6.23
N VAL B 10 -26.74 -0.66 6.16
CA VAL B 10 -27.03 -1.42 4.96
C VAL B 10 -28.53 -1.55 4.76
N ILE B 11 -29.28 -1.85 5.80
CA ILE B 11 -30.71 -2.12 5.63
C ILE B 11 -31.48 -0.89 5.01
N GLY B 12 -31.20 0.29 5.57
CA GLY B 12 -31.76 1.54 5.20
C GLY B 12 -31.50 1.76 3.74
N LEU B 13 -30.21 2.01 3.40
CA LEU B 13 -29.84 2.29 2.01
C LEU B 13 -30.35 1.21 1.01
N SER B 14 -30.12 -0.06 1.30
CA SER B 14 -30.55 -1.12 0.42
C SER B 14 -32.05 -1.02 0.14
N THR B 15 -32.87 -1.15 1.17
CA THR B 15 -34.28 -0.87 1.08
C THR B 15 -34.63 0.47 0.40
N ALA B 16 -33.99 1.57 0.80
CA ALA B 16 -34.25 2.83 0.14
C ALA B 16 -34.09 2.70 -1.34
N LEU B 17 -33.09 1.96 -1.80
CA LEU B 17 -32.82 1.95 -3.21
C LEU B 17 -33.70 0.93 -3.89
N CYS B 18 -34.00 -0.13 -3.19
CA CYS B 18 -34.89 -1.11 -3.74
C CYS B 18 -36.26 -0.49 -3.92
N ILE B 19 -36.67 0.39 -3.02
CA ILE B 19 -38.00 0.87 -3.08
C ILE B 19 -38.07 1.85 -4.22
N HIS B 20 -37.08 2.74 -4.32
CA HIS B 20 -37.08 3.75 -5.39
C HIS B 20 -37.04 3.10 -6.74
N GLU B 21 -36.13 2.14 -6.91
CA GLU B 21 -35.92 1.58 -8.24
C GLU B 21 -37.21 0.88 -8.67
N ARG B 22 -37.98 0.39 -7.72
CA ARG B 22 -39.13 -0.39 -8.06
C ARG B 22 -40.44 0.46 -8.27
N TYR B 23 -40.43 1.74 -7.87
CA TYR B 23 -41.66 2.54 -7.81
C TYR B 23 -41.59 4.03 -8.27
N HIS B 24 -40.45 4.57 -8.68
CA HIS B 24 -40.44 5.98 -9.15
C HIS B 24 -41.26 6.18 -10.43
N SER B 25 -41.36 5.12 -11.26
CA SER B 25 -42.18 5.15 -12.49
C SER B 25 -43.70 5.04 -12.23
N VAL B 26 -44.10 4.23 -11.24
CA VAL B 26 -45.52 4.16 -10.91
C VAL B 26 -46.08 5.27 -9.96
N LEU B 27 -45.26 6.03 -9.25
CA LEU B 27 -45.82 7.04 -8.37
C LEU B 27 -45.41 8.40 -8.79
N GLN B 28 -46.35 9.34 -8.84
CA GLN B 28 -45.99 10.65 -9.39
C GLN B 28 -45.04 11.47 -8.50
N PRO B 29 -45.55 12.20 -7.49
CA PRO B 29 -44.41 12.69 -6.66
C PRO B 29 -44.02 11.56 -5.63
N LEU B 30 -42.85 10.94 -5.89
CA LEU B 30 -42.21 10.01 -4.94
C LEU B 30 -41.06 10.69 -4.18
N ASP B 31 -41.36 11.34 -3.04
CA ASP B 31 -40.28 11.93 -2.24
C ASP B 31 -39.74 10.99 -1.17
N ILE B 32 -38.56 10.43 -1.48
CA ILE B 32 -37.86 9.55 -0.57
C ILE B 32 -36.73 10.27 0.09
N LYS B 33 -36.73 10.18 1.41
CA LYS B 33 -35.78 10.90 2.24
C LYS B 33 -35.13 9.93 3.31
N VAL B 34 -33.82 9.94 3.40
CA VAL B 34 -33.15 9.10 4.40
C VAL B 34 -32.81 9.96 5.60
N TYR B 35 -33.32 9.54 6.74
CA TYR B 35 -32.95 10.19 7.99
C TYR B 35 -32.07 9.25 8.83
N ALA B 36 -30.90 9.76 9.18
CA ALA B 36 -29.95 8.96 9.93
C ALA B 36 -29.16 9.72 10.95
N ASP B 37 -28.97 9.02 12.03
CA ASP B 37 -28.20 9.48 13.14
C ASP B 37 -26.71 9.37 12.85
N ARG B 38 -26.24 8.16 12.52
CA ARG B 38 -24.90 8.02 11.98
C ARG B 38 -24.95 7.55 10.50
N PHE B 39 -23.98 8.06 9.72
CA PHE B 39 -23.80 7.71 8.32
C PHE B 39 -22.56 6.89 8.05
N THR B 40 -22.55 6.37 6.83
CA THR B 40 -21.55 5.46 6.22
C THR B 40 -20.10 5.38 6.50
N PRO B 41 -19.51 6.33 7.22
CA PRO B 41 -18.27 5.77 7.84
C PRO B 41 -18.49 5.11 9.23
N LEU B 42 -19.52 5.54 9.97
CA LEU B 42 -19.72 5.25 11.40
C LEU B 42 -20.90 4.34 11.85
N THR B 43 -21.30 3.39 11.02
CA THR B 43 -22.39 2.48 11.36
C THR B 43 -21.85 1.08 11.73
N THR B 44 -22.68 0.22 12.28
CA THR B 44 -22.30 -1.16 12.48
C THR B 44 -21.89 -1.77 11.17
N THR B 45 -22.59 -1.38 10.11
CA THR B 45 -22.36 -1.94 8.79
C THR B 45 -20.88 -1.76 8.35
N ASP B 46 -20.29 -0.66 8.78
CA ASP B 46 -18.91 -0.38 8.48
C ASP B 46 -17.88 -1.24 9.22
N VAL B 47 -18.35 -2.08 10.15
CA VAL B 47 -17.45 -2.85 10.95
C VAL B 47 -17.41 -4.26 10.38
N ALA B 48 -18.41 -4.66 9.59
CA ALA B 48 -18.57 -6.04 9.18
C ALA B 48 -17.59 -6.47 8.09
N ALA B 49 -16.88 -7.57 8.29
CA ALA B 49 -16.11 -8.18 7.15
C ALA B 49 -16.94 -8.16 5.88
N GLY B 50 -18.18 -8.63 5.94
CA GLY B 50 -19.04 -8.58 4.77
C GLY B 50 -19.10 -9.93 4.09
N LEU B 51 -18.88 -11.00 4.84
CA LEU B 51 -18.77 -12.27 4.17
C LEU B 51 -20.13 -12.90 4.19
N TRP B 52 -20.60 -13.40 3.08
CA TRP B 52 -21.93 -14.03 3.03
C TRP B 52 -21.82 -15.36 3.72
N GLN B 53 -22.59 -15.53 4.78
CA GLN B 53 -22.72 -16.83 5.47
C GLN B 53 -23.83 -16.79 6.53
N PRO B 54 -24.97 -17.43 6.23
CA PRO B 54 -26.11 -17.60 7.15
C PRO B 54 -25.71 -18.38 8.41
N TYR B 55 -26.59 -18.46 9.44
CA TYR B 55 -26.30 -19.39 10.58
C TYR B 55 -26.23 -20.82 10.03
N LEU B 56 -25.66 -21.72 10.80
CA LEU B 56 -25.39 -23.08 10.31
C LEU B 56 -26.67 -24.00 10.47
N SER B 57 -27.51 -23.67 11.45
CA SER B 57 -28.90 -24.14 11.55
C SER B 57 -29.96 -23.38 10.69
N ASP B 58 -31.18 -23.93 10.67
CA ASP B 58 -32.34 -23.40 9.90
C ASP B 58 -33.10 -22.22 10.52
N PRO B 59 -33.47 -21.24 9.69
CA PRO B 59 -33.89 -19.98 10.30
C PRO B 59 -35.28 -20.17 10.95
N ASN B 60 -35.48 -19.63 12.15
CA ASN B 60 -36.76 -19.73 12.86
C ASN B 60 -37.89 -19.56 11.85
N ASN B 61 -37.84 -18.40 11.22
CA ASN B 61 -38.64 -18.03 10.09
C ASN B 61 -37.92 -18.58 8.86
N PRO B 62 -38.44 -19.61 8.18
CA PRO B 62 -37.63 -20.12 7.05
C PRO B 62 -37.67 -19.25 5.80
N GLN B 63 -38.31 -18.09 5.89
CA GLN B 63 -38.34 -17.16 4.79
C GLN B 63 -36.94 -16.56 4.71
N GLU B 64 -36.31 -16.40 5.85
CA GLU B 64 -34.94 -15.96 5.90
C GLU B 64 -34.04 -16.77 4.91
N ALA B 65 -34.15 -18.11 4.96
CA ALA B 65 -33.44 -18.97 4.01
C ALA B 65 -33.61 -18.51 2.58
N ASP B 66 -34.75 -17.94 2.22
CA ASP B 66 -34.82 -17.41 0.83
C ASP B 66 -34.16 -16.04 0.65
N TRP B 67 -34.35 -15.13 1.63
CA TRP B 67 -33.78 -13.81 1.59
C TRP B 67 -32.26 -13.86 1.50
N SER B 68 -31.63 -14.67 2.37
CA SER B 68 -30.19 -15.00 2.19
C SER B 68 -29.87 -15.47 0.78
N GLN B 69 -30.67 -16.38 0.21
CA GLN B 69 -30.41 -17.03 -1.09
C GLN B 69 -30.46 -16.05 -2.25
N GLN B 70 -31.42 -15.17 -2.19
CA GLN B 70 -31.65 -14.21 -3.26
C GLN B 70 -30.58 -13.23 -3.23
N THR B 71 -30.25 -12.75 -2.05
CA THR B 71 -29.07 -11.91 -1.84
C THR B 71 -27.80 -12.50 -2.56
N PHE B 72 -27.44 -13.75 -2.27
CA PHE B 72 -26.32 -14.36 -2.99
C PHE B 72 -26.47 -14.57 -4.49
N ASP B 73 -27.68 -14.72 -5.04
CA ASP B 73 -27.72 -14.91 -6.48
C ASP B 73 -27.46 -13.56 -7.13
N TYR B 74 -27.95 -12.54 -6.47
CA TYR B 74 -27.92 -11.21 -7.05
C TYR B 74 -26.51 -10.62 -7.02
N LEU B 75 -25.84 -10.84 -5.89
CA LEU B 75 -24.47 -10.46 -5.76
C LEU B 75 -23.58 -11.23 -6.74
N LEU B 76 -23.83 -12.51 -6.91
CA LEU B 76 -23.02 -13.35 -7.80
C LEU B 76 -23.23 -12.97 -9.23
N SER B 77 -24.42 -12.53 -9.53
CA SER B 77 -24.75 -12.17 -10.89
C SER B 77 -24.16 -10.79 -11.21
N HIS B 78 -23.47 -10.17 -10.24
CA HIS B 78 -22.80 -8.87 -10.43
C HIS B 78 -21.33 -8.97 -10.09
N VAL B 79 -20.84 -10.18 -9.88
CA VAL B 79 -19.44 -10.29 -9.51
C VAL B 79 -18.49 -10.02 -10.64
N HIS B 80 -18.86 -10.36 -11.86
CA HIS B 80 -18.04 -9.90 -12.97
C HIS B 80 -18.62 -8.69 -13.68
N SER B 81 -18.14 -7.51 -13.34
CA SER B 81 -18.46 -6.33 -14.13
C SER B 81 -17.63 -5.12 -13.70
N PRO B 82 -17.44 -4.15 -14.59
CA PRO B 82 -16.62 -3.01 -14.09
C PRO B 82 -17.16 -2.33 -12.79
N ASN B 83 -18.33 -2.73 -12.26
CA ASN B 83 -18.81 -2.21 -10.93
C ASN B 83 -18.07 -2.78 -9.67
N ALA B 84 -17.72 -4.08 -9.70
CA ALA B 84 -17.56 -4.88 -8.46
C ALA B 84 -16.61 -4.35 -7.38
N GLU B 85 -15.48 -3.83 -7.81
CA GLU B 85 -14.54 -3.20 -6.93
C GLU B 85 -15.18 -1.98 -6.23
N ASN B 86 -15.93 -1.15 -6.95
CA ASN B 86 -16.67 -0.06 -6.31
C ASN B 86 -17.58 -0.53 -5.20
N LEU B 87 -18.39 -1.55 -5.49
CA LEU B 87 -19.28 -2.16 -4.50
C LEU B 87 -18.48 -2.87 -3.39
N GLY B 88 -17.21 -3.18 -3.66
CA GLY B 88 -16.45 -3.99 -2.72
C GLY B 88 -16.81 -5.48 -2.71
N LEU B 89 -17.24 -6.00 -3.88
CA LEU B 89 -17.69 -7.39 -4.04
C LEU B 89 -16.59 -8.12 -4.57
N PHE B 90 -16.47 -9.36 -4.15
CA PHE B 90 -15.56 -10.29 -4.81
C PHE B 90 -15.77 -11.59 -4.16
N LEU B 91 -15.26 -12.63 -4.84
CA LEU B 91 -15.33 -14.05 -4.40
C LEU B 91 -14.19 -14.49 -3.54
N ILE B 92 -14.46 -15.45 -2.67
CA ILE B 92 -13.43 -15.97 -1.78
C ILE B 92 -13.75 -17.35 -1.18
N SER B 93 -12.76 -18.25 -1.16
CA SER B 93 -12.96 -19.56 -0.64
C SER B 93 -12.36 -19.60 0.73
N GLY B 94 -12.55 -20.74 1.41
CA GLY B 94 -12.05 -20.86 2.76
C GLY B 94 -12.75 -21.96 3.52
N TYR B 95 -12.43 -22.03 4.81
CA TYR B 95 -12.61 -23.23 5.65
C TYR B 95 -13.57 -22.94 6.76
N ASN B 96 -14.56 -23.81 6.94
CA ASN B 96 -15.22 -23.89 8.27
C ASN B 96 -14.58 -25.03 9.22
N LEU B 97 -14.15 -24.68 10.42
CA LEU B 97 -13.53 -25.66 11.32
C LEU B 97 -14.35 -25.93 12.59
N PHE B 98 -14.58 -27.22 12.78
CA PHE B 98 -15.23 -27.74 13.96
C PHE B 98 -14.39 -28.83 14.64
N HIS B 99 -14.71 -29.05 15.91
CA HIS B 99 -14.20 -30.20 16.66
C HIS B 99 -14.83 -31.54 16.20
N GLU B 100 -16.14 -31.65 16.32
CA GLU B 100 -16.74 -32.91 15.96
C GLU B 100 -17.50 -32.72 14.69
N ALA B 101 -17.99 -33.80 14.12
CA ALA B 101 -18.89 -33.68 12.97
C ALA B 101 -20.15 -32.88 13.27
N ILE B 102 -20.70 -32.27 12.23
CA ILE B 102 -21.96 -31.57 12.30
C ILE B 102 -22.69 -31.81 10.97
N PRO B 103 -24.02 -31.90 11.00
CA PRO B 103 -24.71 -31.86 9.70
C PRO B 103 -24.40 -30.63 8.85
N ASP B 104 -24.25 -30.88 7.55
CA ASP B 104 -24.26 -29.89 6.53
C ASP B 104 -25.21 -28.70 6.76
N PRO B 105 -24.88 -27.53 6.16
CA PRO B 105 -25.75 -26.39 6.33
C PRO B 105 -26.85 -26.47 5.32
N SER B 106 -28.01 -25.94 5.65
CA SER B 106 -29.03 -25.81 4.64
C SER B 106 -28.65 -25.01 3.39
N TRP B 107 -27.66 -24.12 3.46
CA TRP B 107 -27.29 -23.32 2.27
C TRP B 107 -26.28 -24.04 1.32
N LYS B 108 -25.62 -25.08 1.84
CA LYS B 108 -24.74 -25.94 1.06
C LYS B 108 -24.76 -25.84 -0.48
N ASP B 109 -25.91 -25.63 -1.10
CA ASP B 109 -25.99 -25.52 -2.57
C ASP B 109 -26.05 -24.17 -3.11
N THR B 110 -26.21 -23.20 -2.23
CA THR B 110 -26.23 -21.82 -2.66
C THR B 110 -24.79 -21.41 -3.00
N VAL B 111 -23.86 -21.67 -2.07
CA VAL B 111 -22.46 -21.40 -2.27
C VAL B 111 -21.96 -22.25 -3.45
N LEU B 112 -20.72 -22.03 -3.89
CA LEU B 112 -20.02 -22.83 -4.91
C LEU B 112 -19.04 -23.78 -4.29
N GLY B 113 -19.08 -25.02 -4.75
CA GLY B 113 -18.16 -26.04 -4.37
C GLY B 113 -18.14 -26.43 -2.93
N PHE B 114 -19.31 -26.39 -2.24
CA PHE B 114 -19.36 -26.85 -0.84
C PHE B 114 -18.86 -28.28 -0.68
N ARG B 115 -18.01 -28.57 0.28
CA ARG B 115 -17.49 -29.93 0.32
C ARG B 115 -16.88 -30.14 1.66
N LYS B 116 -16.57 -31.36 2.03
CA LYS B 116 -16.09 -31.61 3.40
C LYS B 116 -14.59 -31.54 3.36
N LEU B 117 -14.00 -31.18 4.49
CA LEU B 117 -12.53 -31.16 4.55
C LEU B 117 -11.94 -32.55 4.44
N THR B 118 -11.05 -32.77 3.47
CA THR B 118 -10.34 -34.08 3.38
C THR B 118 -9.23 -34.11 4.43
N PRO B 119 -8.75 -35.32 4.85
CA PRO B 119 -7.83 -35.31 6.03
C PRO B 119 -6.53 -34.52 5.84
N ARG B 120 -5.95 -34.52 4.63
CA ARG B 120 -4.74 -33.69 4.40
C ARG B 120 -5.07 -32.24 4.81
N GLU B 121 -6.26 -31.80 4.44
CA GLU B 121 -6.67 -30.43 4.77
C GLU B 121 -6.67 -30.22 6.27
N LEU B 122 -7.32 -31.13 7.00
CA LEU B 122 -7.49 -30.98 8.43
C LEU B 122 -6.21 -31.13 9.27
N ASP B 123 -5.11 -31.49 8.62
CA ASP B 123 -3.88 -31.70 9.33
C ASP B 123 -3.26 -30.35 9.53
N MET B 124 -3.51 -29.43 8.60
CA MET B 124 -3.06 -28.05 8.71
C MET B 124 -3.70 -27.39 9.92
N PHE B 125 -4.58 -28.15 10.60
CA PHE B 125 -5.35 -27.67 11.72
C PHE B 125 -5.35 -28.71 12.83
N PRO B 126 -4.36 -28.53 13.74
CA PRO B 126 -4.13 -29.37 14.92
C PRO B 126 -5.43 -29.27 15.69
N ASP B 127 -5.74 -28.06 16.18
CA ASP B 127 -6.91 -27.79 17.05
C ASP B 127 -8.31 -28.23 16.53
N TYR B 128 -8.40 -28.84 15.35
CA TYR B 128 -9.71 -29.14 14.73
C TYR B 128 -9.76 -30.46 13.99
N GLY B 129 -10.89 -31.15 14.13
CA GLY B 129 -11.08 -32.49 13.56
C GLY B 129 -12.10 -32.49 12.42
N TYR B 130 -12.78 -31.37 12.18
CA TYR B 130 -13.74 -31.46 11.12
C TYR B 130 -14.09 -30.12 10.49
N GLY B 131 -14.58 -30.13 9.26
CA GLY B 131 -14.98 -28.87 8.66
C GLY B 131 -15.50 -28.89 7.25
N TRP B 132 -15.80 -27.70 6.68
CA TRP B 132 -16.10 -27.64 5.26
C TRP B 132 -15.05 -26.77 4.60
N PHE B 133 -15.10 -26.77 3.28
CA PHE B 133 -14.48 -25.80 2.41
C PHE B 133 -15.53 -25.40 1.37
N HIS B 134 -15.55 -24.15 0.94
CA HIS B 134 -16.41 -23.73 -0.15
C HIS B 134 -16.00 -22.33 -0.59
N THR B 135 -16.57 -21.88 -1.72
CA THR B 135 -16.38 -20.52 -2.24
C THR B 135 -17.64 -19.63 -2.08
N SER B 136 -17.52 -18.57 -1.28
CA SER B 136 -18.63 -17.66 -0.98
C SER B 136 -18.24 -16.28 -1.54
N LEU B 137 -18.87 -15.20 -1.02
CA LEU B 137 -18.69 -13.80 -1.44
C LEU B 137 -18.40 -12.88 -0.22
N ILE B 138 -17.51 -11.92 -0.41
CA ILE B 138 -17.48 -10.75 0.41
C ILE B 138 -18.09 -9.55 -0.33
N LEU B 139 -18.94 -8.84 0.41
CA LEU B 139 -19.43 -7.49 0.14
C LEU B 139 -19.03 -6.56 1.28
N GLU B 140 -17.89 -5.90 1.18
CA GLU B 140 -17.36 -5.21 2.32
C GLU B 140 -18.27 -4.04 2.63
N GLY B 141 -18.73 -3.93 3.91
CA GLY B 141 -19.68 -2.90 4.38
C GLY B 141 -19.41 -1.45 3.96
N LYS B 142 -18.22 -0.94 4.20
CA LYS B 142 -17.86 0.45 3.89
C LYS B 142 -18.08 0.83 2.40
N ASN B 143 -17.29 0.27 1.47
CA ASN B 143 -17.60 0.35 0.04
C ASN B 143 -19.07 0.17 -0.32
N TYR B 144 -19.72 -0.90 0.13
CA TYR B 144 -21.11 -1.08 -0.24
C TYR B 144 -21.93 0.13 0.09
N LEU B 145 -21.64 0.71 1.23
CA LEU B 145 -22.43 1.79 1.74
C LEU B 145 -22.19 3.12 1.00
N GLN B 146 -20.99 3.27 0.46
CA GLN B 146 -20.61 4.38 -0.36
C GLN B 146 -21.30 4.25 -1.73
N TRP B 147 -21.30 3.05 -2.26
CA TRP B 147 -21.90 2.76 -3.56
C TRP B 147 -23.41 3.04 -3.51
N LEU B 148 -24.10 2.52 -2.47
CA LEU B 148 -25.52 2.79 -2.34
C LEU B 148 -25.76 4.30 -2.27
N THR B 149 -24.82 5.00 -1.69
CA THR B 149 -25.04 6.37 -1.39
C THR B 149 -25.02 7.10 -2.72
N GLU B 150 -23.97 6.92 -3.52
CA GLU B 150 -23.97 7.67 -4.76
C GLU B 150 -25.03 7.22 -5.72
N ARG B 151 -25.47 5.98 -5.56
CA ARG B 151 -26.58 5.47 -6.32
C ARG B 151 -27.89 6.11 -5.89
N LEU B 152 -28.07 6.32 -4.59
CA LEU B 152 -29.24 7.02 -4.06
C LEU B 152 -29.21 8.48 -4.44
N THR B 153 -28.04 9.12 -4.32
CA THR B 153 -27.90 10.57 -4.46
C THR B 153 -28.21 10.89 -5.89
N GLU B 154 -27.68 10.08 -6.80
CA GLU B 154 -27.97 10.31 -8.17
C GLU B 154 -29.40 9.95 -8.54
N ARG B 155 -30.12 9.24 -7.68
CA ARG B 155 -31.55 9.02 -7.96
C ARG B 155 -32.37 10.04 -7.22
N GLY B 156 -31.74 11.06 -6.69
CA GLY B 156 -32.52 12.14 -6.11
C GLY B 156 -32.98 12.04 -4.67
N VAL B 157 -32.99 10.82 -4.09
CA VAL B 157 -33.14 10.63 -2.61
C VAL B 157 -32.23 11.58 -1.79
N LYS B 158 -32.81 12.30 -0.83
CA LYS B 158 -32.05 13.27 0.01
C LYS B 158 -31.69 12.70 1.37
N PHE B 159 -30.48 12.97 1.80
CA PHE B 159 -30.02 12.50 3.10
C PHE B 159 -30.20 13.58 4.15
N PHE B 160 -30.56 13.20 5.39
CA PHE B 160 -30.47 14.17 6.50
C PHE B 160 -29.89 13.57 7.75
N GLN B 161 -29.04 14.36 8.37
CA GLN B 161 -28.32 13.88 9.51
C GLN B 161 -29.10 14.22 10.75
N ARG B 162 -29.82 13.24 11.30
CA ARG B 162 -30.63 13.55 12.46
C ARG B 162 -31.13 12.36 13.27
N LYS B 163 -31.32 12.59 14.56
CA LYS B 163 -31.90 11.61 15.46
C LYS B 163 -33.41 11.82 15.60
N VAL B 164 -34.16 10.75 15.39
CA VAL B 164 -35.57 10.85 15.29
C VAL B 164 -36.05 10.28 16.59
N GLU B 165 -36.77 11.10 17.34
CA GLU B 165 -37.23 10.74 18.65
C GLU B 165 -38.45 9.88 18.67
N SER B 166 -39.31 9.99 17.68
CA SER B 166 -40.46 9.07 17.59
C SER B 166 -40.97 9.00 16.16
N PHE B 167 -41.53 7.88 15.75
CA PHE B 167 -42.31 7.81 14.55
C PHE B 167 -43.19 9.05 14.44
N GLU B 168 -44.09 9.24 15.42
CA GLU B 168 -45.01 10.36 15.38
C GLU B 168 -44.37 11.73 15.06
N GLU B 169 -43.14 12.02 15.49
CA GLU B 169 -42.55 13.30 15.08
C GLU B 169 -42.47 13.39 13.58
N VAL B 170 -42.10 12.28 12.93
CA VAL B 170 -41.91 12.17 11.47
C VAL B 170 -43.23 12.05 10.67
N ALA B 171 -44.18 11.29 11.18
CA ALA B 171 -45.58 11.38 10.72
C ALA B 171 -46.07 12.85 10.85
N ARG B 172 -46.20 13.36 12.06
CA ARG B 172 -46.32 14.81 12.33
C ARG B 172 -45.73 15.62 11.20
N GLU B 173 -44.43 15.50 10.94
CA GLU B 173 -43.79 16.43 10.02
C GLU B 173 -44.14 16.18 8.55
N GLY B 174 -44.86 15.11 8.26
CA GLY B 174 -45.44 14.95 6.91
C GLY B 174 -45.19 13.71 6.06
N ALA B 175 -44.73 12.63 6.66
CA ALA B 175 -44.51 11.38 5.95
C ALA B 175 -45.75 10.54 5.74
N ASP B 176 -45.98 10.09 4.52
CA ASP B 176 -47.01 9.07 4.28
C ASP B 176 -46.56 7.72 4.69
N VAL B 177 -45.30 7.33 4.38
CA VAL B 177 -44.72 6.05 4.89
C VAL B 177 -43.38 6.21 5.62
N ILE B 178 -43.19 5.43 6.70
CA ILE B 178 -41.89 5.38 7.36
C ILE B 178 -41.26 4.01 7.35
N VAL B 179 -39.98 3.99 6.97
CA VAL B 179 -39.26 2.71 6.83
C VAL B 179 -38.20 2.61 7.89
N ASN B 180 -38.43 1.62 8.74
CA ASN B 180 -37.75 1.64 10.04
C ASN B 180 -36.58 0.69 10.02
N CYS B 181 -35.43 1.29 9.82
CA CYS B 181 -34.24 0.57 9.50
C CYS B 181 -33.16 0.95 10.49
N THR B 182 -33.52 0.92 11.77
CA THR B 182 -32.74 1.56 12.81
C THR B 182 -31.80 0.59 13.59
N GLY B 183 -31.75 -0.68 13.18
CA GLY B 183 -30.83 -1.68 13.70
C GLY B 183 -30.92 -1.85 15.22
N VAL B 184 -29.80 -2.19 15.82
CA VAL B 184 -29.78 -2.49 17.22
C VAL B 184 -30.51 -1.37 18.03
N TRP B 185 -30.59 -0.14 17.48
CA TRP B 185 -31.26 0.98 18.18
C TRP B 185 -32.73 1.06 18.02
N ALA B 186 -33.33 0.08 17.36
CA ALA B 186 -34.74 0.10 17.06
C ALA B 186 -35.60 0.44 18.26
N GLY B 187 -35.45 -0.35 19.33
CA GLY B 187 -36.24 -0.20 20.57
C GLY B 187 -36.32 1.21 21.16
N ALA B 188 -35.40 2.09 20.86
CA ALA B 188 -35.57 3.47 21.29
C ALA B 188 -36.76 4.17 20.59
N LEU B 189 -37.61 3.41 19.92
CA LEU B 189 -38.66 4.05 19.16
C LEU B 189 -39.92 3.23 19.35
N GLN B 190 -39.74 1.99 19.73
CA GLN B 190 -40.82 1.09 19.97
C GLN B 190 -40.10 -0.10 20.63
N ARG B 191 -39.98 -0.02 21.96
CA ARG B 191 -39.77 -1.17 22.87
C ARG B 191 -39.95 -2.52 22.15
N ASP B 192 -38.84 -3.19 21.93
CA ASP B 192 -38.82 -4.57 21.47
C ASP B 192 -37.90 -5.29 22.45
N PRO B 193 -38.51 -6.08 23.36
CA PRO B 193 -37.71 -6.67 24.42
C PRO B 193 -36.82 -7.77 23.79
N LEU B 194 -37.29 -8.37 22.66
CA LEU B 194 -36.60 -9.50 21.99
C LEU B 194 -35.34 -9.09 21.24
N LEU B 195 -35.25 -7.80 20.93
CA LEU B 195 -34.07 -7.19 20.27
C LEU B 195 -32.94 -6.98 21.25
N GLN B 196 -31.80 -7.54 20.96
CA GLN B 196 -30.64 -7.26 21.84
C GLN B 196 -29.35 -7.09 21.04
N PRO B 197 -28.42 -6.31 21.60
CA PRO B 197 -27.14 -6.17 20.93
C PRO B 197 -26.23 -7.36 21.25
N GLY B 198 -25.78 -8.06 20.23
CA GLY B 198 -24.54 -8.85 20.40
C GLY B 198 -23.28 -8.07 20.09
N ARG B 199 -22.60 -7.50 21.09
CA ARG B 199 -21.34 -6.75 20.89
C ARG B 199 -20.32 -7.57 20.20
N GLY B 200 -19.53 -6.90 19.34
CA GLY B 200 -18.52 -7.56 18.50
C GLY B 200 -17.30 -6.64 18.40
N GLN B 201 -16.09 -7.21 18.36
CA GLN B 201 -14.87 -6.42 18.25
C GLN B 201 -14.03 -7.07 17.21
N ILE B 202 -13.45 -6.31 16.28
CA ILE B 202 -12.60 -6.90 15.25
C ILE B 202 -11.29 -6.11 15.14
N MET B 203 -10.29 -6.78 14.59
CA MET B 203 -8.98 -6.20 14.20
C MET B 203 -8.80 -6.24 12.69
N LYS B 204 -8.46 -5.08 12.13
CA LYS B 204 -8.11 -4.95 10.74
C LYS B 204 -6.55 -5.09 10.76
N VAL B 205 -6.04 -6.13 10.07
CA VAL B 205 -4.57 -6.36 10.03
C VAL B 205 -4.01 -6.42 8.61
N ASP B 206 -2.72 -6.18 8.42
CA ASP B 206 -2.05 -6.27 7.08
C ASP B 206 -1.40 -7.65 6.90
N ALA B 207 -2.00 -8.53 6.11
CA ALA B 207 -1.45 -9.85 5.79
C ALA B 207 -1.96 -10.22 4.40
N PRO B 208 -1.50 -9.51 3.37
CA PRO B 208 -2.12 -9.79 2.07
C PRO B 208 -1.83 -11.24 1.51
N TRP B 209 -0.90 -11.93 2.14
CA TRP B 209 -0.61 -13.27 1.67
C TRP B 209 -1.81 -14.18 1.99
N MET B 210 -2.70 -13.70 2.85
CA MET B 210 -3.86 -14.51 3.23
C MET B 210 -4.94 -14.50 2.12
N LYS B 211 -5.19 -15.64 1.52
CA LYS B 211 -6.21 -15.68 0.43
C LYS B 211 -7.43 -16.54 0.75
N HIS B 212 -7.56 -17.13 1.93
CA HIS B 212 -8.76 -17.88 2.23
C HIS B 212 -9.38 -17.28 3.48
N PHE B 213 -10.68 -17.35 3.63
CA PHE B 213 -11.27 -17.12 4.96
C PHE B 213 -11.18 -18.40 5.76
N ILE B 214 -11.08 -18.26 7.07
CA ILE B 214 -10.97 -19.39 7.93
C ILE B 214 -11.86 -19.09 9.10
N LEU B 215 -12.95 -19.85 9.27
CA LEU B 215 -13.88 -19.62 10.43
C LEU B 215 -13.93 -20.78 11.35
N THR B 216 -13.72 -20.52 12.65
CA THR B 216 -13.86 -21.62 13.64
C THR B 216 -15.14 -21.52 14.48
N HIS B 217 -15.68 -22.69 14.73
CA HIS B 217 -16.81 -22.82 15.63
C HIS B 217 -16.54 -23.65 16.91
N ASP B 218 -16.88 -23.09 18.05
CA ASP B 218 -16.90 -23.86 19.26
C ASP B 218 -18.22 -23.53 19.94
N PRO B 219 -19.11 -24.54 20.13
CA PRO B 219 -20.46 -24.30 20.70
C PRO B 219 -20.40 -24.06 22.21
N GLU B 220 -19.31 -24.50 22.84
CA GLU B 220 -19.02 -24.17 24.23
C GLU B 220 -19.02 -22.65 24.50
N ARG B 221 -18.98 -21.86 23.43
CA ARG B 221 -18.64 -20.44 23.51
C ARG B 221 -19.49 -19.60 22.57
N GLY B 222 -20.20 -20.25 21.66
CA GLY B 222 -21.21 -19.58 20.85
C GLY B 222 -20.81 -19.33 19.42
N ILE B 223 -21.73 -18.72 18.70
CA ILE B 223 -21.49 -18.26 17.34
C ILE B 223 -20.82 -16.86 17.41
N TYR B 224 -19.96 -16.58 16.41
CA TYR B 224 -19.13 -15.39 16.23
C TYR B 224 -18.17 -15.17 17.40
N ASN B 225 -17.87 -16.24 18.11
CA ASN B 225 -17.22 -16.04 19.41
C ASN B 225 -16.03 -16.94 19.52
N SER B 226 -15.48 -17.21 18.35
CA SER B 226 -14.48 -18.16 18.19
C SER B 226 -13.78 -17.56 17.02
N PRO B 227 -12.44 -17.64 16.98
CA PRO B 227 -11.64 -16.92 16.03
C PRO B 227 -12.09 -17.13 14.61
N TYR B 228 -12.22 -16.03 13.89
CA TYR B 228 -12.34 -16.04 12.47
C TYR B 228 -11.36 -15.01 11.84
N ILE B 229 -11.01 -15.25 10.59
CA ILE B 229 -10.01 -14.53 9.87
C ILE B 229 -10.67 -14.36 8.54
N ILE B 230 -10.98 -13.14 8.19
CA ILE B 230 -11.54 -12.91 6.89
C ILE B 230 -10.69 -11.94 6.07
N PRO B 231 -10.02 -12.40 5.01
CA PRO B 231 -9.34 -11.37 4.24
C PRO B 231 -10.28 -10.41 3.53
N GLY B 232 -10.01 -9.13 3.57
CA GLY B 232 -10.79 -8.25 2.76
C GLY B 232 -10.07 -7.86 1.50
N THR B 233 -10.44 -6.69 1.00
CA THR B 233 -9.85 -6.08 -0.19
C THR B 233 -8.48 -5.53 0.20
N GLN B 234 -8.38 -4.74 1.24
CA GLN B 234 -7.16 -4.01 1.52
C GLN B 234 -6.47 -4.55 2.79
N THR B 235 -7.11 -5.49 3.47
CA THR B 235 -6.78 -5.73 4.84
C THR B 235 -7.51 -6.98 5.29
N VAL B 236 -7.02 -7.64 6.33
CA VAL B 236 -7.57 -8.89 6.79
C VAL B 236 -8.22 -8.64 8.19
N THR B 237 -9.42 -9.18 8.38
CA THR B 237 -10.17 -8.96 9.56
C THR B 237 -10.00 -10.18 10.40
N LEU B 238 -9.67 -9.89 11.66
CA LEU B 238 -9.53 -10.82 12.73
C LEU B 238 -10.60 -10.44 13.74
N GLY B 239 -11.40 -11.42 14.12
CA GLY B 239 -12.49 -11.33 15.10
C GLY B 239 -12.71 -12.72 15.72
N GLY B 240 -13.84 -12.88 16.45
CA GLY B 240 -14.18 -14.04 17.29
C GLY B 240 -14.89 -13.58 18.58
N ILE B 241 -15.36 -12.33 18.62
CA ILE B 241 -16.06 -11.76 19.79
C ILE B 241 -17.57 -11.52 19.65
N PHE B 242 -18.35 -12.31 20.38
CA PHE B 242 -19.82 -12.14 20.53
C PHE B 242 -20.29 -12.03 21.98
N GLN B 243 -20.94 -10.94 22.36
CA GLN B 243 -21.37 -10.72 23.74
C GLN B 243 -22.75 -10.07 23.89
N LEU B 244 -23.83 -10.89 24.02
CA LEU B 244 -25.30 -10.45 24.31
C LEU B 244 -25.47 -9.42 25.39
N GLY B 245 -26.19 -8.34 25.05
CA GLY B 245 -26.45 -7.22 25.98
C GLY B 245 -25.36 -6.23 26.36
N ASN B 246 -24.13 -6.37 25.87
CA ASN B 246 -23.12 -5.39 26.19
C ASN B 246 -23.39 -4.12 25.34
N TRP B 247 -23.33 -2.90 25.89
CA TRP B 247 -23.63 -1.72 25.06
C TRP B 247 -22.49 -0.79 25.05
N SER B 248 -21.27 -1.28 25.31
CA SER B 248 -20.08 -0.41 25.32
C SER B 248 -19.49 -0.32 23.91
N GLU B 249 -19.57 0.88 23.35
CA GLU B 249 -19.00 1.13 22.05
C GLU B 249 -17.56 1.55 22.23
N LEU B 250 -16.76 0.68 22.82
CA LEU B 250 -15.39 1.05 23.14
C LEU B 250 -14.58 -0.16 22.93
N ASN B 251 -13.47 -0.01 22.22
CA ASN B 251 -12.52 -1.10 22.22
C ASN B 251 -11.97 -1.44 23.60
N ASN B 252 -11.80 -2.75 23.73
CA ASN B 252 -11.48 -3.46 24.94
C ASN B 252 -10.17 -4.31 24.83
N ILE B 253 -9.16 -3.89 25.58
CA ILE B 253 -7.99 -4.72 25.91
C ILE B 253 -8.12 -6.27 25.98
N GLN B 254 -9.13 -6.79 26.67
CA GLN B 254 -9.21 -8.26 26.79
C GLN B 254 -9.65 -8.87 25.52
N ASP B 255 -10.68 -8.28 24.89
CA ASP B 255 -11.18 -8.73 23.57
C ASP B 255 -10.05 -8.72 22.49
N HIS B 256 -9.37 -7.55 22.32
CA HIS B 256 -8.12 -7.45 21.59
C HIS B 256 -7.24 -8.67 21.80
N ASN B 257 -6.82 -8.94 23.05
CA ASN B 257 -5.98 -10.13 23.33
C ASN B 257 -6.57 -11.44 22.92
N THR B 258 -7.87 -11.60 23.14
CA THR B 258 -8.56 -12.85 22.76
C THR B 258 -8.52 -13.04 21.23
N ILE B 259 -8.71 -11.94 20.49
CA ILE B 259 -8.72 -11.97 19.04
C ILE B 259 -7.36 -12.40 18.55
N TRP B 260 -6.38 -11.62 18.96
CA TRP B 260 -5.00 -11.85 18.62
C TRP B 260 -4.46 -13.28 18.99
N GLU B 261 -4.97 -13.89 20.07
CA GLU B 261 -4.44 -15.19 20.52
C GLU B 261 -5.05 -16.31 19.69
N GLY B 262 -6.36 -16.32 19.62
CA GLY B 262 -7.05 -17.29 18.82
C GLY B 262 -6.65 -17.19 17.38
N CYS B 263 -6.29 -15.99 16.92
CA CYS B 263 -6.00 -15.89 15.49
C CYS B 263 -4.59 -16.33 15.20
N CYS B 264 -3.66 -15.85 16.01
CA CYS B 264 -2.32 -16.31 15.90
C CYS B 264 -2.26 -17.81 15.97
N ARG B 265 -3.15 -18.41 16.74
CA ARG B 265 -3.11 -19.86 16.93
C ARG B 265 -3.67 -20.52 15.71
N LEU B 266 -4.72 -19.97 15.11
CA LEU B 266 -5.30 -20.59 13.89
C LEU B 266 -4.32 -20.52 12.73
N GLU B 267 -3.49 -19.47 12.72
CA GLU B 267 -2.66 -19.15 11.59
C GLU B 267 -1.43 -18.43 12.09
N PRO B 268 -0.36 -19.19 12.36
CA PRO B 268 0.88 -18.71 12.98
C PRO B 268 1.58 -17.57 12.28
N THR B 269 1.47 -17.51 10.97
CA THR B 269 2.07 -16.46 10.17
C THR B 269 1.47 -15.12 10.50
N LEU B 270 0.42 -15.12 11.28
CA LEU B 270 -0.21 -13.87 11.55
C LEU B 270 0.65 -13.04 12.52
N LYS B 271 1.54 -13.71 13.24
CA LYS B 271 2.42 -13.00 14.20
C LYS B 271 3.18 -11.79 13.66
N ASN B 272 3.95 -11.95 12.60
CA ASN B 272 4.45 -10.79 11.88
C ASN B 272 3.39 -10.06 11.03
N ALA B 273 2.28 -9.63 11.61
CA ALA B 273 1.33 -8.78 10.88
C ALA B 273 1.18 -7.40 11.52
N ARG B 274 0.90 -6.41 10.71
CA ARG B 274 0.77 -5.06 11.16
C ARG B 274 -0.71 -4.76 11.50
N ILE B 275 -0.97 -4.42 12.77
CA ILE B 275 -2.31 -3.94 13.27
C ILE B 275 -2.68 -2.54 12.69
N ILE B 276 -3.75 -2.45 11.91
CA ILE B 276 -3.99 -1.26 11.15
C ILE B 276 -4.96 -0.52 11.94
N GLY B 277 -6.11 -1.17 12.17
CA GLY B 277 -7.23 -0.61 12.90
C GLY B 277 -8.04 -1.58 13.77
N GLU B 278 -8.94 -1.04 14.60
CA GLU B 278 -9.79 -1.84 15.51
C GLU B 278 -11.22 -1.26 15.71
N ARG B 279 -12.24 -2.07 15.82
CA ARG B 279 -13.53 -1.44 15.84
C ARG B 279 -14.49 -2.23 16.63
N THR B 280 -15.56 -1.58 17.15
CA THR B 280 -16.64 -2.31 17.82
C THR B 280 -17.98 -2.03 17.17
N GLY B 281 -18.90 -2.99 17.27
CA GLY B 281 -20.23 -2.80 16.82
C GLY B 281 -21.24 -3.67 17.55
N PHE B 282 -22.50 -3.50 17.19
CA PHE B 282 -23.55 -4.19 17.86
C PHE B 282 -24.38 -4.85 16.80
N ARG B 283 -24.10 -6.10 16.52
CA ARG B 283 -25.06 -6.92 15.85
C ARG B 283 -26.42 -6.72 16.48
N PRO B 284 -27.46 -6.40 15.68
CA PRO B 284 -28.82 -6.26 16.24
C PRO B 284 -29.54 -7.63 16.29
N VAL B 285 -29.46 -8.25 17.48
CA VAL B 285 -29.82 -9.65 17.68
C VAL B 285 -31.26 -9.76 18.06
N ARG B 286 -31.88 -10.85 17.61
CA ARG B 286 -33.31 -11.05 17.75
C ARG B 286 -33.73 -12.43 17.24
N PRO B 287 -34.63 -13.12 17.95
CA PRO B 287 -35.00 -14.47 17.46
C PRO B 287 -35.27 -14.52 15.95
N GLN B 288 -35.77 -13.46 15.35
CA GLN B 288 -35.89 -13.40 13.90
C GLN B 288 -35.92 -11.95 13.46
N ILE B 289 -35.72 -11.72 12.19
CA ILE B 289 -35.77 -10.37 11.70
C ILE B 289 -37.17 -9.86 11.89
N ARG B 290 -37.31 -8.60 12.31
CA ARG B 290 -38.61 -7.97 12.18
C ARG B 290 -38.77 -7.25 10.85
N LEU B 291 -39.63 -7.80 10.01
CA LEU B 291 -39.90 -7.27 8.71
C LEU B 291 -41.38 -7.34 8.38
N GLU B 292 -42.11 -6.38 8.90
CA GLU B 292 -43.54 -6.36 8.70
C GLU B 292 -44.02 -4.94 8.67
N ARG B 293 -45.30 -4.83 8.36
CA ARG B 293 -46.05 -3.59 8.46
C ARG B 293 -46.79 -3.42 9.77
N GLU B 294 -46.97 -2.15 10.09
CA GLU B 294 -47.88 -1.69 11.09
C GLU B 294 -48.28 -0.24 10.77
N GLN B 295 -49.60 0.00 10.70
CA GLN B 295 -50.21 1.34 10.57
C GLN B 295 -50.32 1.97 11.95
N LEU B 296 -49.50 2.98 12.19
CA LEU B 296 -49.46 3.74 13.44
C LEU B 296 -50.53 4.81 13.47
N ARG B 297 -51.61 4.59 14.23
CA ARG B 297 -52.67 5.58 14.48
C ARG B 297 -52.00 6.82 15.04
N THR B 298 -52.36 7.99 14.52
CA THR B 298 -51.58 9.17 14.80
C THR B 298 -52.31 10.37 14.25
N GLY B 299 -53.48 10.62 14.85
CA GLY B 299 -54.30 11.75 14.47
C GLY B 299 -55.27 11.46 13.34
N PRO B 300 -55.47 12.47 12.44
CA PRO B 300 -56.57 12.33 11.50
C PRO B 300 -56.44 10.95 10.86
N SER B 301 -55.32 10.72 10.17
CA SER B 301 -55.06 9.42 9.54
C SER B 301 -53.78 8.72 10.07
N ASN B 302 -53.70 7.39 9.89
CA ASN B 302 -52.48 6.66 10.30
C ASN B 302 -51.36 6.61 9.25
N THR B 303 -50.13 6.89 9.67
CA THR B 303 -48.99 6.73 8.79
C THR B 303 -48.60 5.25 8.69
N GLU B 304 -48.17 4.82 7.50
CA GLU B 304 -47.74 3.45 7.32
C GLU B 304 -46.26 3.16 7.73
N VAL B 305 -46.05 2.18 8.60
CA VAL B 305 -44.67 1.84 8.97
C VAL B 305 -44.18 0.45 8.55
N ILE B 306 -43.06 0.44 7.80
CA ILE B 306 -42.36 -0.80 7.46
C ILE B 306 -41.18 -0.92 8.38
N HIS B 307 -41.18 -1.99 9.18
CA HIS B 307 -39.97 -2.26 10.00
C HIS B 307 -39.14 -3.23 9.25
N ASN B 308 -37.82 -3.00 9.31
CA ASN B 308 -36.87 -3.91 8.70
C ASN B 308 -35.63 -3.79 9.55
N TYR B 309 -35.61 -4.62 10.59
CA TYR B 309 -34.52 -4.61 11.55
C TYR B 309 -34.35 -5.97 12.23
N GLY B 310 -33.22 -6.03 12.97
CA GLY B 310 -32.84 -7.18 13.77
C GLY B 310 -32.20 -8.24 12.91
N HIS B 311 -31.09 -7.90 12.27
CA HIS B 311 -30.50 -8.82 11.30
C HIS B 311 -29.28 -9.55 11.90
N GLY B 312 -28.95 -9.18 13.15
CA GLY B 312 -27.95 -9.93 13.87
C GLY B 312 -26.68 -9.93 13.07
N GLY B 313 -26.08 -11.10 12.92
CA GLY B 313 -24.76 -11.22 12.32
C GLY B 313 -24.84 -11.58 10.84
N TYR B 314 -26.06 -11.48 10.25
CA TYR B 314 -26.23 -11.81 8.83
C TYR B 314 -26.84 -10.73 7.95
N GLY B 315 -26.80 -9.53 8.49
CA GLY B 315 -27.16 -8.34 7.81
C GLY B 315 -26.76 -8.27 6.35
N LEU B 316 -25.46 -8.36 6.04
CA LEU B 316 -25.01 -8.30 4.65
C LEU B 316 -25.44 -9.51 3.86
N THR B 317 -25.45 -10.67 4.50
CA THR B 317 -25.73 -11.92 3.82
C THR B 317 -27.15 -11.97 3.31
N ILE B 318 -27.98 -11.15 3.97
CA ILE B 318 -29.40 -11.11 3.75
C ILE B 318 -29.97 -9.82 3.18
N HIS B 319 -29.29 -8.68 3.30
CA HIS B 319 -29.94 -7.37 3.00
C HIS B 319 -30.85 -7.36 1.78
N TRP B 320 -30.47 -8.08 0.74
CA TRP B 320 -31.19 -7.88 -0.51
C TRP B 320 -32.55 -8.55 -0.52
N GLY B 321 -32.63 -9.83 -0.15
CA GLY B 321 -33.92 -10.44 0.11
C GLY B 321 -34.86 -9.54 0.95
N CYS B 322 -34.36 -8.95 2.02
CA CYS B 322 -35.13 -8.07 2.88
C CYS B 322 -35.72 -6.85 2.21
N ALA B 323 -34.92 -6.23 1.33
CA ALA B 323 -35.25 -4.98 0.67
C ALA B 323 -36.31 -5.24 -0.44
N LEU B 324 -36.19 -6.40 -1.08
CA LEU B 324 -37.15 -6.86 -2.03
C LEU B 324 -38.48 -7.02 -1.33
N GLU B 325 -38.38 -7.47 -0.07
CA GLU B 325 -39.49 -7.80 0.74
C GLU B 325 -40.15 -6.54 1.27
N ALA B 326 -39.39 -5.55 1.72
CA ALA B 326 -39.97 -4.30 2.15
C ALA B 326 -40.67 -3.57 1.00
N ALA B 327 -40.09 -3.65 -0.20
CA ALA B 327 -40.75 -3.16 -1.42
C ALA B 327 -42.05 -3.93 -1.71
N LYS B 328 -42.04 -5.27 -1.53
CA LYS B 328 -43.26 -6.04 -1.69
C LYS B 328 -44.24 -5.36 -0.75
N LEU B 329 -43.93 -5.28 0.53
CA LEU B 329 -44.87 -4.71 1.47
C LEU B 329 -45.30 -3.27 1.07
N PHE B 330 -44.34 -2.43 0.71
CA PHE B 330 -44.59 -1.11 0.18
C PHE B 330 -45.59 -1.12 -1.04
N GLY B 331 -45.37 -2.05 -1.94
CA GLY B 331 -46.23 -2.15 -3.10
C GLY B 331 -47.64 -2.30 -2.60
N ARG B 332 -47.84 -3.17 -1.61
CA ARG B 332 -49.18 -3.50 -1.06
C ARG B 332 -49.87 -2.27 -0.46
N ILE B 333 -49.12 -1.46 0.28
CA ILE B 333 -49.64 -0.21 0.80
C ILE B 333 -50.14 0.63 -0.32
N LEU B 334 -49.40 0.69 -1.41
CA LEU B 334 -49.82 1.47 -2.55
C LEU B 334 -51.18 1.02 -3.09
N GLU B 335 -51.36 -0.28 -3.24
CA GLU B 335 -52.49 -0.75 -4.00
C GLU B 335 -53.74 -0.54 -3.19
N GLU B 336 -53.73 -1.09 -1.97
CA GLU B 336 -54.68 -0.69 -0.92
C GLU B 336 -55.04 0.84 -0.86
N LYS B 337 -54.05 1.73 -1.01
CA LYS B 337 -54.31 3.16 -1.09
C LYS B 337 -54.99 3.62 -2.42
N LYS B 338 -55.23 2.68 -3.35
CA LYS B 338 -55.70 3.01 -4.71
C LYS B 338 -54.75 4.06 -5.32
N LEU B 339 -53.53 3.59 -5.59
CA LEU B 339 -52.40 4.39 -6.05
C LEU B 339 -51.48 3.47 -6.93
N SER B 340 -51.80 2.17 -7.00
CA SER B 340 -51.03 1.19 -7.84
C SER B 340 -51.47 1.19 -9.33
N MET C 1 18.78 7.96 -43.38
CA MET C 1 19.45 8.35 -42.11
C MET C 1 19.12 7.27 -41.06
N ARG C 2 20.10 6.39 -40.86
CA ARG C 2 19.92 5.20 -40.06
C ARG C 2 20.73 5.56 -38.85
N VAL C 3 20.05 5.65 -37.71
CA VAL C 3 20.67 6.11 -36.46
C VAL C 3 20.54 5.00 -35.38
N VAL C 4 21.67 4.45 -34.92
CA VAL C 4 21.62 3.52 -33.82
C VAL C 4 22.05 4.21 -32.54
N VAL C 5 21.13 4.28 -31.57
CA VAL C 5 21.49 4.65 -30.18
C VAL C 5 21.81 3.38 -29.41
N ILE C 6 23.03 3.27 -28.91
CA ILE C 6 23.37 2.12 -28.07
C ILE C 6 23.18 2.52 -26.62
N GLY C 7 22.30 1.81 -25.96
CA GLY C 7 22.21 1.87 -24.52
C GLY C 7 20.86 2.47 -24.23
N ALA C 8 20.20 1.96 -23.17
CA ALA C 8 18.79 2.22 -22.87
C ALA C 8 18.56 2.77 -21.46
N GLY C 9 19.60 3.38 -20.88
CA GLY C 9 19.49 4.03 -19.62
C GLY C 9 18.99 5.41 -19.96
N VAL C 10 18.96 6.27 -18.96
CA VAL C 10 18.55 7.64 -19.11
C VAL C 10 19.34 8.39 -20.13
N ILE C 11 20.60 8.04 -20.33
CA ILE C 11 21.44 8.81 -21.27
C ILE C 11 21.03 8.39 -22.69
N GLY C 12 20.81 7.10 -22.88
CA GLY C 12 20.41 6.51 -24.14
C GLY C 12 19.02 6.96 -24.57
N LEU C 13 18.02 6.64 -23.73
CA LEU C 13 16.62 7.00 -24.06
C LEU C 13 16.40 8.53 -24.20
N SER C 14 16.82 9.30 -23.21
CA SER C 14 16.63 10.76 -23.32
C SER C 14 17.26 11.27 -24.61
N THR C 15 18.56 11.01 -24.79
CA THR C 15 19.24 11.41 -26.03
C THR C 15 18.44 10.99 -27.24
N ALA C 16 17.98 9.74 -27.32
CA ALA C 16 17.20 9.31 -28.48
C ALA C 16 16.03 10.28 -28.72
N LEU C 17 15.16 10.43 -27.72
CA LEU C 17 14.03 11.35 -27.81
C LEU C 17 14.44 12.77 -28.24
N CYS C 18 15.65 13.21 -27.92
CA CYS C 18 15.98 14.58 -28.22
C CYS C 18 16.21 14.71 -29.73
N ILE C 19 17.18 13.96 -30.19
CA ILE C 19 17.46 13.76 -31.61
C ILE C 19 16.19 13.53 -32.49
N HIS C 20 15.17 12.87 -31.95
CA HIS C 20 13.96 12.73 -32.74
C HIS C 20 13.19 14.02 -32.78
N GLU C 21 12.79 14.49 -31.58
CA GLU C 21 11.82 15.60 -31.41
C GLU C 21 12.28 16.91 -32.06
N ARG C 22 13.29 16.79 -32.91
CA ARG C 22 14.08 17.92 -33.29
C ARG C 22 14.79 17.70 -34.60
N TYR C 23 14.46 16.64 -35.34
CA TYR C 23 15.13 16.36 -36.60
C TYR C 23 14.30 15.41 -37.48
N HIS C 24 13.09 15.09 -37.04
CA HIS C 24 12.25 14.17 -37.82
C HIS C 24 11.48 15.06 -38.78
N SER C 25 11.55 16.36 -38.51
CA SER C 25 10.91 17.45 -39.29
C SER C 25 11.86 17.91 -40.42
N VAL C 26 13.16 17.69 -40.24
CA VAL C 26 14.14 18.11 -41.24
C VAL C 26 14.73 16.92 -42.02
N LEU C 27 14.52 15.70 -41.52
CA LEU C 27 14.97 14.52 -42.23
C LEU C 27 13.78 13.64 -42.52
N GLN C 28 13.81 12.96 -43.68
CA GLN C 28 12.70 12.09 -44.12
C GLN C 28 13.05 10.62 -43.76
N PRO C 29 14.11 10.06 -44.39
CA PRO C 29 14.51 8.81 -43.73
C PRO C 29 15.38 9.13 -42.50
N LEU C 30 14.75 9.58 -41.41
CA LEU C 30 15.37 9.54 -40.08
C LEU C 30 14.90 8.30 -39.31
N ASP C 31 15.59 7.17 -39.49
CA ASP C 31 15.28 5.99 -38.68
C ASP C 31 16.22 5.80 -37.48
N ILE C 32 15.58 5.69 -36.30
CA ILE C 32 16.26 5.63 -35.00
C ILE C 32 16.03 4.27 -34.33
N LYS C 33 17.12 3.60 -34.03
CA LYS C 33 16.99 2.41 -33.24
C LYS C 33 17.85 2.47 -31.98
N VAL C 34 17.38 1.74 -30.98
CA VAL C 34 18.08 1.64 -29.71
C VAL C 34 18.51 0.19 -29.65
N TYR C 35 19.82 0.00 -29.44
CA TYR C 35 20.42 -1.30 -29.10
C TYR C 35 20.94 -1.24 -27.68
N ALA C 36 20.47 -2.19 -26.86
CA ALA C 36 20.87 -2.24 -25.46
C ALA C 36 20.92 -3.65 -24.98
N ASP C 37 21.81 -3.87 -24.03
CA ASP C 37 21.95 -5.16 -23.40
C ASP C 37 20.87 -5.40 -22.36
N ARG C 38 20.63 -4.41 -21.51
CA ARG C 38 19.55 -4.52 -20.53
C ARG C 38 18.57 -3.33 -20.54
N PHE C 39 17.30 -3.61 -20.31
CA PHE C 39 16.30 -2.57 -20.44
C PHE C 39 15.69 -2.22 -19.12
N THR C 40 15.19 -1.01 -19.08
CA THR C 40 14.50 -0.30 -18.00
C THR C 40 13.96 -0.83 -16.71
N PRO C 41 13.71 -2.15 -16.61
CA PRO C 41 13.76 -2.65 -15.21
C PRO C 41 15.17 -2.88 -14.66
N LEU C 42 16.18 -3.02 -15.54
CA LEU C 42 17.48 -3.62 -15.18
C LEU C 42 18.78 -2.84 -15.40
N THR C 43 18.73 -1.52 -15.33
CA THR C 43 19.87 -0.66 -15.65
C THR C 43 20.29 0.11 -14.45
N THR C 44 21.45 0.74 -14.55
CA THR C 44 21.88 1.55 -13.43
C THR C 44 20.90 2.71 -13.18
N THR C 45 20.48 3.41 -14.25
CA THR C 45 19.42 4.42 -14.09
C THR C 45 18.29 3.99 -13.11
N ASP C 46 17.84 2.76 -13.18
CA ASP C 46 16.72 2.24 -12.34
C ASP C 46 16.98 2.17 -10.85
N VAL C 47 18.24 2.09 -10.45
CA VAL C 47 18.69 2.07 -9.02
C VAL C 47 18.77 3.44 -8.32
N ALA C 48 18.82 4.53 -9.08
CA ALA C 48 18.99 5.90 -8.54
C ALA C 48 17.72 6.40 -7.94
N ALA C 49 17.82 6.99 -6.78
CA ALA C 49 16.69 7.67 -6.17
C ALA C 49 16.10 8.77 -7.08
N GLY C 50 16.96 9.36 -7.90
CA GLY C 50 16.53 10.36 -8.90
C GLY C 50 16.44 11.76 -8.34
N LEU C 51 17.17 12.07 -7.27
CA LEU C 51 17.08 13.40 -6.65
C LEU C 51 17.92 14.36 -7.46
N TRP C 52 17.53 15.61 -7.65
CA TRP C 52 18.36 16.53 -8.45
C TRP C 52 19.38 17.30 -7.61
N GLN C 53 20.64 17.08 -7.85
CA GLN C 53 21.69 17.85 -7.15
C GLN C 53 23.08 17.50 -7.67
N PRO C 54 23.82 18.48 -8.27
CA PRO C 54 25.13 18.27 -8.87
C PRO C 54 26.20 18.12 -7.77
N TYR C 55 27.47 18.00 -8.10
CA TYR C 55 28.47 17.98 -7.03
C TYR C 55 28.46 19.22 -6.11
N LEU C 56 29.25 19.24 -5.04
CA LEU C 56 29.28 20.48 -4.21
C LEU C 56 30.30 21.59 -4.74
N SER C 57 31.22 21.19 -5.62
CA SER C 57 32.05 22.13 -6.40
C SER C 57 31.72 22.28 -7.94
N ASP C 58 32.13 23.44 -8.52
CA ASP C 58 32.13 23.72 -10.01
C ASP C 58 32.81 22.56 -10.77
N PRO C 59 32.15 22.05 -11.83
CA PRO C 59 32.57 20.80 -12.49
C PRO C 59 33.87 21.00 -13.26
N ASN C 60 34.48 19.94 -13.78
CA ASN C 60 35.76 20.13 -14.49
C ASN C 60 35.61 20.72 -15.87
N ASN C 61 34.55 20.33 -16.54
CA ASN C 61 34.02 21.13 -17.63
C ASN C 61 32.85 22.00 -17.08
N PRO C 62 32.96 23.36 -17.13
CA PRO C 62 31.80 24.12 -16.64
C PRO C 62 30.63 24.16 -17.65
N GLN C 63 30.68 23.37 -18.72
CA GLN C 63 29.49 23.15 -19.57
C GLN C 63 28.45 22.33 -18.81
N GLU C 64 28.92 21.55 -17.82
CA GLU C 64 28.10 20.60 -17.04
C GLU C 64 27.07 21.32 -16.14
N ALA C 65 27.55 22.33 -15.41
CA ALA C 65 26.71 23.14 -14.54
C ALA C 65 25.56 23.65 -15.39
N ASP C 66 25.86 23.99 -16.62
CA ASP C 66 24.81 24.54 -17.43
C ASP C 66 23.80 23.50 -17.76
N TRP C 67 24.28 22.30 -18.06
CA TRP C 67 23.47 21.18 -18.49
C TRP C 67 22.54 20.73 -17.39
N SER C 68 23.06 20.75 -16.16
CA SER C 68 22.28 20.60 -14.95
C SER C 68 21.17 21.62 -14.73
N GLN C 69 21.47 22.91 -14.94
CA GLN C 69 20.50 24.01 -14.79
C GLN C 69 19.45 23.77 -15.83
N GLN C 70 19.94 23.38 -17.00
CA GLN C 70 19.09 23.29 -18.15
C GLN C 70 18.04 22.23 -17.84
N THR C 71 18.54 21.04 -17.48
CA THR C 71 17.75 19.90 -17.00
C THR C 71 16.79 20.26 -15.86
N PHE C 72 17.27 20.96 -14.84
CA PHE C 72 16.38 21.34 -13.76
C PHE C 72 15.18 22.20 -14.21
N ASP C 73 15.49 23.18 -15.06
CA ASP C 73 14.52 24.06 -15.62
C ASP C 73 13.45 23.36 -16.45
N TYR C 74 13.92 22.43 -17.28
CA TYR C 74 13.03 21.63 -18.09
C TYR C 74 12.14 20.76 -17.20
N LEU C 75 12.72 20.05 -16.25
CA LEU C 75 11.90 19.31 -15.29
C LEU C 75 10.85 20.20 -14.58
N LEU C 76 11.30 21.36 -14.07
CA LEU C 76 10.48 22.20 -13.21
C LEU C 76 9.31 22.76 -13.98
N SER C 77 9.51 23.05 -15.25
CA SER C 77 8.43 23.60 -16.01
C SER C 77 7.34 22.54 -16.26
N HIS C 78 7.61 21.31 -15.86
CA HIS C 78 6.69 20.17 -16.05
C HIS C 78 6.26 19.56 -14.70
N VAL C 79 6.60 20.20 -13.60
CA VAL C 79 6.32 19.58 -12.30
C VAL C 79 4.84 19.60 -12.06
N HIS C 80 4.16 20.56 -12.66
CA HIS C 80 2.78 20.79 -12.29
C HIS C 80 1.76 20.50 -13.39
N SER C 81 2.16 19.79 -14.44
CA SER C 81 1.17 19.21 -15.35
C SER C 81 0.71 17.81 -14.87
N PRO C 82 -0.53 17.40 -15.20
CA PRO C 82 -1.06 16.04 -14.89
C PRO C 82 -0.20 14.81 -15.25
N ASN C 83 0.84 14.99 -16.07
CA ASN C 83 1.87 13.95 -16.40
C ASN C 83 2.79 13.54 -15.25
N ALA C 84 3.06 14.48 -14.34
CA ALA C 84 4.15 14.39 -13.40
C ALA C 84 4.31 13.02 -12.78
N GLU C 85 3.25 12.55 -12.10
CA GLU C 85 3.08 11.15 -11.70
C GLU C 85 3.73 10.14 -12.65
N ASN C 86 3.49 10.22 -13.96
CA ASN C 86 4.01 9.20 -14.88
C ASN C 86 5.50 9.15 -15.16
N LEU C 87 6.15 10.32 -15.19
CA LEU C 87 7.60 10.39 -15.26
C LEU C 87 8.20 10.05 -13.91
N GLY C 88 7.37 10.09 -12.87
CA GLY C 88 7.87 9.92 -11.51
C GLY C 88 8.64 11.13 -10.99
N LEU C 89 8.15 12.33 -11.36
CA LEU C 89 8.76 13.61 -11.04
C LEU C 89 7.86 14.34 -10.07
N PHE C 90 8.38 14.86 -8.96
CA PHE C 90 7.62 15.70 -8.04
C PHE C 90 8.72 16.47 -7.30
N LEU C 91 8.32 17.43 -6.45
CA LEU C 91 9.21 18.34 -5.71
C LEU C 91 9.46 17.87 -4.32
N ILE C 92 10.69 17.89 -3.85
CA ILE C 92 10.98 17.53 -2.48
C ILE C 92 11.96 18.51 -1.85
N SER C 93 11.99 18.56 -0.52
CA SER C 93 12.75 19.50 0.30
C SER C 93 13.57 18.77 1.35
N GLY C 94 14.72 19.32 1.68
CA GLY C 94 15.57 18.59 2.59
C GLY C 94 16.89 19.22 2.96
N TYR C 95 17.52 18.53 3.89
CA TYR C 95 18.75 18.92 4.53
C TYR C 95 19.92 18.34 3.79
N ASN C 96 20.88 19.20 3.45
CA ASN C 96 22.28 18.78 3.33
C ASN C 96 23.03 19.10 4.66
N LEU C 97 23.79 18.13 5.17
CA LEU C 97 24.47 18.32 6.39
C LEU C 97 25.96 18.01 6.28
N PHE C 98 26.74 18.77 7.06
CA PHE C 98 28.19 18.66 7.10
C PHE C 98 28.66 18.82 8.53
N HIS C 99 29.96 18.54 8.72
CA HIS C 99 30.63 18.74 10.02
C HIS C 99 30.97 20.23 10.36
N GLU C 100 31.52 20.97 9.37
CA GLU C 100 31.90 22.41 9.49
C GLU C 100 31.31 23.34 8.38
N ALA C 101 31.46 24.67 8.52
CA ALA C 101 31.10 25.57 7.39
C ALA C 101 31.85 25.28 6.06
N ILE C 102 31.27 25.74 4.93
CA ILE C 102 31.67 25.36 3.57
C ILE C 102 30.89 26.31 2.65
N PRO C 103 31.47 26.71 1.51
CA PRO C 103 30.68 27.71 0.78
C PRO C 103 29.40 27.16 0.11
N ASP C 104 28.51 28.07 -0.25
CA ASP C 104 27.39 27.78 -1.14
C ASP C 104 27.82 27.02 -2.40
N PRO C 105 26.86 26.51 -3.17
CA PRO C 105 27.25 25.75 -4.33
C PRO C 105 26.84 26.54 -5.51
N SER C 106 27.50 26.39 -6.65
CA SER C 106 27.07 27.21 -7.81
C SER C 106 25.58 27.21 -8.13
N TRP C 107 24.89 26.13 -7.78
CA TRP C 107 23.48 25.97 -8.15
C TRP C 107 22.50 26.63 -7.18
N LYS C 108 23.02 27.28 -6.11
CA LYS C 108 22.16 27.89 -5.06
C LYS C 108 20.99 28.70 -5.60
N ASP C 109 21.07 29.09 -6.87
CA ASP C 109 20.11 29.98 -7.42
C ASP C 109 19.21 29.25 -8.34
N THR C 110 19.57 28.01 -8.66
CA THR C 110 18.74 27.21 -9.54
C THR C 110 17.60 26.59 -8.75
N VAL C 111 17.92 25.94 -7.62
CA VAL C 111 16.95 25.31 -6.73
C VAL C 111 16.06 26.36 -6.08
N LEU C 112 15.18 25.93 -5.18
CA LEU C 112 14.14 26.79 -4.65
C LEU C 112 14.39 26.99 -3.19
N GLY C 113 14.54 28.26 -2.83
CA GLY C 113 14.66 28.64 -1.45
C GLY C 113 15.93 28.18 -0.80
N PHE C 114 17.01 28.06 -1.56
CA PHE C 114 18.24 27.61 -0.94
C PHE C 114 18.52 28.44 0.33
N ARG C 115 18.75 27.80 1.46
CA ARG C 115 19.18 28.61 2.59
C ARG C 115 19.93 27.85 3.61
N LYS C 116 20.41 28.53 4.63
CA LYS C 116 21.32 27.90 5.58
C LYS C 116 20.49 27.35 6.67
N LEU C 117 20.99 26.34 7.35
CA LEU C 117 20.25 25.81 8.47
C LEU C 117 20.32 26.74 9.68
N THR C 118 19.18 26.97 10.34
CA THR C 118 19.02 27.75 11.57
C THR C 118 19.35 26.89 12.79
N PRO C 119 19.78 27.51 13.92
CA PRO C 119 20.02 26.68 15.11
C PRO C 119 18.91 25.65 15.34
N ARG C 120 17.68 26.15 15.58
CA ARG C 120 16.50 25.30 15.83
C ARG C 120 16.67 23.96 15.10
N GLU C 121 16.89 24.07 13.78
CA GLU C 121 16.94 22.93 12.87
C GLU C 121 18.14 22.03 13.12
N LEU C 122 19.33 22.66 13.20
CA LEU C 122 20.58 21.94 13.44
C LEU C 122 20.61 20.99 14.67
N ASP C 123 19.90 21.37 15.73
CA ASP C 123 19.81 20.53 16.91
C ASP C 123 19.35 19.14 16.57
N MET C 124 18.28 19.04 15.76
CA MET C 124 17.76 17.75 15.33
C MET C 124 18.84 16.74 14.90
N PHE C 125 20.05 17.22 14.62
CA PHE C 125 21.13 16.36 14.14
C PHE C 125 22.43 16.51 14.95
N PRO C 126 22.52 15.82 16.12
CA PRO C 126 23.69 15.80 16.99
C PRO C 126 25.00 15.80 16.17
N ASP C 127 25.38 14.61 15.72
CA ASP C 127 26.57 14.38 14.84
C ASP C 127 27.01 15.46 13.82
N TYR C 128 26.16 16.45 13.50
CA TYR C 128 26.50 17.45 12.46
C TYR C 128 26.42 18.85 13.04
N GLY C 129 26.80 19.86 12.28
CA GLY C 129 27.02 21.19 12.88
C GLY C 129 26.83 22.35 11.92
N TYR C 130 26.58 22.01 10.67
CA TYR C 130 26.34 22.99 9.62
C TYR C 130 25.67 22.32 8.40
N GLY C 131 25.03 23.12 7.54
CA GLY C 131 24.44 22.63 6.27
C GLY C 131 23.29 23.41 5.68
N TRP C 132 22.95 23.15 4.42
CA TRP C 132 21.84 23.85 3.77
C TRP C 132 20.46 23.19 4.03
N PHE C 133 19.41 23.84 3.49
CA PHE C 133 18.06 23.35 3.36
C PHE C 133 17.61 23.95 2.07
N HIS C 134 16.96 23.20 1.19
CA HIS C 134 16.36 23.78 -0.02
C HIS C 134 15.25 22.91 -0.54
N THR C 135 14.75 23.19 -1.74
CA THR C 135 13.73 22.40 -2.35
C THR C 135 14.22 22.05 -3.74
N SER C 136 14.10 20.78 -4.12
CA SER C 136 14.64 20.32 -5.39
C SER C 136 13.56 19.44 -6.04
N LEU C 137 13.95 18.62 -7.00
CA LEU C 137 13.06 17.71 -7.66
C LEU C 137 13.59 16.28 -7.49
N ILE C 138 12.68 15.29 -7.45
CA ILE C 138 13.07 13.93 -7.78
C ILE C 138 12.50 13.53 -9.15
N LEU C 139 13.33 12.87 -9.95
CA LEU C 139 12.95 12.23 -11.19
C LEU C 139 13.35 10.75 -11.11
N GLU C 140 12.39 9.94 -10.66
CA GLU C 140 12.52 8.50 -10.42
C GLU C 140 12.79 7.77 -11.74
N GLY C 141 13.99 7.23 -11.83
CA GLY C 141 14.55 6.71 -13.08
C GLY C 141 13.70 5.61 -13.64
N LYS C 142 13.31 4.71 -12.75
CA LYS C 142 12.41 3.67 -13.15
C LYS C 142 11.10 4.16 -13.89
N ASN C 143 10.30 5.04 -13.31
CA ASN C 143 9.18 5.63 -14.06
C ASN C 143 9.58 6.46 -15.30
N TYR C 144 10.66 7.24 -15.16
CA TYR C 144 11.10 8.08 -16.23
C TYR C 144 11.50 7.18 -17.38
N LEU C 145 12.27 6.17 -17.05
CA LEU C 145 12.70 5.28 -18.06
C LEU C 145 11.49 4.71 -18.80
N GLN C 146 10.43 4.37 -18.04
CA GLN C 146 9.19 3.81 -18.62
C GLN C 146 8.46 4.82 -19.48
N TRP C 147 8.43 6.06 -19.02
CA TRP C 147 7.85 7.16 -19.77
C TRP C 147 8.69 7.36 -21.04
N LEU C 148 10.01 7.65 -20.92
CA LEU C 148 10.80 7.85 -22.13
C LEU C 148 10.48 6.78 -23.13
N THR C 149 10.47 5.53 -22.66
CA THR C 149 10.13 4.41 -23.52
C THR C 149 8.86 4.70 -24.32
N GLU C 150 7.71 4.87 -23.62
CA GLU C 150 6.43 5.01 -24.36
C GLU C 150 6.33 6.22 -25.32
N ARG C 151 7.05 7.30 -25.00
CA ARG C 151 7.37 8.44 -25.89
C ARG C 151 8.14 8.01 -27.16
N LEU C 152 9.24 7.25 -27.01
CA LEU C 152 10.02 6.75 -28.18
C LEU C 152 9.26 5.79 -29.06
N THR C 153 8.37 5.07 -28.42
CA THR C 153 7.63 3.98 -29.07
C THR C 153 6.63 4.66 -29.93
N GLU C 154 5.80 5.51 -29.32
CA GLU C 154 4.83 6.19 -30.12
C GLU C 154 5.47 7.06 -31.20
N ARG C 155 6.78 7.24 -31.16
CA ARG C 155 7.55 7.88 -32.25
C ARG C 155 8.21 6.92 -33.23
N GLY C 156 7.88 5.65 -33.14
CA GLY C 156 8.38 4.62 -34.11
C GLY C 156 9.85 4.23 -34.04
N VAL C 157 10.49 4.59 -32.94
CA VAL C 157 11.78 4.03 -32.60
C VAL C 157 11.63 2.59 -32.12
N LYS C 158 12.01 1.65 -32.97
CA LYS C 158 12.23 0.23 -32.60
C LYS C 158 13.40 0.00 -31.58
N PHE C 159 13.18 -0.87 -30.60
CA PHE C 159 14.18 -1.17 -29.59
C PHE C 159 14.65 -2.56 -29.82
N PHE C 160 15.95 -2.83 -29.73
CA PHE C 160 16.42 -4.25 -29.77
C PHE C 160 17.27 -4.64 -28.61
N GLN C 161 17.02 -5.83 -28.11
CA GLN C 161 17.84 -6.38 -27.03
C GLN C 161 19.08 -7.01 -27.61
N ARG C 162 20.23 -6.37 -27.42
CA ARG C 162 21.47 -7.00 -27.85
C ARG C 162 22.73 -6.30 -27.29
N LYS C 163 23.77 -7.11 -27.06
CA LYS C 163 25.05 -6.65 -26.68
C LYS C 163 25.86 -6.44 -27.95
N VAL C 164 26.26 -5.20 -28.11
CA VAL C 164 27.12 -4.76 -29.22
C VAL C 164 28.57 -5.10 -28.85
N GLU C 165 29.25 -5.78 -29.76
CA GLU C 165 30.64 -6.20 -29.54
C GLU C 165 31.69 -5.16 -29.96
N SER C 166 31.38 -4.36 -30.97
CA SER C 166 32.28 -3.28 -31.43
C SER C 166 31.44 -2.38 -32.31
N PHE C 167 31.92 -1.18 -32.60
CA PHE C 167 31.24 -0.26 -33.53
C PHE C 167 31.16 -0.77 -34.98
N GLU C 168 32.25 -1.39 -35.43
CA GLU C 168 32.33 -1.91 -36.79
C GLU C 168 31.12 -2.79 -37.05
N GLU C 169 30.77 -3.64 -36.07
CA GLU C 169 29.56 -4.44 -36.11
C GLU C 169 28.37 -3.60 -36.57
N VAL C 170 28.11 -2.49 -35.91
CA VAL C 170 26.92 -1.72 -36.20
C VAL C 170 27.02 -0.96 -37.53
N ALA C 171 28.12 -0.22 -37.66
CA ALA C 171 28.52 0.43 -38.91
C ALA C 171 28.24 -0.51 -40.08
N ARG C 172 29.10 -1.51 -40.25
CA ARG C 172 28.96 -2.51 -41.32
C ARG C 172 27.51 -2.65 -41.64
N GLU C 173 26.70 -3.04 -40.64
CA GLU C 173 25.28 -3.37 -40.87
C GLU C 173 24.30 -2.18 -41.17
N GLY C 174 24.84 -1.04 -41.65
CA GLY C 174 24.03 0.07 -42.24
C GLY C 174 23.91 1.45 -41.53
N ALA C 175 24.41 1.50 -40.31
CA ALA C 175 24.33 2.66 -39.49
C ALA C 175 25.04 3.91 -40.04
N ASP C 176 24.27 4.89 -40.49
CA ASP C 176 24.80 6.25 -40.73
C ASP C 176 25.45 6.91 -39.48
N VAL C 177 24.80 6.89 -38.31
CA VAL C 177 25.40 7.43 -37.04
C VAL C 177 25.15 6.58 -35.74
N ILE C 178 26.20 6.45 -34.92
CA ILE C 178 26.14 5.71 -33.65
C ILE C 178 26.36 6.59 -32.42
N VAL C 179 25.33 6.64 -31.56
CA VAL C 179 25.35 7.40 -30.31
C VAL C 179 25.62 6.43 -29.20
N ASN C 180 26.72 6.68 -28.49
CA ASN C 180 27.29 5.74 -27.54
C ASN C 180 26.91 6.09 -26.13
N CYS C 181 25.87 5.44 -25.60
CA CYS C 181 25.35 5.81 -24.28
C CYS C 181 25.38 4.62 -23.40
N THR C 182 26.57 4.13 -23.18
CA THR C 182 26.77 2.79 -22.77
C THR C 182 27.21 2.82 -21.33
N GLY C 183 27.29 4.01 -20.77
CA GLY C 183 27.57 4.15 -19.36
C GLY C 183 28.87 3.51 -18.98
N VAL C 184 28.89 2.98 -17.77
CA VAL C 184 30.05 2.29 -17.23
C VAL C 184 30.63 1.20 -18.14
N TRP C 185 29.85 0.58 -19.01
CA TRP C 185 30.41 -0.47 -19.85
C TRP C 185 30.95 0.01 -21.15
N ALA C 186 31.21 1.31 -21.28
CA ALA C 186 31.69 1.89 -22.55
C ALA C 186 33.10 1.41 -22.91
N GLY C 187 33.89 1.09 -21.88
CA GLY C 187 35.31 0.71 -22.00
C GLY C 187 35.52 -0.51 -22.86
N ALA C 188 34.54 -1.40 -22.86
CA ALA C 188 34.52 -2.57 -23.71
C ALA C 188 34.24 -2.19 -25.18
N LEU C 189 33.98 -0.92 -25.48
CA LEU C 189 33.72 -0.54 -26.87
C LEU C 189 34.87 0.29 -27.43
N GLN C 190 35.49 1.05 -26.54
CA GLN C 190 36.68 1.80 -26.85
C GLN C 190 37.35 2.05 -25.52
N ARG C 191 38.48 1.36 -25.30
CA ARG C 191 39.22 1.46 -24.05
C ARG C 191 39.12 2.92 -23.61
N ASP C 192 38.81 3.13 -22.33
CA ASP C 192 38.88 4.47 -21.74
C ASP C 192 39.32 4.37 -20.28
N PRO C 193 40.61 4.64 -20.01
CA PRO C 193 41.06 4.34 -18.67
C PRO C 193 40.63 5.43 -17.66
N LEU C 194 40.12 6.57 -18.13
CA LEU C 194 39.54 7.56 -17.20
C LEU C 194 38.09 7.25 -16.66
N LEU C 195 37.41 6.28 -17.29
CA LEU C 195 36.13 5.76 -16.82
C LEU C 195 36.33 4.51 -15.97
N GLN C 196 35.68 4.49 -14.82
CA GLN C 196 35.86 3.42 -13.87
C GLN C 196 34.57 3.49 -13.06
N PRO C 197 34.14 2.37 -12.44
CA PRO C 197 32.79 2.32 -11.86
C PRO C 197 32.74 2.70 -10.40
N GLY C 198 31.75 3.53 -10.07
CA GLY C 198 31.42 3.88 -8.67
C GLY C 198 30.35 2.99 -8.05
N ARG C 199 30.72 1.79 -7.63
CA ARG C 199 29.72 0.88 -7.06
C ARG C 199 28.99 1.55 -5.93
N GLY C 200 27.67 1.50 -6.02
CA GLY C 200 26.75 1.97 -4.95
C GLY C 200 25.68 0.90 -4.64
N GLN C 201 25.23 0.88 -3.39
CA GLN C 201 24.23 -0.09 -3.00
C GLN C 201 23.18 0.74 -2.25
N ILE C 202 21.90 0.47 -2.49
CA ILE C 202 20.84 1.12 -1.73
C ILE C 202 19.83 0.11 -1.19
N MET C 203 19.07 0.51 -0.16
CA MET C 203 17.89 -0.19 0.38
C MET C 203 16.65 0.67 0.22
N LYS C 204 15.60 0.08 -0.34
CA LYS C 204 14.31 0.71 -0.47
C LYS C 204 13.56 0.24 0.78
N VAL C 205 13.23 1.21 1.64
CA VAL C 205 12.43 0.92 2.81
C VAL C 205 11.03 1.54 2.70
N ASP C 206 10.08 1.02 3.47
CA ASP C 206 8.73 1.63 3.59
C ASP C 206 8.68 2.49 4.86
N ALA C 207 8.96 3.79 4.75
CA ALA C 207 8.73 4.74 5.84
C ALA C 207 7.92 5.92 5.33
N PRO C 208 6.59 5.72 5.10
CA PRO C 208 5.90 6.81 4.35
C PRO C 208 5.84 8.16 5.13
N TRP C 209 6.19 8.17 6.42
CA TRP C 209 6.10 9.45 7.17
C TRP C 209 7.27 10.38 6.93
N MET C 210 8.32 9.91 6.25
CA MET C 210 9.47 10.71 5.89
C MET C 210 9.18 11.64 4.70
N LYS C 211 9.02 12.93 4.98
CA LYS C 211 8.70 13.88 3.94
C LYS C 211 9.86 14.69 3.52
N HIS C 212 11.08 14.42 3.96
CA HIS C 212 12.23 15.29 3.56
C HIS C 212 13.40 14.41 3.19
N PHE C 213 14.24 14.89 2.29
CA PHE C 213 15.53 14.23 2.09
C PHE C 213 16.58 14.73 3.07
N ILE C 214 17.41 13.80 3.49
CA ILE C 214 18.50 14.10 4.34
C ILE C 214 19.80 13.51 3.73
N LEU C 215 20.69 14.35 3.20
CA LEU C 215 22.01 13.87 2.73
C LEU C 215 23.14 14.34 3.61
N THR C 216 23.88 13.43 4.19
CA THR C 216 25.05 13.90 4.95
C THR C 216 26.33 13.94 4.10
N HIS C 217 27.24 14.84 4.50
CA HIS C 217 28.56 14.90 3.86
C HIS C 217 29.73 14.80 4.83
N ASP C 218 30.69 13.99 4.45
CA ASP C 218 31.93 13.81 5.20
C ASP C 218 33.07 13.69 4.19
N PRO C 219 34.01 14.69 4.15
CA PRO C 219 35.15 14.58 3.22
C PRO C 219 36.02 13.33 3.50
N GLU C 220 36.28 13.03 4.78
CA GLU C 220 37.07 11.84 5.19
C GLU C 220 36.60 10.48 4.59
N ARG C 221 35.28 10.28 4.39
CA ARG C 221 34.78 9.00 3.85
C ARG C 221 34.41 9.09 2.40
N GLY C 222 33.98 10.26 1.95
CA GLY C 222 33.86 10.49 0.52
C GLY C 222 32.50 10.94 0.05
N ILE C 223 32.52 11.55 -1.13
CA ILE C 223 31.29 11.81 -1.88
C ILE C 223 30.46 10.52 -2.07
N TYR C 224 29.17 10.62 -1.80
CA TYR C 224 28.24 9.50 -2.00
C TYR C 224 28.40 8.40 -0.95
N ASN C 225 29.36 8.56 -0.04
CA ASN C 225 29.83 7.46 0.87
C ASN C 225 29.44 7.72 2.29
N SER C 226 28.55 8.68 2.41
CA SER C 226 28.11 9.11 3.68
C SER C 226 26.59 8.86 3.60
N PRO C 227 25.93 8.58 4.74
CA PRO C 227 24.51 8.28 4.69
C PRO C 227 23.57 9.31 4.04
N TYR C 228 22.71 8.82 3.12
CA TYR C 228 21.58 9.59 2.58
C TYR C 228 20.20 8.86 2.67
N ILE C 229 19.11 9.65 2.74
CA ILE C 229 17.76 9.19 3.01
C ILE C 229 16.96 10.01 2.09
N ILE C 230 16.47 9.38 1.02
CA ILE C 230 15.76 10.07 -0.06
C ILE C 230 14.32 9.54 -0.25
N PRO C 231 13.30 10.24 0.32
CA PRO C 231 11.90 9.81 0.06
C PRO C 231 11.57 9.71 -1.41
N GLY C 232 11.00 8.58 -1.75
CA GLY C 232 10.59 8.35 -3.11
C GLY C 232 9.08 8.45 -3.08
N THR C 233 8.54 8.06 -4.20
CA THR C 233 7.15 8.06 -4.42
C THR C 233 6.44 6.98 -3.51
N GLN C 234 6.83 5.73 -3.64
CA GLN C 234 6.22 4.66 -2.86
C GLN C 234 7.17 4.24 -1.68
N THR C 235 8.36 4.81 -1.66
CA THR C 235 9.29 4.17 -0.83
C THR C 235 10.43 5.09 -0.43
N VAL C 236 11.18 4.78 0.61
CA VAL C 236 12.26 5.68 0.94
C VAL C 236 13.58 5.02 0.65
N THR C 237 14.45 5.70 -0.11
CA THR C 237 15.76 5.13 -0.39
C THR C 237 16.79 5.38 0.71
N LEU C 238 17.38 4.29 1.22
CA LEU C 238 18.53 4.44 2.12
C LEU C 238 19.78 4.07 1.37
N GLY C 239 20.69 5.03 1.16
CA GLY C 239 22.08 4.72 0.72
C GLY C 239 23.27 5.38 1.41
N GLY C 240 24.44 5.33 0.78
CA GLY C 240 25.65 5.93 1.36
C GLY C 240 26.91 5.12 1.09
N ILE C 241 26.93 4.49 -0.07
CA ILE C 241 27.99 3.58 -0.43
C ILE C 241 28.55 3.88 -1.80
N PHE C 242 29.85 4.19 -1.80
CA PHE C 242 30.58 4.50 -3.05
C PHE C 242 31.94 3.80 -3.06
N GLN C 243 32.17 2.92 -4.05
CA GLN C 243 33.41 2.14 -4.23
C GLN C 243 33.90 2.20 -5.69
N LEU C 244 34.92 3.03 -5.96
CA LEU C 244 35.58 3.07 -7.27
C LEU C 244 36.21 1.74 -7.54
N GLY C 245 36.06 1.22 -8.74
CA GLY C 245 36.79 0.02 -9.10
C GLY C 245 36.16 -1.29 -8.73
N ASN C 246 35.20 -1.29 -7.81
CA ASN C 246 34.43 -2.53 -7.50
C ASN C 246 33.39 -2.88 -8.60
N TRP C 247 33.44 -4.09 -9.12
CA TRP C 247 32.56 -4.43 -10.20
C TRP C 247 31.57 -5.48 -9.79
N SER C 248 31.34 -5.70 -8.49
CA SER C 248 30.40 -6.75 -8.04
C SER C 248 28.97 -6.23 -8.02
N GLU C 249 28.23 -6.63 -9.04
CA GLU C 249 26.81 -6.40 -9.06
C GLU C 249 26.23 -7.46 -8.17
N LEU C 250 26.35 -7.33 -6.87
CA LEU C 250 25.76 -8.33 -5.99
C LEU C 250 25.68 -7.61 -4.69
N ASN C 251 24.50 -7.69 -4.08
CA ASN C 251 24.30 -7.09 -2.78
C ASN C 251 25.21 -7.65 -1.69
N ASN C 252 25.71 -6.74 -0.87
CA ASN C 252 26.73 -7.04 0.08
C ASN C 252 26.33 -6.77 1.55
N ILE C 253 26.36 -7.84 2.32
CA ILE C 253 25.97 -7.84 3.70
C ILE C 253 26.56 -6.67 4.50
N GLN C 254 27.87 -6.40 4.36
CA GLN C 254 28.47 -5.37 5.18
C GLN C 254 27.97 -4.05 4.68
N ASP C 255 27.81 -3.96 3.35
CA ASP C 255 27.27 -2.72 2.76
C ASP C 255 25.85 -2.46 3.30
N HIS C 256 24.98 -3.46 3.23
CA HIS C 256 23.73 -3.42 3.97
C HIS C 256 23.89 -2.93 5.46
N ASN C 257 24.81 -3.49 6.26
CA ASN C 257 24.98 -2.97 7.63
C ASN C 257 25.38 -1.47 7.74
N THR C 258 26.26 -1.01 6.84
CA THR C 258 26.69 0.37 6.93
C THR C 258 25.52 1.31 6.67
N ILE C 259 24.82 1.08 5.55
CA ILE C 259 23.67 1.90 5.13
C ILE C 259 22.69 2.00 6.30
N TRP C 260 22.37 0.82 6.83
CA TRP C 260 21.35 0.66 7.81
C TRP C 260 21.68 1.34 9.13
N GLU C 261 22.91 1.17 9.65
CA GLU C 261 23.36 1.88 10.90
C GLU C 261 23.41 3.39 10.74
N GLY C 262 24.17 3.83 9.75
CA GLY C 262 24.22 5.22 9.33
C GLY C 262 22.89 5.93 9.14
N CYS C 263 21.85 5.25 8.67
CA CYS C 263 20.61 5.98 8.42
C CYS C 263 19.76 6.06 9.65
N CYS C 264 19.84 5.03 10.48
CA CYS C 264 19.12 4.98 11.74
C CYS C 264 19.62 6.04 12.67
N ARG C 265 20.95 6.26 12.64
CA ARG C 265 21.65 7.15 13.56
C ARG C 265 21.15 8.45 13.20
N LEU C 266 21.17 8.71 11.89
CA LEU C 266 20.67 9.93 11.31
C LEU C 266 19.20 10.15 11.63
N GLU C 267 18.41 9.09 11.77
CA GLU C 267 16.99 9.21 11.96
C GLU C 267 16.40 7.99 12.69
N PRO C 268 16.31 8.05 14.03
CA PRO C 268 15.95 6.84 14.77
C PRO C 268 14.63 6.16 14.40
N THR C 269 13.62 6.95 14.05
CA THR C 269 12.28 6.48 13.64
C THR C 269 12.39 5.49 12.50
N LEU C 270 13.52 5.51 11.81
CA LEU C 270 13.80 4.51 10.79
C LEU C 270 13.83 3.03 11.24
N LYS C 271 14.13 2.76 12.51
CA LYS C 271 14.20 1.36 12.99
C LYS C 271 13.04 0.43 12.71
N ASN C 272 11.83 0.96 12.85
CA ASN C 272 10.61 0.24 12.51
C ASN C 272 10.18 0.40 11.03
N ALA C 273 11.14 0.39 10.11
CA ALA C 273 10.76 0.44 8.74
C ALA C 273 10.94 -0.95 8.08
N ARG C 274 9.93 -1.34 7.31
CA ARG C 274 9.92 -2.58 6.59
C ARG C 274 10.92 -2.43 5.45
N ILE C 275 11.96 -3.27 5.37
CA ILE C 275 12.81 -3.35 4.16
C ILE C 275 12.05 -3.97 2.97
N ILE C 276 11.98 -3.30 1.81
CA ILE C 276 11.23 -3.82 0.67
C ILE C 276 12.22 -4.38 -0.36
N GLY C 277 13.29 -3.66 -0.66
CA GLY C 277 14.26 -4.15 -1.62
C GLY C 277 15.66 -3.63 -1.38
N GLU C 278 16.62 -4.26 -2.03
CA GLU C 278 18.01 -3.80 -2.05
C GLU C 278 18.53 -3.84 -3.50
N ARG C 279 19.44 -2.95 -3.83
CA ARG C 279 19.84 -2.91 -5.20
C ARG C 279 21.29 -2.43 -5.30
N THR C 280 21.95 -2.83 -6.40
CA THR C 280 23.37 -2.54 -6.66
C THR C 280 23.50 -1.87 -8.01
N GLY C 281 24.43 -0.93 -8.08
CA GLY C 281 24.60 -0.21 -9.29
C GLY C 281 25.99 0.30 -9.47
N PHE C 282 26.26 0.71 -10.69
CA PHE C 282 27.59 1.23 -11.04
C PHE C 282 27.46 2.66 -11.59
N ARG C 283 27.79 3.63 -10.75
CA ARG C 283 28.06 4.97 -11.19
C ARG C 283 29.19 4.91 -12.23
N PRO C 284 28.94 5.34 -13.49
CA PRO C 284 30.05 5.49 -14.47
C PRO C 284 30.94 6.76 -14.16
N VAL C 285 31.96 6.56 -13.32
CA VAL C 285 32.79 7.65 -12.89
C VAL C 285 33.85 8.02 -13.94
N ARG C 286 34.04 9.34 -14.10
CA ARG C 286 35.04 9.97 -14.99
C ARG C 286 35.37 11.39 -14.53
N PRO C 287 36.63 11.85 -14.75
CA PRO C 287 36.84 13.21 -14.29
C PRO C 287 35.91 14.16 -15.05
N GLN C 288 35.22 13.68 -16.09
CA GLN C 288 34.23 14.51 -16.75
C GLN C 288 33.48 13.87 -17.92
N ILE C 289 32.30 14.41 -18.21
CA ILE C 289 31.42 13.73 -19.11
C ILE C 289 32.07 13.71 -20.46
N ARG C 290 32.16 12.53 -21.03
CA ARG C 290 32.67 12.42 -22.37
C ARG C 290 31.50 12.67 -23.29
N LEU C 291 31.44 13.88 -23.82
CA LEU C 291 30.38 14.22 -24.77
C LEU C 291 30.93 15.03 -25.97
N GLU C 292 31.39 14.25 -26.94
CA GLU C 292 32.14 14.77 -28.06
C GLU C 292 32.02 13.83 -29.22
N ARG C 293 32.39 14.34 -30.39
CA ARG C 293 32.28 13.61 -31.66
C ARG C 293 33.47 12.71 -32.08
N GLU C 294 33.22 11.78 -33.00
CA GLU C 294 34.31 10.95 -33.52
C GLU C 294 33.94 10.21 -34.80
N GLN C 295 34.74 10.46 -35.82
CA GLN C 295 34.62 9.82 -37.11
C GLN C 295 35.43 8.55 -36.99
N LEU C 296 34.71 7.43 -37.02
CA LEU C 296 35.33 6.10 -36.95
C LEU C 296 35.86 5.66 -38.32
N ARG C 297 37.17 5.89 -38.52
CA ARG C 297 37.83 5.58 -39.79
C ARG C 297 37.72 4.07 -39.99
N THR C 298 36.71 3.67 -40.78
CA THR C 298 36.35 2.25 -40.91
C THR C 298 35.75 2.00 -42.29
N GLY C 299 36.35 1.05 -43.01
CA GLY C 299 36.14 0.86 -44.46
C GLY C 299 35.94 2.15 -45.29
N PRO C 300 35.34 2.01 -46.52
CA PRO C 300 35.10 3.12 -47.50
C PRO C 300 34.78 4.53 -46.95
N SER C 301 33.54 4.77 -46.49
CA SER C 301 33.24 5.98 -45.72
C SER C 301 33.26 5.64 -44.22
N ASN C 302 33.80 6.57 -43.43
CA ASN C 302 33.64 6.48 -41.99
C ASN C 302 32.19 6.79 -41.63
N THR C 303 31.69 6.01 -40.68
CA THR C 303 30.49 6.34 -39.95
C THR C 303 30.86 7.33 -38.81
N GLU C 304 29.92 8.17 -38.45
CA GLU C 304 30.09 9.14 -37.36
C GLU C 304 29.65 8.54 -35.98
N VAL C 305 30.28 9.01 -34.89
CA VAL C 305 29.95 8.52 -33.55
C VAL C 305 29.84 9.66 -32.55
N ILE C 306 28.72 9.66 -31.83
CA ILE C 306 28.48 10.63 -30.76
C ILE C 306 28.59 9.90 -29.42
N HIS C 307 29.54 10.30 -28.58
CA HIS C 307 29.80 9.63 -27.30
C HIS C 307 29.13 10.40 -26.16
N ASN C 308 28.50 9.69 -25.22
CA ASN C 308 27.76 10.33 -24.14
C ASN C 308 27.68 9.39 -22.91
N TYR C 309 28.62 9.54 -22.00
CA TYR C 309 28.84 8.53 -20.99
C TYR C 309 29.83 9.04 -19.99
N GLY C 310 29.90 8.38 -18.83
CA GLY C 310 30.64 8.88 -17.69
C GLY C 310 29.88 10.00 -16.99
N HIS C 311 28.66 9.74 -16.57
CA HIS C 311 27.89 10.79 -15.88
C HIS C 311 27.88 10.59 -14.39
N GLY C 312 28.66 9.61 -13.92
CA GLY C 312 28.92 9.45 -12.48
C GLY C 312 27.66 9.47 -11.68
N GLY C 313 27.63 10.17 -10.56
CA GLY C 313 26.47 10.12 -9.65
C GLY C 313 25.45 11.18 -9.98
N TYR C 314 25.46 11.74 -11.19
CA TYR C 314 24.53 12.84 -11.49
C TYR C 314 23.89 12.75 -12.88
N GLY C 315 23.97 11.55 -13.46
CA GLY C 315 23.16 11.14 -14.62
C GLY C 315 21.78 11.75 -14.71
N LEU C 316 20.93 11.54 -13.70
CA LEU C 316 19.57 12.10 -13.75
C LEU C 316 19.61 13.64 -13.63
N THR C 317 20.59 14.14 -12.87
CA THR C 317 20.70 15.55 -12.57
C THR C 317 21.08 16.35 -13.79
N ILE C 318 21.71 15.67 -14.75
CA ILE C 318 22.26 16.34 -15.93
C ILE C 318 21.78 15.87 -17.33
N HIS C 319 20.95 14.82 -17.42
CA HIS C 319 20.71 14.12 -18.68
C HIS C 319 20.23 14.98 -19.83
N TRP C 320 19.43 15.98 -19.50
CA TRP C 320 18.77 16.74 -20.53
C TRP C 320 19.78 17.73 -21.26
N GLY C 321 20.59 18.41 -20.48
CA GLY C 321 21.70 19.16 -21.03
C GLY C 321 22.38 18.29 -22.03
N CYS C 322 22.77 17.12 -21.57
CA CYS C 322 23.51 16.22 -22.41
C CYS C 322 22.68 15.92 -23.63
N ALA C 323 21.40 15.61 -23.43
CA ALA C 323 20.63 15.13 -24.54
C ALA C 323 20.63 16.23 -25.64
N LEU C 324 20.29 17.48 -25.22
CA LEU C 324 20.22 18.64 -26.12
C LEU C 324 21.57 18.85 -26.82
N GLU C 325 22.65 18.68 -26.06
CA GLU C 325 24.00 18.80 -26.60
C GLU C 325 24.18 17.77 -27.69
N ALA C 326 24.21 16.50 -27.35
CA ALA C 326 24.36 15.48 -28.37
C ALA C 326 23.45 15.70 -29.61
N ALA C 327 22.25 16.25 -29.43
CA ALA C 327 21.40 16.40 -30.59
C ALA C 327 21.93 17.55 -31.45
N LYS C 328 22.45 18.60 -30.79
CA LYS C 328 23.12 19.66 -31.52
C LYS C 328 24.19 19.00 -32.40
N LEU C 329 25.08 18.27 -31.76
CA LEU C 329 26.14 17.52 -32.44
C LEU C 329 25.61 16.75 -33.61
N PHE C 330 24.44 16.18 -33.44
CA PHE C 330 23.78 15.45 -34.49
C PHE C 330 23.55 16.42 -35.71
N GLY C 331 22.95 17.60 -35.45
CA GLY C 331 22.82 18.69 -36.44
C GLY C 331 24.08 19.03 -37.25
N ARG C 332 25.20 19.24 -36.56
CA ARG C 332 26.47 19.51 -37.22
C ARG C 332 26.88 18.36 -38.19
N ILE C 333 26.61 17.12 -37.82
CA ILE C 333 26.85 15.99 -38.72
C ILE C 333 26.01 16.11 -39.99
N LEU C 334 24.78 16.58 -39.85
CA LEU C 334 23.90 16.65 -40.99
C LEU C 334 24.18 17.83 -41.94
N GLU C 335 24.54 18.99 -41.40
CA GLU C 335 25.05 20.07 -42.23
C GLU C 335 26.24 19.53 -43.04
N GLU C 336 27.24 19.00 -42.35
CA GLU C 336 28.48 18.42 -42.95
C GLU C 336 28.28 17.16 -43.80
N LYS C 337 27.04 16.80 -44.06
CA LYS C 337 26.73 15.69 -44.95
C LYS C 337 25.90 16.34 -46.02
N LYS C 338 25.74 17.66 -45.88
CA LYS C 338 24.85 18.49 -46.70
C LYS C 338 23.40 17.89 -46.91
N LEU C 339 22.60 17.92 -45.84
CA LEU C 339 21.18 17.41 -45.79
C LEU C 339 20.28 18.18 -44.75
N SER C 340 20.61 19.45 -44.45
CA SER C 340 20.05 20.17 -43.27
C SER C 340 18.99 21.27 -43.55
N MET D 1 -9.67 11.06 46.31
CA MET D 1 -9.62 11.95 45.11
C MET D 1 -10.11 11.30 43.77
N ARG D 2 -11.41 11.44 43.49
CA ARG D 2 -12.10 10.84 42.33
C ARG D 2 -12.20 11.85 41.16
N VAL D 3 -11.36 11.70 40.14
CA VAL D 3 -11.29 12.66 39.03
C VAL D 3 -12.09 12.20 37.79
N VAL D 4 -13.13 12.94 37.37
CA VAL D 4 -13.85 12.58 36.11
C VAL D 4 -13.64 13.48 34.87
N VAL D 5 -13.13 12.85 33.83
CA VAL D 5 -12.78 13.53 32.58
C VAL D 5 -13.79 13.12 31.52
N ILE D 6 -14.61 14.10 31.09
CA ILE D 6 -15.69 13.84 30.08
C ILE D 6 -15.19 14.31 28.75
N GLY D 7 -15.08 13.34 27.85
CA GLY D 7 -14.60 13.64 26.52
C GLY D 7 -13.30 12.95 26.23
N ALA D 8 -13.24 12.25 25.07
CA ALA D 8 -12.07 11.47 24.65
C ALA D 8 -11.40 11.90 23.34
N GLY D 9 -11.50 13.17 22.98
CA GLY D 9 -10.73 13.74 21.89
C GLY D 9 -9.38 14.14 22.43
N VAL D 10 -8.65 14.98 21.68
CA VAL D 10 -7.31 15.32 22.12
C VAL D 10 -7.33 16.11 23.48
N ILE D 11 -8.24 17.04 23.64
CA ILE D 11 -8.30 17.78 24.90
C ILE D 11 -8.45 16.86 26.10
N GLY D 12 -9.54 16.13 26.16
CA GLY D 12 -9.75 15.03 27.13
C GLY D 12 -8.51 14.18 27.35
N LEU D 13 -8.32 13.19 26.48
CA LEU D 13 -7.17 12.27 26.55
C LEU D 13 -5.83 12.90 27.01
N SER D 14 -5.52 14.08 26.48
CA SER D 14 -4.25 14.71 26.79
C SER D 14 -4.29 15.52 28.09
N THR D 15 -5.44 16.07 28.43
CA THR D 15 -5.61 16.59 29.75
C THR D 15 -5.57 15.40 30.76
N ALA D 16 -6.31 14.34 30.46
CA ALA D 16 -6.37 13.22 31.38
C ALA D 16 -4.97 12.75 31.75
N LEU D 17 -4.09 12.69 30.76
CA LEU D 17 -2.74 12.14 30.88
C LEU D 17 -1.85 13.09 31.59
N CYS D 18 -1.95 14.37 31.27
CA CYS D 18 -1.05 15.34 31.85
C CYS D 18 -1.33 15.44 33.34
N ILE D 19 -2.60 15.48 33.69
CA ILE D 19 -3.01 15.46 35.09
C ILE D 19 -2.39 14.21 35.78
N HIS D 20 -2.76 12.98 35.40
CA HIS D 20 -2.18 11.76 36.01
C HIS D 20 -0.66 11.66 36.12
N GLU D 21 0.10 12.16 35.14
CA GLU D 21 1.54 12.04 35.29
C GLU D 21 2.02 12.98 36.38
N ARG D 22 1.23 14.03 36.67
CA ARG D 22 1.57 15.13 37.61
C ARG D 22 1.14 14.98 39.06
N TYR D 23 0.16 14.16 39.35
CA TYR D 23 -0.32 14.03 40.71
C TYR D 23 -0.62 12.59 41.16
N HIS D 24 -0.24 11.56 40.39
CA HIS D 24 -0.38 10.18 40.92
C HIS D 24 0.60 9.85 42.08
N SER D 25 1.80 10.46 42.07
CA SER D 25 2.83 10.34 43.15
C SER D 25 2.49 11.22 44.38
N VAL D 26 1.61 12.20 44.16
CA VAL D 26 1.29 13.17 45.21
C VAL D 26 -0.08 13.02 45.85
N LEU D 27 -0.89 12.09 45.37
CA LEU D 27 -2.16 11.72 46.00
C LEU D 27 -2.26 10.22 46.22
N GLN D 28 -2.72 9.81 47.39
CA GLN D 28 -2.76 8.36 47.63
C GLN D 28 -3.91 7.73 46.86
N PRO D 29 -5.15 8.22 47.09
CA PRO D 29 -6.14 7.51 46.29
C PRO D 29 -6.57 8.24 45.02
N LEU D 30 -5.68 8.41 44.02
CA LEU D 30 -5.98 9.13 42.74
C LEU D 30 -6.71 8.33 41.62
N ASP D 31 -8.04 8.36 41.63
CA ASP D 31 -8.83 7.54 40.68
C ASP D 31 -9.45 8.39 39.57
N ILE D 32 -8.64 8.53 38.50
CA ILE D 32 -9.07 9.17 37.25
C ILE D 32 -9.84 8.18 36.37
N LYS D 33 -11.06 8.56 36.02
CA LYS D 33 -11.97 7.78 35.13
C LYS D 33 -12.32 8.66 33.88
N VAL D 34 -12.48 8.05 32.70
CA VAL D 34 -12.84 8.84 31.47
C VAL D 34 -14.20 8.46 30.92
N TYR D 35 -15.03 9.49 30.77
CA TYR D 35 -16.38 9.28 30.23
C TYR D 35 -16.53 9.92 28.89
N ALA D 36 -16.82 9.09 27.90
CA ALA D 36 -17.08 9.65 26.58
C ALA D 36 -18.15 8.97 25.75
N ASP D 37 -18.82 9.82 24.98
CA ASP D 37 -19.87 9.33 24.12
C ASP D 37 -19.28 8.74 22.84
N ARG D 38 -18.10 9.20 22.43
CA ARG D 38 -17.45 8.62 21.27
C ARG D 38 -15.94 8.52 21.52
N PHE D 39 -15.32 7.43 21.06
CA PHE D 39 -13.85 7.29 21.20
C PHE D 39 -13.26 7.07 19.86
N THR D 40 -11.96 6.85 19.98
CA THR D 40 -10.94 7.21 19.05
C THR D 40 -11.07 6.98 17.60
N PRO D 41 -11.93 6.07 17.15
CA PRO D 41 -12.22 6.23 15.72
C PRO D 41 -13.13 7.42 15.28
N LEU D 42 -14.11 7.86 16.12
CA LEU D 42 -15.28 8.72 15.76
C LEU D 42 -15.40 10.06 16.42
N THR D 43 -14.27 10.64 16.79
CA THR D 43 -14.27 12.00 17.33
C THR D 43 -13.83 12.97 16.28
N THR D 44 -14.18 14.24 16.44
CA THR D 44 -13.64 15.31 15.62
C THR D 44 -12.14 15.22 15.47
N THR D 45 -11.47 15.01 16.61
CA THR D 45 -10.00 14.86 16.60
C THR D 45 -9.55 13.90 15.49
N ASP D 46 -10.41 12.95 15.17
CA ASP D 46 -10.06 11.92 14.21
C ASP D 46 -10.00 12.44 12.82
N VAL D 47 -10.87 13.40 12.53
CA VAL D 47 -10.96 13.98 11.22
C VAL D 47 -9.78 14.92 10.93
N ALA D 48 -9.31 15.67 11.92
CA ALA D 48 -8.13 16.56 11.73
C ALA D 48 -6.87 15.95 11.08
N ALA D 49 -6.36 16.59 10.01
CA ALA D 49 -5.04 16.19 9.44
C ALA D 49 -3.93 16.24 10.49
N GLY D 50 -3.94 17.27 11.30
CA GLY D 50 -3.08 17.35 12.46
C GLY D 50 -1.88 18.24 12.29
N LEU D 51 -1.92 19.13 11.28
CA LEU D 51 -0.84 20.09 11.00
C LEU D 51 -0.77 21.11 12.09
N TRP D 52 0.44 21.46 12.55
CA TRP D 52 0.54 22.52 13.57
C TRP D 52 0.57 23.86 12.88
N GLN D 53 -0.48 24.63 13.10
CA GLN D 53 -0.54 26.00 12.60
C GLN D 53 -1.77 26.77 13.18
N PRO D 54 -1.52 27.74 14.09
CA PRO D 54 -2.61 28.62 14.60
C PRO D 54 -3.13 29.59 13.53
N TYR D 55 -4.26 30.28 13.80
CA TYR D 55 -4.74 31.45 12.98
C TYR D 55 -3.60 32.45 12.64
N LEU D 56 -3.62 33.00 11.43
CA LEU D 56 -2.59 33.97 10.98
C LEU D 56 -2.73 35.36 11.69
N SER D 57 -3.92 35.62 12.23
CA SER D 57 -4.24 36.74 13.15
C SER D 57 -3.95 36.37 14.63
N ASP D 58 -3.61 37.38 15.43
CA ASP D 58 -3.08 37.16 16.79
C ASP D 58 -4.06 36.76 17.85
N PRO D 59 -3.63 35.92 18.80
CA PRO D 59 -4.69 35.35 19.58
C PRO D 59 -5.29 36.50 20.33
N ASN D 60 -6.62 36.54 20.32
CA ASN D 60 -7.36 37.55 21.08
C ASN D 60 -7.01 37.53 22.60
N ASN D 61 -6.36 36.45 23.04
CA ASN D 61 -5.76 36.39 24.37
C ASN D 61 -4.30 35.80 24.31
N PRO D 62 -3.31 36.57 24.80
CA PRO D 62 -1.92 36.18 24.56
C PRO D 62 -1.52 34.81 25.14
N GLN D 63 -2.27 34.31 26.14
CA GLN D 63 -2.02 32.94 26.63
C GLN D 63 -2.04 31.92 25.49
N GLU D 64 -3.09 31.94 24.67
CA GLU D 64 -3.24 31.02 23.57
C GLU D 64 -2.00 30.97 22.75
N ALA D 65 -1.48 32.11 22.27
CA ALA D 65 -0.20 32.10 21.50
C ALA D 65 0.87 31.26 22.17
N ASP D 66 0.95 31.34 23.49
CA ASP D 66 1.92 30.54 24.21
C ASP D 66 1.60 29.07 24.18
N TRP D 67 0.31 28.71 24.30
CA TRP D 67 -0.02 27.30 24.41
C TRP D 67 0.43 26.51 23.19
N SER D 68 0.11 27.07 22.03
CA SER D 68 0.59 26.59 20.75
C SER D 68 2.11 26.46 20.73
N GLN D 69 2.82 27.52 21.19
CA GLN D 69 4.30 27.52 21.33
C GLN D 69 4.71 26.33 22.19
N GLN D 70 4.11 26.23 23.36
CA GLN D 70 4.44 25.13 24.24
C GLN D 70 4.20 23.80 23.59
N THR D 71 3.03 23.67 22.92
CA THR D 71 2.66 22.43 22.25
C THR D 71 3.74 22.04 21.26
N PHE D 72 4.10 22.97 20.37
CA PHE D 72 5.13 22.75 19.38
C PHE D 72 6.48 22.29 19.93
N ASP D 73 6.93 22.91 21.04
CA ASP D 73 8.22 22.54 21.61
C ASP D 73 8.18 21.08 22.07
N TYR D 74 7.15 20.78 22.85
CA TYR D 74 6.91 19.46 23.37
C TYR D 74 7.01 18.41 22.31
N LEU D 75 6.37 18.70 21.19
CA LEU D 75 6.33 17.76 20.09
C LEU D 75 7.64 17.77 19.36
N LEU D 76 8.22 18.96 19.17
CA LEU D 76 9.49 19.03 18.42
C LEU D 76 10.62 18.29 19.17
N SER D 77 10.43 18.09 20.48
CA SER D 77 11.41 17.42 21.31
C SER D 77 11.13 15.94 21.37
N HIS D 78 10.09 15.49 20.65
CA HIS D 78 9.83 14.06 20.42
C HIS D 78 9.95 13.53 18.97
N VAL D 79 10.35 14.39 18.05
CA VAL D 79 10.25 14.04 16.64
C VAL D 79 11.14 12.90 16.22
N HIS D 80 12.30 12.78 16.84
CA HIS D 80 13.26 11.75 16.49
C HIS D 80 13.45 10.69 17.60
N SER D 81 12.44 10.48 18.44
CA SER D 81 12.40 9.29 19.30
C SER D 81 11.89 8.06 18.51
N PRO D 82 11.96 6.84 19.10
CA PRO D 82 11.42 5.64 18.38
C PRO D 82 9.87 5.58 18.36
N ASN D 83 9.23 6.40 19.18
CA ASN D 83 7.78 6.41 19.37
C ASN D 83 7.06 7.23 18.25
N ALA D 84 7.77 8.18 17.61
CA ALA D 84 7.14 9.22 16.79
C ALA D 84 6.15 8.70 15.74
N GLU D 85 6.54 7.68 15.00
CA GLU D 85 5.62 6.98 14.12
C GLU D 85 4.38 6.47 14.92
N ASN D 86 4.55 6.00 16.16
CA ASN D 86 3.39 5.58 16.95
C ASN D 86 2.42 6.67 17.26
N LEU D 87 2.93 7.88 17.50
CA LEU D 87 2.09 9.05 17.79
C LEU D 87 1.48 9.58 16.51
N GLY D 88 2.07 9.27 15.38
CA GLY D 88 1.73 9.95 14.16
C GLY D 88 2.40 11.29 14.00
N LEU D 89 3.65 11.38 14.49
CA LEU D 89 4.42 12.63 14.54
C LEU D 89 5.53 12.63 13.50
N PHE D 90 5.69 13.72 12.80
CA PHE D 90 6.76 13.78 11.80
C PHE D 90 6.81 15.22 11.36
N LEU D 91 7.92 15.59 10.72
CA LEU D 91 8.15 16.93 10.25
C LEU D 91 7.68 17.02 8.84
N ILE D 92 7.26 18.21 8.45
CA ILE D 92 6.80 18.47 7.11
C ILE D 92 6.92 20.01 6.79
N SER D 93 7.11 20.32 5.50
CA SER D 93 7.35 21.63 4.96
C SER D 93 6.28 21.91 3.92
N GLY D 94 5.87 23.14 3.74
CA GLY D 94 4.81 23.38 2.81
C GLY D 94 4.55 24.84 2.61
N TYR D 95 3.48 25.12 1.90
CA TYR D 95 3.22 26.40 1.31
C TYR D 95 1.99 27.00 1.93
N ASN D 96 2.07 28.19 2.50
CA ASN D 96 0.89 29.05 2.64
C ASN D 96 0.82 30.05 1.44
N LEU D 97 -0.31 30.11 0.78
CA LEU D 97 -0.46 30.91 -0.40
C LEU D 97 -1.55 31.97 -0.28
N PHE D 98 -1.30 33.12 -0.91
CA PHE D 98 -2.08 34.31 -0.61
C PHE D 98 -2.23 35.04 -1.89
N HIS D 99 -3.39 35.68 -2.05
CA HIS D 99 -3.61 36.60 -3.16
C HIS D 99 -2.71 37.83 -3.09
N GLU D 100 -2.38 38.29 -1.88
CA GLU D 100 -1.72 39.57 -1.75
C GLU D 100 -0.74 39.58 -0.61
N ALA D 101 0.26 40.44 -0.73
CA ALA D 101 1.16 40.62 0.39
C ALA D 101 0.37 40.73 1.69
N ILE D 102 0.89 40.15 2.76
CA ILE D 102 0.15 40.08 4.02
C ILE D 102 1.14 40.14 5.20
N PRO D 103 0.69 40.63 6.36
CA PRO D 103 1.64 40.73 7.48
C PRO D 103 2.10 39.35 7.99
N ASP D 104 3.39 39.20 8.32
CA ASP D 104 3.90 37.98 8.90
C ASP D 104 3.12 37.44 10.07
N PRO D 105 3.10 36.11 10.27
CA PRO D 105 2.31 35.69 11.44
C PRO D 105 3.13 35.81 12.73
N SER D 106 2.43 35.78 13.87
CA SER D 106 3.08 35.90 15.16
C SER D 106 4.06 34.73 15.35
N TRP D 107 3.64 33.54 14.93
CA TRP D 107 4.44 32.33 15.13
C TRP D 107 5.70 32.21 14.25
N LYS D 108 5.89 33.10 13.28
CA LYS D 108 6.97 32.92 12.30
C LYS D 108 8.29 32.42 12.84
N ASP D 109 8.50 32.58 14.14
CA ASP D 109 9.78 32.16 14.76
C ASP D 109 9.75 30.87 15.53
N THR D 110 8.55 30.37 15.73
CA THR D 110 8.33 29.09 16.34
C THR D 110 8.62 27.93 15.33
N VAL D 111 7.97 27.98 14.18
CA VAL D 111 8.14 26.99 13.14
C VAL D 111 9.59 27.10 12.68
N LEU D 112 10.02 26.17 11.79
CA LEU D 112 11.40 26.05 11.31
C LEU D 112 11.57 26.62 9.90
N GLY D 113 12.60 27.45 9.79
CA GLY D 113 13.02 28.10 8.59
C GLY D 113 11.95 28.93 7.92
N PHE D 114 11.16 29.70 8.67
CA PHE D 114 10.09 30.49 8.02
C PHE D 114 10.69 31.39 6.91
N ARG D 115 9.91 31.80 5.92
CA ARG D 115 10.42 32.63 4.83
C ARG D 115 9.33 32.85 3.82
N LYS D 116 9.49 33.84 2.94
CA LYS D 116 8.45 34.08 1.93
C LYS D 116 8.89 33.43 0.64
N LEU D 117 7.96 33.37 -0.29
CA LEU D 117 8.16 32.57 -1.46
C LEU D 117 8.82 33.39 -2.50
N THR D 118 10.04 32.98 -2.89
CA THR D 118 10.79 33.57 -4.03
C THR D 118 9.89 33.69 -5.28
N PRO D 119 10.14 34.67 -6.16
CA PRO D 119 9.17 34.63 -7.29
C PRO D 119 9.23 33.38 -8.21
N ARG D 120 10.30 32.59 -8.13
CA ARG D 120 10.34 31.30 -8.91
C ARG D 120 9.21 30.32 -8.45
N GLU D 121 8.92 30.36 -7.15
CA GLU D 121 7.97 29.48 -6.50
C GLU D 121 6.51 29.85 -6.75
N LEU D 122 6.22 31.16 -6.73
CA LEU D 122 4.84 31.62 -6.93
C LEU D 122 4.39 31.36 -8.38
N ASP D 123 5.39 31.35 -9.26
CA ASP D 123 5.17 30.93 -10.62
C ASP D 123 4.50 29.56 -10.78
N MET D 124 4.88 28.55 -10.01
CA MET D 124 4.07 27.31 -9.88
C MET D 124 2.58 27.48 -9.51
N PHE D 125 2.12 28.64 -9.02
CA PHE D 125 0.71 28.78 -8.63
C PHE D 125 0.03 30.05 -9.16
N PRO D 126 -0.39 30.03 -10.44
CA PRO D 126 -1.09 31.10 -11.12
C PRO D 126 -2.03 31.88 -10.20
N ASP D 127 -2.89 31.19 -9.47
CA ASP D 127 -3.99 31.86 -8.78
C ASP D 127 -3.55 32.70 -7.61
N TYR D 128 -2.27 32.72 -7.31
CA TYR D 128 -1.79 33.28 -6.06
C TYR D 128 -0.56 34.09 -6.35
N GLY D 129 -0.47 35.21 -5.65
CA GLY D 129 0.59 36.18 -5.88
C GLY D 129 1.65 36.31 -4.78
N TYR D 130 1.36 35.82 -3.58
CA TYR D 130 2.29 36.09 -2.51
C TYR D 130 2.24 34.83 -1.65
N GLY D 131 3.28 34.57 -0.86
CA GLY D 131 3.28 33.38 -0.02
C GLY D 131 4.40 33.08 1.00
N TRP D 132 4.11 32.14 1.92
CA TRP D 132 5.08 31.64 2.90
C TRP D 132 5.55 30.21 2.60
N PHE D 133 6.57 29.77 3.32
CA PHE D 133 7.11 28.44 3.24
C PHE D 133 7.87 28.16 4.51
N HIS D 134 7.57 27.09 5.23
CA HIS D 134 8.26 26.81 6.48
C HIS D 134 8.13 25.34 6.77
N THR D 135 8.83 24.85 7.78
CA THR D 135 8.74 23.48 8.14
C THR D 135 7.98 23.47 9.44
N SER D 136 6.90 22.69 9.53
CA SER D 136 6.17 22.55 10.79
C SER D 136 6.10 21.04 11.08
N LEU D 137 5.25 20.62 12.03
CA LEU D 137 4.87 19.21 12.33
C LEU D 137 3.46 18.79 11.96
N ILE D 138 3.29 17.47 11.80
CA ILE D 138 1.97 16.85 11.86
C ILE D 138 1.86 15.93 13.09
N LEU D 139 0.76 16.10 13.82
CA LEU D 139 0.29 15.17 14.85
C LEU D 139 -1.06 14.52 14.45
N GLU D 140 -1.04 13.45 13.65
CA GLU D 140 -2.29 12.79 13.16
C GLU D 140 -3.18 12.33 14.32
N GLY D 141 -4.33 13.00 14.47
CA GLY D 141 -5.39 12.60 15.41
C GLY D 141 -5.70 11.14 15.75
N LYS D 142 -5.97 10.29 14.75
CA LYS D 142 -6.41 8.89 15.00
C LYS D 142 -5.33 8.08 15.74
N ASN D 143 -4.16 8.12 15.14
CA ASN D 143 -2.92 7.68 15.71
C ASN D 143 -2.55 8.25 17.11
N TYR D 144 -2.63 9.56 17.23
CA TYR D 144 -2.32 10.22 18.47
C TYR D 144 -3.33 9.91 19.60
N LEU D 145 -4.60 9.78 19.26
CA LEU D 145 -5.54 9.32 20.22
C LEU D 145 -5.25 7.89 20.68
N GLN D 146 -4.78 7.08 19.76
CA GLN D 146 -4.59 5.66 19.98
C GLN D 146 -3.50 5.52 20.98
N TRP D 147 -2.43 6.28 20.77
CA TRP D 147 -1.31 6.40 21.68
C TRP D 147 -1.73 6.88 23.08
N LEU D 148 -2.38 8.04 23.15
CA LEU D 148 -2.68 8.55 24.49
C LEU D 148 -3.40 7.49 25.21
N THR D 149 -4.27 6.80 24.48
CA THR D 149 -5.06 5.72 25.06
C THR D 149 -4.16 4.64 25.68
N GLU D 150 -3.27 4.03 24.91
CA GLU D 150 -2.37 3.02 25.51
C GLU D 150 -1.56 3.58 26.67
N ARG D 151 -1.06 4.81 26.54
CA ARG D 151 -0.38 5.46 27.65
C ARG D 151 -1.29 5.64 28.87
N LEU D 152 -2.60 5.77 28.68
CA LEU D 152 -3.53 5.95 29.82
C LEU D 152 -4.05 4.65 30.43
N THR D 153 -4.35 3.68 29.58
CA THR D 153 -4.77 2.37 30.03
C THR D 153 -3.64 1.74 30.85
N GLU D 154 -2.39 1.90 30.41
CA GLU D 154 -1.26 1.42 31.22
C GLU D 154 -0.92 2.37 32.38
N ARG D 155 -1.93 3.02 32.97
CA ARG D 155 -1.76 3.88 34.13
C ARG D 155 -3.00 3.89 34.93
N GLY D 156 -3.89 2.99 34.52
CA GLY D 156 -4.99 2.64 35.35
C GLY D 156 -6.24 3.44 35.13
N VAL D 157 -6.13 4.58 34.45
CA VAL D 157 -7.29 5.34 33.96
C VAL D 157 -8.27 4.40 33.25
N LYS D 158 -9.51 4.36 33.72
CA LYS D 158 -10.48 3.49 33.06
C LYS D 158 -11.52 4.28 32.26
N PHE D 159 -11.73 3.79 31.05
CA PHE D 159 -12.58 4.39 30.08
C PHE D 159 -13.98 3.77 30.18
N PHE D 160 -15.01 4.59 30.03
CA PHE D 160 -16.35 4.05 29.95
C PHE D 160 -17.06 4.74 28.82
N GLN D 161 -17.86 3.97 28.10
CA GLN D 161 -18.60 4.48 26.97
C GLN D 161 -19.95 5.07 27.47
N ARG D 162 -20.17 6.38 27.33
CA ARG D 162 -21.45 6.93 27.78
C ARG D 162 -21.68 8.43 27.52
N LYS D 163 -22.95 8.78 27.28
CA LYS D 163 -23.38 10.16 27.09
C LYS D 163 -23.77 10.67 28.49
N VAL D 164 -22.89 11.42 29.12
CA VAL D 164 -23.19 12.18 30.31
C VAL D 164 -24.32 13.17 30.03
N GLU D 165 -25.28 13.32 30.96
CA GLU D 165 -26.47 14.16 30.70
C GLU D 165 -26.41 15.43 31.48
N SER D 166 -25.61 15.42 32.57
CA SER D 166 -25.33 16.63 33.38
C SER D 166 -24.16 16.44 34.30
N PHE D 167 -23.56 17.58 34.62
CA PHE D 167 -22.71 17.77 35.78
C PHE D 167 -23.20 17.13 37.10
N GLU D 168 -24.52 17.21 37.36
CA GLU D 168 -25.12 16.76 38.61
C GLU D 168 -25.00 15.26 38.69
N GLU D 169 -25.35 14.58 37.59
CA GLU D 169 -25.31 13.11 37.50
C GLU D 169 -23.96 12.53 37.92
N VAL D 170 -22.90 13.22 37.51
CA VAL D 170 -21.53 12.76 37.76
C VAL D 170 -21.15 12.92 39.22
N ALA D 171 -21.25 14.16 39.69
CA ALA D 171 -20.88 14.56 41.06
C ALA D 171 -21.61 13.70 42.10
N ARG D 172 -22.94 13.57 41.90
CA ARG D 172 -23.84 12.64 42.62
C ARG D 172 -23.32 11.24 42.67
N GLU D 173 -22.79 10.73 41.56
CA GLU D 173 -22.16 9.43 41.62
C GLU D 173 -20.70 9.50 42.22
N GLY D 174 -20.39 10.55 42.99
CA GLY D 174 -19.15 10.59 43.80
C GLY D 174 -17.92 11.41 43.37
N ALA D 175 -18.03 12.21 42.32
CA ALA D 175 -16.83 12.85 41.76
C ALA D 175 -16.43 14.18 42.44
N ASP D 176 -15.16 14.31 42.83
CA ASP D 176 -14.68 15.54 43.50
C ASP D 176 -14.30 16.59 42.45
N VAL D 177 -13.43 16.24 41.49
CA VAL D 177 -13.09 17.15 40.34
C VAL D 177 -13.64 16.69 38.99
N ILE D 178 -14.13 17.66 38.20
CA ILE D 178 -14.61 17.39 36.80
C ILE D 178 -13.82 18.13 35.69
N VAL D 179 -13.37 17.37 34.71
CA VAL D 179 -12.66 17.95 33.61
C VAL D 179 -13.52 17.83 32.38
N ASN D 180 -14.19 18.94 32.09
CA ASN D 180 -15.11 19.10 30.97
C ASN D 180 -14.41 19.31 29.62
N CYS D 181 -14.47 18.26 28.78
CA CYS D 181 -13.67 18.21 27.54
C CYS D 181 -14.43 17.80 26.30
N THR D 182 -15.64 18.37 26.23
CA THR D 182 -16.75 17.95 25.41
C THR D 182 -16.86 18.67 24.05
N GLY D 183 -15.91 19.62 23.81
CA GLY D 183 -15.77 20.39 22.56
C GLY D 183 -17.07 21.00 22.04
N VAL D 184 -17.44 20.63 20.82
CA VAL D 184 -18.57 21.23 20.18
C VAL D 184 -19.90 20.94 20.92
N TRP D 185 -19.99 19.80 21.59
CA TRP D 185 -21.22 19.38 22.33
C TRP D 185 -21.32 19.99 23.73
N ALA D 186 -20.44 20.94 24.06
CA ALA D 186 -20.32 21.47 25.44
C ALA D 186 -21.58 22.12 25.98
N GLY D 187 -22.25 22.88 25.10
CA GLY D 187 -23.49 23.58 25.43
C GLY D 187 -24.70 22.74 25.82
N ALA D 188 -24.66 21.41 25.64
CA ALA D 188 -25.67 20.51 26.23
C ALA D 188 -25.45 20.39 27.76
N LEU D 189 -24.24 20.58 28.25
CA LEU D 189 -24.01 20.43 29.69
C LEU D 189 -24.12 21.76 30.40
N GLN D 190 -23.98 22.84 29.63
CA GLN D 190 -24.21 24.17 30.14
C GLN D 190 -24.24 25.09 28.94
N ARG D 191 -25.43 25.57 28.63
CA ARG D 191 -25.67 26.60 27.60
C ARG D 191 -24.45 27.55 27.54
N ASP D 192 -23.94 27.84 26.32
CA ASP D 192 -22.75 28.70 26.07
C ASP D 192 -22.95 29.24 24.68
N PRO D 193 -23.42 30.50 24.57
CA PRO D 193 -23.99 30.77 23.28
C PRO D 193 -22.89 31.40 22.41
N LEU D 194 -21.64 31.31 22.88
CA LEU D 194 -20.51 31.85 22.13
C LEU D 194 -19.87 30.75 21.30
N LEU D 195 -20.23 29.53 21.68
CA LEU D 195 -19.57 28.35 21.22
C LEU D 195 -20.47 27.75 20.18
N GLN D 196 -19.94 27.68 18.96
CA GLN D 196 -20.67 27.10 17.85
C GLN D 196 -19.75 26.35 16.87
N PRO D 197 -20.34 25.41 16.09
CA PRO D 197 -19.68 24.56 15.09
C PRO D 197 -19.29 25.16 13.77
N GLY D 198 -18.00 25.03 13.47
CA GLY D 198 -17.53 25.15 12.08
C GLY D 198 -17.49 23.77 11.44
N ARG D 199 -18.62 23.32 10.86
CA ARG D 199 -18.58 22.15 9.99
C ARG D 199 -17.36 22.19 9.11
N GLY D 200 -16.72 21.04 8.99
CA GLY D 200 -15.69 20.87 7.99
C GLY D 200 -15.77 19.51 7.35
N GLN D 201 -15.37 19.46 6.09
CA GLN D 201 -15.35 18.19 5.37
C GLN D 201 -13.99 18.17 4.76
N ILE D 202 -13.51 16.94 4.51
CA ILE D 202 -12.21 16.59 3.97
C ILE D 202 -12.34 15.31 3.17
N MET D 203 -11.31 15.10 2.37
CA MET D 203 -11.13 13.94 1.51
C MET D 203 -9.76 13.41 1.81
N LYS D 204 -9.67 12.09 1.89
CA LYS D 204 -8.38 11.41 2.08
C LYS D 204 -8.08 10.88 0.70
N VAL D 205 -6.90 11.18 0.16
CA VAL D 205 -6.63 10.74 -1.19
C VAL D 205 -5.36 9.92 -1.18
N ASP D 206 -5.15 9.12 -2.19
CA ASP D 206 -3.87 8.40 -2.27
C ASP D 206 -3.04 9.08 -3.32
N ALA D 207 -1.95 9.72 -2.90
CA ALA D 207 -1.08 10.47 -3.80
C ALA D 207 0.27 10.64 -3.14
N PRO D 208 1.00 9.53 -3.04
CA PRO D 208 2.14 9.63 -2.13
C PRO D 208 3.32 10.48 -2.69
N TRP D 209 3.16 11.04 -3.90
CA TRP D 209 4.24 11.90 -4.49
C TRP D 209 4.23 13.31 -3.85
N MET D 210 3.17 13.63 -3.11
CA MET D 210 2.98 14.92 -2.51
C MET D 210 3.77 15.02 -1.23
N LYS D 211 4.85 15.81 -1.22
CA LYS D 211 5.68 15.95 -0.01
C LYS D 211 5.52 17.27 0.79
N HIS D 212 4.54 18.12 0.49
CA HIS D 212 4.49 19.48 1.09
C HIS D 212 3.04 19.81 1.27
N PHE D 213 2.71 20.54 2.33
CA PHE D 213 1.38 21.08 2.42
C PHE D 213 1.23 22.33 1.53
N ILE D 214 0.04 22.58 1.03
CA ILE D 214 -0.22 23.76 0.34
C ILE D 214 -1.56 24.24 0.95
N LEU D 215 -1.54 25.35 1.70
CA LEU D 215 -2.80 25.95 2.16
C LEU D 215 -3.04 27.21 1.36
N THR D 216 -4.30 27.45 1.02
CA THR D 216 -4.62 28.68 0.35
C THR D 216 -5.44 29.59 1.22
N HIS D 217 -5.16 30.86 1.09
CA HIS D 217 -6.01 31.80 1.75
C HIS D 217 -6.82 32.69 0.78
N ASP D 218 -7.86 33.28 1.35
CA ASP D 218 -8.69 34.22 0.63
C ASP D 218 -9.68 34.80 1.65
N PRO D 219 -9.61 36.10 1.94
CA PRO D 219 -10.54 36.55 2.99
C PRO D 219 -11.99 36.78 2.53
N GLU D 220 -12.24 36.78 1.21
CA GLU D 220 -13.61 36.58 0.69
C GLU D 220 -14.23 35.39 1.42
N ARG D 221 -13.87 34.17 0.98
CA ARG D 221 -14.38 32.90 1.56
C ARG D 221 -14.05 32.52 3.06
N GLY D 222 -12.98 33.07 3.63
CA GLY D 222 -12.72 33.01 5.08
C GLY D 222 -11.84 31.88 5.57
N ILE D 223 -11.22 32.07 6.74
CA ILE D 223 -10.49 30.99 7.44
C ILE D 223 -10.98 29.56 7.18
N TYR D 224 -10.09 28.64 6.80
CA TYR D 224 -10.44 27.21 6.76
C TYR D 224 -11.28 26.79 5.55
N ASN D 225 -11.54 27.72 4.64
CA ASN D 225 -12.66 27.59 3.67
C ASN D 225 -12.19 27.74 2.24
N SER D 226 -10.89 27.56 2.07
CA SER D 226 -10.23 27.76 0.81
C SER D 226 -9.40 26.48 0.67
N PRO D 227 -9.07 26.02 -0.56
CA PRO D 227 -8.40 24.71 -0.60
C PRO D 227 -7.09 24.54 0.23
N TYR D 228 -7.03 23.44 1.01
CA TYR D 228 -5.79 22.92 1.64
C TYR D 228 -5.40 21.47 1.19
N ILE D 229 -4.13 21.17 1.18
CA ILE D 229 -3.67 19.84 0.81
C ILE D 229 -2.65 19.48 1.87
N ILE D 230 -2.97 18.49 2.68
CA ILE D 230 -2.05 18.15 3.74
C ILE D 230 -1.65 16.68 3.73
N PRO D 231 -0.45 16.39 3.25
CA PRO D 231 0.12 15.03 3.26
C PRO D 231 0.02 14.38 4.62
N GLY D 232 -0.57 13.21 4.70
CA GLY D 232 -0.55 12.48 5.93
C GLY D 232 0.57 11.48 5.84
N THR D 233 0.58 10.61 6.83
CA THR D 233 1.44 9.45 6.87
C THR D 233 1.08 8.37 5.81
N GLN D 234 -0.20 8.04 5.56
CA GLN D 234 -0.56 7.05 4.52
C GLN D 234 -1.35 7.73 3.40
N THR D 235 -1.59 9.00 3.52
CA THR D 235 -2.65 9.50 2.73
C THR D 235 -2.57 11.02 2.79
N VAL D 236 -3.15 11.66 1.80
CA VAL D 236 -3.07 13.08 1.74
C VAL D 236 -4.50 13.60 1.97
N THR D 237 -4.61 14.57 2.88
CA THR D 237 -5.88 15.17 3.19
C THR D 237 -6.17 16.31 2.21
N LEU D 238 -7.37 16.30 1.62
CA LEU D 238 -7.82 17.37 0.73
C LEU D 238 -8.97 18.02 1.41
N GLY D 239 -8.83 19.30 1.77
CA GLY D 239 -9.86 20.00 2.56
C GLY D 239 -10.10 21.42 2.07
N GLY D 240 -10.88 22.20 2.85
CA GLY D 240 -11.17 23.62 2.58
C GLY D 240 -12.64 24.00 2.78
N ILE D 241 -13.25 23.58 3.86
CA ILE D 241 -14.66 23.82 4.03
C ILE D 241 -14.90 24.28 5.46
N PHE D 242 -15.66 25.37 5.62
CA PHE D 242 -15.91 25.95 6.93
C PHE D 242 -17.32 26.50 6.94
N GLN D 243 -18.22 25.94 7.75
CA GLN D 243 -19.59 26.41 7.77
C GLN D 243 -20.16 26.59 9.18
N LEU D 244 -20.13 27.85 9.65
CA LEU D 244 -20.73 28.30 10.90
C LEU D 244 -22.12 27.79 11.25
N GLY D 245 -22.25 27.16 12.41
CA GLY D 245 -23.53 26.72 12.87
C GLY D 245 -24.12 25.56 12.13
N ASN D 246 -23.40 25.00 11.16
CA ASN D 246 -23.94 23.81 10.49
C ASN D 246 -23.79 22.52 11.33
N TRP D 247 -24.88 21.79 11.58
CA TRP D 247 -24.76 20.55 12.38
C TRP D 247 -24.90 19.30 11.56
N SER D 248 -24.86 19.39 10.23
CA SER D 248 -25.07 18.18 9.45
C SER D 248 -23.83 17.28 9.48
N GLU D 249 -23.79 16.28 10.35
CA GLU D 249 -22.72 15.26 10.31
C GLU D 249 -22.95 14.22 9.23
N LEU D 250 -22.51 14.53 8.02
CA LEU D 250 -22.95 13.82 6.86
C LEU D 250 -22.19 14.49 5.73
N ASN D 251 -21.55 13.67 4.90
CA ASN D 251 -20.77 14.13 3.77
C ASN D 251 -21.65 14.67 2.73
N ASN D 252 -21.28 15.83 2.26
CA ASN D 252 -22.11 16.54 1.34
C ASN D 252 -21.48 16.57 -0.06
N ILE D 253 -22.16 15.96 -1.00
CA ILE D 253 -21.73 16.00 -2.42
C ILE D 253 -21.23 17.42 -2.99
N GLN D 254 -21.97 18.52 -2.69
CA GLN D 254 -21.55 19.89 -3.07
C GLN D 254 -20.14 20.17 -2.56
N ASP D 255 -20.00 20.18 -1.23
CA ASP D 255 -18.73 20.25 -0.50
C ASP D 255 -17.61 19.30 -1.04
N HIS D 256 -17.99 18.11 -1.43
CA HIS D 256 -17.05 17.23 -2.12
C HIS D 256 -16.44 17.92 -3.38
N ASN D 257 -17.28 18.51 -4.25
CA ASN D 257 -16.74 19.09 -5.50
C ASN D 257 -16.06 20.43 -5.35
N THR D 258 -16.45 21.21 -4.34
CA THR D 258 -15.64 22.36 -4.00
C THR D 258 -14.24 21.82 -3.73
N ILE D 259 -14.13 20.79 -2.90
CA ILE D 259 -12.82 20.33 -2.43
C ILE D 259 -11.93 19.82 -3.55
N TRP D 260 -12.54 19.07 -4.45
CA TRP D 260 -11.83 18.42 -5.54
C TRP D 260 -11.41 19.47 -6.57
N GLU D 261 -12.31 20.41 -6.87
CA GLU D 261 -12.02 21.48 -7.80
C GLU D 261 -10.92 22.42 -7.30
N GLY D 262 -11.10 22.93 -6.10
CA GLY D 262 -10.09 23.77 -5.47
C GLY D 262 -8.76 23.03 -5.40
N CYS D 263 -8.83 21.71 -5.27
CA CYS D 263 -7.60 20.95 -5.10
C CYS D 263 -6.95 20.63 -6.44
N CYS D 264 -7.75 20.23 -7.43
CA CYS D 264 -7.21 19.98 -8.76
C CYS D 264 -6.59 21.21 -9.40
N ARG D 265 -7.28 22.34 -9.26
CA ARG D 265 -6.86 23.62 -9.81
C ARG D 265 -5.46 23.90 -9.21
N LEU D 266 -5.25 23.46 -8.00
CA LEU D 266 -4.12 23.92 -7.28
C LEU D 266 -2.98 22.89 -7.31
N GLU D 267 -3.29 21.62 -7.55
CA GLU D 267 -2.27 20.70 -7.91
C GLU D 267 -2.83 19.70 -8.91
N PRO D 268 -2.65 19.95 -10.20
CA PRO D 268 -3.32 19.09 -11.18
C PRO D 268 -2.87 17.62 -11.18
N THR D 269 -1.70 17.33 -10.66
CA THR D 269 -1.22 15.94 -10.59
C THR D 269 -2.23 15.08 -9.81
N LEU D 270 -3.20 15.77 -9.23
CA LEU D 270 -4.13 15.20 -8.29
C LEU D 270 -5.31 14.71 -9.05
N LYS D 271 -5.50 15.14 -10.29
CA LYS D 271 -6.56 14.59 -11.14
C LYS D 271 -6.55 13.06 -11.06
N ASN D 272 -5.35 12.51 -10.88
CA ASN D 272 -5.11 11.10 -10.94
C ASN D 272 -5.09 10.47 -9.55
N ALA D 273 -5.68 11.08 -8.56
CA ALA D 273 -5.55 10.36 -7.33
C ALA D 273 -6.79 9.54 -7.00
N ARG D 274 -6.56 8.50 -6.20
CA ARG D 274 -7.54 7.58 -5.71
C ARG D 274 -8.15 8.08 -4.36
N ILE D 275 -9.46 8.40 -4.37
CA ILE D 275 -10.23 8.85 -3.16
C ILE D 275 -10.51 7.70 -2.16
N ILE D 276 -9.73 7.61 -1.09
CA ILE D 276 -9.87 6.54 -0.12
C ILE D 276 -11.10 6.76 0.74
N GLY D 277 -11.20 7.93 1.38
CA GLY D 277 -12.12 8.17 2.47
C GLY D 277 -12.62 9.59 2.39
N GLU D 278 -13.56 9.94 3.27
CA GLU D 278 -14.27 11.22 3.28
C GLU D 278 -14.97 11.46 4.65
N ARG D 279 -14.80 12.63 5.24
CA ARG D 279 -15.17 12.74 6.62
C ARG D 279 -15.67 14.11 6.98
N THR D 280 -16.58 14.13 7.97
CA THR D 280 -17.20 15.35 8.46
C THR D 280 -16.97 15.51 9.96
N GLY D 281 -16.53 16.70 10.33
CA GLY D 281 -16.23 17.04 11.70
C GLY D 281 -16.74 18.43 12.02
N PHE D 282 -16.59 18.83 13.27
CA PHE D 282 -17.18 20.06 13.72
C PHE D 282 -16.13 20.84 14.49
N ARG D 283 -15.52 21.85 13.89
CA ARG D 283 -14.63 22.66 14.69
C ARG D 283 -15.47 23.31 15.79
N PRO D 284 -15.01 23.16 17.03
CA PRO D 284 -15.63 23.95 18.17
C PRO D 284 -15.25 25.45 18.23
N VAL D 285 -16.00 26.27 17.49
CA VAL D 285 -15.66 27.70 17.37
C VAL D 285 -16.17 28.52 18.57
N ARG D 286 -15.30 29.39 19.07
CA ARG D 286 -15.61 30.26 20.18
C ARG D 286 -14.59 31.39 20.18
N PRO D 287 -15.05 32.61 20.51
CA PRO D 287 -14.14 33.79 20.53
C PRO D 287 -12.75 33.48 21.10
N GLN D 288 -12.70 32.57 22.08
CA GLN D 288 -11.44 32.09 22.64
C GLN D 288 -11.80 30.84 23.40
N ILE D 289 -10.78 30.08 23.77
CA ILE D 289 -10.98 28.83 24.49
C ILE D 289 -11.50 29.19 25.87
N ARG D 290 -12.41 28.36 26.36
CA ARG D 290 -12.80 28.46 27.72
C ARG D 290 -11.97 27.46 28.49
N LEU D 291 -10.86 27.92 29.04
CA LEU D 291 -10.05 27.02 29.90
C LEU D 291 -10.04 27.56 31.34
N GLU D 292 -10.99 27.09 32.16
CA GLU D 292 -11.18 27.70 33.48
C GLU D 292 -11.95 26.87 34.48
N ARG D 293 -11.89 27.33 35.74
CA ARG D 293 -12.61 26.74 36.88
C ARG D 293 -14.01 27.28 37.13
N GLU D 294 -14.79 26.50 37.84
CA GLU D 294 -16.14 26.82 38.16
C GLU D 294 -16.55 25.87 39.28
N GLN D 295 -16.75 26.49 40.46
CA GLN D 295 -17.31 25.85 41.67
C GLN D 295 -18.80 25.58 41.43
N LEU D 296 -19.12 24.32 41.15
CA LEU D 296 -20.41 23.98 40.62
C LEU D 296 -21.33 23.36 41.67
N ARG D 297 -22.10 24.26 42.31
CA ARG D 297 -23.04 23.98 43.44
C ARG D 297 -24.03 22.85 43.18
N THR D 298 -24.07 21.90 44.10
CA THR D 298 -24.83 20.68 43.87
C THR D 298 -24.95 19.95 45.20
N GLY D 299 -26.12 19.35 45.44
CA GLY D 299 -26.38 18.54 46.63
C GLY D 299 -25.71 19.12 47.88
N PRO D 300 -24.85 18.30 48.59
CA PRO D 300 -24.24 18.68 49.90
C PRO D 300 -23.19 19.84 49.81
N SER D 301 -21.90 19.50 49.80
CA SER D 301 -20.89 20.43 49.25
C SER D 301 -21.06 20.38 47.72
N ASN D 302 -20.60 21.42 47.01
CA ASN D 302 -20.43 21.27 45.57
C ASN D 302 -19.20 20.40 45.19
N THR D 303 -19.12 20.08 43.91
CA THR D 303 -17.92 19.44 43.38
C THR D 303 -17.28 20.42 42.38
N GLU D 304 -16.05 20.16 41.96
CA GLU D 304 -15.36 21.15 41.17
C GLU D 304 -15.33 20.86 39.67
N VAL D 305 -15.17 21.91 38.85
CA VAL D 305 -15.19 21.75 37.38
C VAL D 305 -14.14 22.54 36.59
N ILE D 306 -13.30 21.82 35.87
CA ILE D 306 -12.45 22.46 34.85
C ILE D 306 -13.07 22.29 33.45
N HIS D 307 -13.33 23.43 32.80
CA HIS D 307 -13.77 23.46 31.41
C HIS D 307 -12.53 23.65 30.56
N ASN D 308 -12.49 22.94 29.42
CA ASN D 308 -11.41 23.03 28.46
C ASN D 308 -11.97 22.64 27.07
N TYR D 309 -12.84 23.47 26.52
CA TYR D 309 -13.41 23.20 25.24
C TYR D 309 -13.27 24.49 24.49
N GLY D 310 -13.49 24.45 23.19
CA GLY D 310 -13.62 25.66 22.43
C GLY D 310 -12.41 25.93 21.58
N HIS D 311 -11.75 24.84 21.19
CA HIS D 311 -10.45 24.94 20.54
C HIS D 311 -10.49 25.26 19.07
N GLY D 312 -11.68 25.41 18.52
CA GLY D 312 -11.78 25.94 17.18
C GLY D 312 -11.16 24.99 16.20
N GLY D 313 -10.40 25.49 15.25
CA GLY D 313 -9.75 24.62 14.31
C GLY D 313 -8.32 24.50 14.73
N TYR D 314 -8.04 24.55 16.04
CA TYR D 314 -6.64 24.47 16.48
C TYR D 314 -6.29 23.60 17.72
N GLY D 315 -7.20 22.70 18.08
CA GLY D 315 -6.92 21.79 19.15
C GLY D 315 -5.61 21.07 19.08
N LEU D 316 -5.31 20.43 17.95
CA LEU D 316 -4.07 19.72 17.83
C LEU D 316 -2.90 20.65 17.93
N THR D 317 -3.02 21.85 17.39
CA THR D 317 -1.97 22.83 17.50
C THR D 317 -1.67 23.32 18.94
N ILE D 318 -2.65 23.15 19.82
CA ILE D 318 -2.53 23.67 21.16
C ILE D 318 -2.74 22.62 22.28
N HIS D 319 -3.28 21.45 21.99
CA HIS D 319 -3.78 20.65 23.11
C HIS D 319 -2.81 20.69 24.31
N TRP D 320 -1.49 20.71 24.03
CA TRP D 320 -0.52 20.53 25.11
C TRP D 320 -0.55 21.68 26.15
N GLY D 321 -0.24 22.91 25.70
CA GLY D 321 -0.58 24.08 26.49
C GLY D 321 -1.85 23.99 27.33
N CYS D 322 -2.98 23.68 26.72
CA CYS D 322 -4.25 23.62 27.43
C CYS D 322 -4.20 22.63 28.54
N ALA D 323 -3.53 21.51 28.31
CA ALA D 323 -3.50 20.43 29.25
C ALA D 323 -2.49 20.69 30.37
N LEU D 324 -1.45 21.47 30.10
CA LEU D 324 -0.51 21.74 31.16
C LEU D 324 -1.28 22.63 32.07
N GLU D 325 -1.99 23.58 31.46
CA GLU D 325 -2.76 24.59 32.16
C GLU D 325 -3.93 24.00 32.96
N ALA D 326 -4.72 23.14 32.35
CA ALA D 326 -5.70 22.41 33.12
C ALA D 326 -5.08 21.66 34.32
N ALA D 327 -3.82 21.20 34.21
CA ALA D 327 -3.09 20.58 35.38
C ALA D 327 -2.75 21.61 36.49
N LYS D 328 -2.38 22.83 36.07
CA LYS D 328 -2.17 23.92 37.00
C LYS D 328 -3.48 24.08 37.74
N LEU D 329 -4.58 24.25 37.01
CA LEU D 329 -5.85 24.53 37.67
C LEU D 329 -6.19 23.46 38.67
N PHE D 330 -5.70 22.27 38.39
CA PHE D 330 -5.91 21.13 39.28
C PHE D 330 -5.08 21.21 40.59
N GLY D 331 -3.83 21.67 40.46
CA GLY D 331 -2.93 21.90 41.58
C GLY D 331 -3.54 22.85 42.58
N ARG D 332 -4.10 23.92 42.02
CA ARG D 332 -4.68 24.99 42.81
C ARG D 332 -6.00 24.64 43.49
N ILE D 333 -6.74 23.67 42.94
CA ILE D 333 -7.83 23.02 43.70
C ILE D 333 -7.31 22.28 44.92
N LEU D 334 -6.14 21.66 44.77
CA LEU D 334 -5.57 20.85 45.84
C LEU D 334 -5.16 21.63 47.11
N GLU D 335 -4.24 22.58 46.93
CA GLU D 335 -3.91 23.59 47.93
C GLU D 335 -5.10 24.51 48.41
N GLU D 336 -6.33 24.03 48.26
CA GLU D 336 -7.53 24.67 48.78
C GLU D 336 -8.32 23.61 49.56
N LYS D 337 -8.30 22.37 49.06
CA LYS D 337 -8.73 21.18 49.83
C LYS D 337 -7.67 20.74 50.87
N LYS D 338 -6.55 21.47 50.89
CA LYS D 338 -5.35 21.17 51.70
C LYS D 338 -4.92 19.64 51.62
N LEU D 339 -4.53 19.24 50.39
CA LEU D 339 -3.99 17.90 50.00
C LEU D 339 -2.71 17.96 49.09
N SER D 340 -1.74 18.82 49.45
CA SER D 340 -0.35 18.89 48.88
C SER D 340 0.61 19.61 49.87
PA FAD E . 17.33 -18.96 -13.55
O1A FAD E . 16.66 -18.26 -12.44
O2A FAD E . 17.19 -18.18 -14.82
O5B FAD E . 18.86 -19.28 -13.12
C5B FAD E . 19.95 -19.15 -14.02
C4B FAD E . 21.04 -18.51 -13.18
O4B FAD E . 22.33 -18.80 -13.70
C3B FAD E . 21.03 -17.02 -13.14
O3B FAD E . 21.65 -16.72 -11.90
C2B FAD E . 22.08 -16.58 -14.12
O2B FAD E . 22.60 -15.35 -13.69
C1B FAD E . 23.11 -17.62 -13.94
N9A FAD E . 23.98 -18.03 -15.06
C8A FAD E . 23.65 -18.74 -16.19
N7A FAD E . 24.69 -19.01 -16.91
C5A FAD E . 25.77 -18.46 -16.26
C6A FAD E . 27.15 -18.41 -16.53
N6A FAD E . 27.82 -18.97 -17.62
N1A FAD E . 27.93 -17.80 -15.67
C2A FAD E . 27.34 -17.26 -14.58
N3A FAD E . 26.06 -17.23 -14.20
C4A FAD E . 25.33 -17.86 -15.11
N1 FAD E . 7.63 -21.98 -12.58
C2 FAD E . 6.75 -22.47 -11.66
O2 FAD E . 6.89 -23.53 -11.04
N3 FAD E . 5.68 -21.69 -11.45
C4 FAD E . 5.31 -20.56 -12.07
O4 FAD E . 4.28 -19.91 -11.84
C4X FAD E . 6.22 -20.11 -13.07
N5 FAD E . 5.82 -18.99 -13.70
C5X FAD E . 6.69 -18.60 -14.65
C6 FAD E . 6.39 -17.44 -15.36
C7 FAD E . 7.24 -16.94 -16.33
C7M FAD E . 6.95 -15.70 -17.08
C8 FAD E . 8.40 -17.63 -16.58
C8M FAD E . 9.33 -17.13 -17.61
C9 FAD E . 8.71 -18.77 -15.88
C9A FAD E . 7.88 -19.29 -14.91
N10 FAD E . 8.21 -20.41 -14.23
C10 FAD E . 7.37 -20.84 -13.30
C1' FAD E . 9.40 -21.22 -14.45
C2' FAD E . 10.63 -20.72 -13.67
O2' FAD E . 10.80 -19.32 -13.81
C3' FAD E . 11.95 -21.26 -14.22
O3' FAD E . 11.84 -22.65 -14.32
C4' FAD E . 13.10 -21.16 -13.24
O4' FAD E . 13.38 -19.80 -12.83
C5' FAD E . 14.37 -21.76 -13.79
O5' FAD E . 15.24 -21.87 -12.68
P FAD E . 16.83 -21.78 -12.89
O1P FAD E . 17.55 -21.59 -11.56
O2P FAD E . 17.18 -22.92 -13.80
O3P FAD E . 16.93 -20.47 -13.82
C4 2LD F . -0.26 -21.95 -16.36
C5 2LD F . 0.47 -23.35 -14.56
C6 2LD F . 0.23 -22.09 -15.08
C7 2LD F . 3.03 -19.71 -15.50
C8 2LD F . 3.99 -21.75 -14.71
C10 2LD F . 3.96 -19.52 -16.43
C13 2LD F . 1.91 -20.92 -13.63
C1 2LD F . -0.35 -24.28 -16.60
C2 2LD F . -0.56 -23.03 -17.15
C3 2LD F . 0.17 -24.44 -15.32
C9 2LD F . 3.01 -20.83 -14.62
C11 2LD F . 5.06 -20.53 -16.51
C12 2LD F . 0.54 -20.86 -14.27
N14 2LD F . 4.99 -21.59 -15.63
O15 2LD F . 5.96 -20.37 -17.34
O16 2LD F . 3.97 -18.42 -17.26
PA FAD G . -26.66 -0.36 11.13
O1A FAD G . -25.63 -0.51 10.05
O2A FAD G . -26.17 -0.15 12.55
O5B FAD G . -27.65 0.87 10.77
C5B FAD G . -28.43 1.51 11.74
C4B FAD G . -28.63 2.94 11.25
O4B FAD G . -29.84 3.46 11.80
C3B FAD G . -27.57 3.94 11.61
O3B FAD G . -27.54 4.90 10.56
C2B FAD G . -28.08 4.67 12.82
O2B FAD G . -27.52 5.97 12.83
C1B FAD G . -29.52 4.73 12.42
N9A FAD G . -30.49 5.04 13.47
C8A FAD G . -30.95 4.25 14.48
N7A FAD G . -31.87 4.88 15.21
C5A FAD G . -32.04 6.10 14.63
C6A FAD G . -32.86 7.18 14.93
N6A FAD G . -33.73 7.15 15.98
N1A FAD G . -32.79 8.29 14.16
C2A FAD G . -31.92 8.25 13.13
N3A FAD G . -31.08 7.26 12.74
C4A FAD G . -31.19 6.21 13.54
N1 FAD G . -22.92 -9.63 8.61
C2 FAD G . -22.61 -10.41 7.51
O2 FAD G . -23.49 -10.73 6.73
N3 FAD G . -21.30 -10.80 7.33
C4 FAD G . -20.27 -10.52 8.22
O4 FAD G . -19.08 -10.87 8.11
C4X FAD G . -20.66 -9.74 9.40
N5 FAD G . -19.69 -9.47 10.29
C5X FAD G . -20.00 -8.76 11.35
C6 FAD G . -18.98 -8.53 12.26
C7 FAD G . -19.22 -7.79 13.40
C7M FAD G . -18.10 -7.52 14.34
C8 FAD G . -20.53 -7.30 13.58
C8M FAD G . -20.90 -6.48 14.75
C9 FAD G . -21.55 -7.57 12.68
C9A FAD G . -21.29 -8.30 11.55
N10 FAD G . -22.26 -8.59 10.64
C10 FAD G . -21.96 -9.32 9.56
C1' FAD G . -23.68 -8.21 10.68
C2' FAD G . -23.96 -6.80 10.09
O2' FAD G . -22.90 -5.93 10.37
C3' FAD G . -25.22 -6.15 10.66
O3' FAD G . -26.30 -7.05 10.46
C4' FAD G . -25.77 -5.00 9.79
O4' FAD G . -24.76 -4.02 9.47
C5' FAD G . -27.03 -4.32 10.40
O5' FAD G . -27.62 -3.45 9.43
P FAD G . -28.52 -2.18 9.80
O1P FAD G . -28.73 -1.20 8.68
O2P FAD G . -29.63 -2.98 10.36
O3P FAD G . -27.76 -1.49 11.01
C4 2LD H . -18.45 -16.62 11.39
C5 2LD H . -19.94 -16.27 9.53
C6 2LD H . -18.79 -15.97 10.23
C7 2LD H . -18.66 -12.61 11.46
C8 2LD H . -20.73 -12.70 10.26
C10 2LD H . -19.20 -11.92 12.46
C13 2LD H . -18.76 -13.77 9.22
C1 2LD H . -20.45 -17.90 11.16
C2 2LD H . -19.30 -17.59 11.87
C3 2LD H . -20.79 -17.25 9.99
C9 2LD H . -19.43 -13.01 10.33
C11 2LD H . -20.66 -11.59 12.39
C12 2LD H . -17.88 -14.91 9.73
N14 2LD H . -21.33 -12.00 11.26
O15 2LD H . -21.19 -10.96 13.29
O16 2LD H . -18.46 -11.52 13.53
PA FAD I . 23.02 3.18 -17.54
O1A FAD I . 21.85 3.87 -16.88
O2A FAD I . 23.76 2.11 -16.75
O5B FAD I . 22.51 2.41 -18.87
C5B FAD I . 23.55 1.86 -19.68
C4B FAD I . 22.92 1.26 -20.91
O4B FAD I . 23.89 1.00 -21.93
C3B FAD I . 22.31 -0.04 -20.51
O3B FAD I . 21.06 -0.19 -21.20
C2B FAD I . 23.23 -1.09 -21.04
O2B FAD I . 22.42 -2.23 -21.26
C1B FAD I . 23.77 -0.40 -22.30
N9A FAD I . 25.02 -1.01 -22.81
C8A FAD I . 26.30 -0.89 -22.33
N7A FAD I . 27.16 -1.58 -23.09
C5A FAD I . 26.40 -2.19 -24.08
C6A FAD I . 26.70 -3.04 -25.15
N6A FAD I . 27.98 -3.53 -25.46
N1A FAD I . 25.68 -3.43 -25.95
C2A FAD I . 24.47 -2.96 -25.66
N3A FAD I . 24.07 -2.17 -24.65
C4A FAD I . 25.09 -1.81 -23.89
N1 FAD I . 22.08 10.05 -10.21
C2 FAD I . 21.32 11.13 -10.01
O2 FAD I . 21.34 12.00 -10.87
N3 FAD I . 20.57 11.21 -8.85
C4 FAD I . 20.56 10.28 -7.90
O4 FAD I . 19.87 10.35 -6.91
C4X FAD I . 21.42 9.14 -8.13
N5 FAD I . 21.43 8.18 -7.19
C5X FAD I . 22.24 7.15 -7.48
C6 FAD I . 22.33 6.13 -6.58
C7 FAD I . 23.16 5.06 -6.86
C7M FAD I . 23.26 3.95 -5.86
C8 FAD I . 23.90 5.02 -8.04
C8M FAD I . 24.78 3.87 -8.42
C9 FAD I . 23.80 6.05 -8.94
C9A FAD I . 22.97 7.09 -8.65
N10 FAD I . 22.89 8.05 -9.55
C10 FAD I . 22.13 9.08 -9.29
C1' FAD I . 23.64 8.07 -10.84
C2' FAD I . 22.86 7.60 -12.07
O2' FAD I . 22.15 6.42 -11.76
C3' FAD I . 23.72 7.33 -13.31
O3' FAD I . 24.54 8.46 -13.61
C4' FAD I . 22.92 7.20 -14.61
O4' FAD I . 21.98 6.14 -14.42
C5' FAD I . 23.75 6.88 -15.84
O5' FAD I . 22.88 6.31 -16.84
P FAD I . 23.45 5.90 -18.29
O1P FAD I . 22.45 5.77 -19.40
O2P FAD I . 24.57 6.84 -18.36
O3P FAD I . 23.94 4.38 -18.14
C4 2LD J . 24.45 12.69 -2.19
C5 2LD J . 23.23 14.05 -3.75
C6 2LD J . 23.32 12.93 -2.93
C7 2LD J . 23.10 9.55 -4.38
C8 2LD J . 23.04 11.08 -6.22
C10 2LD J . 23.95 8.73 -4.97
C13 2LD J . 21.65 11.58 -4.23
C1 2LD J . 25.43 14.66 -3.02
C2 2LD J . 25.54 13.55 -2.21
C3 2LD J . 24.29 14.91 -3.80
C9 2LD J . 22.61 10.75 -4.99
C11 2LD J . 24.41 9.07 -6.35
C12 2LD J . 22.17 11.96 -2.85
N14 2LD J . 23.91 10.25 -6.87
O15 2LD J . 25.19 8.33 -6.94
O16 2LD J . 24.39 7.56 -4.38
PA FAD K . -13.52 16.01 20.16
O1A FAD K . -12.46 15.19 19.48
O2A FAD K . -14.82 16.13 19.45
O5B FAD K . -13.83 15.69 21.71
C5B FAD K . -15.17 15.31 21.93
C4B FAD K . -15.36 14.16 22.89
O4B FAD K . -16.22 14.56 23.97
C3B FAD K . -16.06 12.99 22.21
O3B FAD K . -15.67 11.79 22.84
C2B FAD K . -17.49 13.15 22.57
O2B FAD K . -18.13 11.89 22.56
C1B FAD K . -17.31 13.62 23.98
N9A FAD K . -18.51 14.24 24.54
C8A FAD K . -19.03 15.48 24.32
N7A FAD K . -20.11 15.60 25.07
C5A FAD K . -20.26 14.43 25.80
C6A FAD K . -21.17 13.97 26.75
N6A FAD K . -22.26 14.68 27.24
N1A FAD K . -20.98 12.75 27.24
C2A FAD K . -19.94 12.04 26.83
N3A FAD K . -19.00 12.35 25.93
C4A FAD K . -19.24 13.57 25.46
N1 FAD K . -6.53 21.15 14.30
C2 FAD K . -5.17 21.28 14.18
O2 FAD K . -4.46 21.69 15.10
N3 FAD K . -4.63 20.88 12.97
C4 FAD K . -5.34 20.50 11.88
O4 FAD K . -4.80 20.21 10.80
C4X FAD K . -6.82 20.44 12.02
N5 FAD K . -7.53 20.04 10.94
C5X FAD K . -8.84 20.00 11.14
C6 FAD K . -9.67 19.66 10.09
C7 FAD K . -11.04 19.60 10.26
C7M FAD K . -11.95 19.21 9.16
C8 FAD K . -11.55 19.89 11.50
C8M FAD K . -12.98 19.86 11.83
C9 FAD K . -10.75 20.25 12.55
C9A FAD K . -9.40 20.30 12.37
N10 FAD K . -8.66 20.66 13.42
C10 FAD K . -7.35 20.76 13.24
C1' FAD K . -9.25 21.06 14.73
C2' FAD K . -9.33 19.95 15.78
O2' FAD K . -9.82 18.81 15.09
C3' FAD K . -10.29 20.18 17.02
O3' FAD K . -10.00 21.41 17.67
C4' FAD K . -10.12 19.17 18.16
O4' FAD K . -10.04 17.86 17.62
C5' FAD K . -11.21 19.15 19.21
O5' FAD K . -10.75 18.86 20.56
P FAD K . -11.81 18.00 21.42
O1P FAD K . -11.14 16.83 22.13
O2P FAD K . -12.78 18.93 22.10
O3P FAD K . -12.85 17.44 20.34
C4 2LD L . -5.48 25.85 7.27
C5 2LD L . -4.12 25.77 9.26
C6 2LD L . -4.74 25.13 8.19
C7 2LD L . -7.33 22.58 8.86
C8 2LD L . -6.70 23.47 10.98
C10 2LD L . -8.63 22.61 9.12
C13 2LD L . -4.91 22.91 9.36
C1 2LD L . -4.98 27.84 8.40
C2 2LD L . -5.62 27.21 7.36
C3 2LD L . -4.23 27.13 9.35
C9 2LD L . -6.33 23.01 9.79
C11 2LD L . -9.05 23.10 10.46
C12 2LD L . -4.64 23.64 8.05
N14 2LD L . -8.03 23.52 11.30
O15 2LD L . -10.23 23.12 10.76
O16 2LD L . -9.58 22.18 8.22
#